data_5IJV
#
_entry.id   5IJV
#
_cell.length_a   62.244
_cell.length_b   221.737
_cell.length_c   67.947
_cell.angle_alpha   90.00
_cell.angle_beta   104.81
_cell.angle_gamma   90.00
#
_symmetry.space_group_name_H-M   'P 1 21 1'
#
loop_
_entity.id
_entity.type
_entity.pdbx_description
1 polymer 'bovine Fab E03 light chain'
2 polymer 'bovine Fab E03 heavy chain'
3 water water
#
loop_
_entity_poly.entity_id
_entity_poly.type
_entity_poly.pdbx_seq_one_letter_code
_entity_poly.pdbx_strand_id
1 'polypeptide(L)'
;QAVLNQPSSVSGSLGQRVSITCSGSSSNVGNGYVSWYQLIPGSAPRTLIYGDTSRASGVPDRFSGSRSGNTATLTISSLQ
AEDEADYFCASAEDSSSNAVFGSGTTLTVLGQPKSPPSVTLFPPSTEELNGNKATLVCLISDFYPGSVTVVWKADGSTIT
RNVETTRASKQSNSKYAASSYLSLTSSDWKSKGSYSCEVTHEGSTVTKTVKPSECS
;
L,A,C,E
2 'polypeptide(L)'
;QVQLRESGPSLVKPSQTLSLTCTASGFSLSDKAVGWVRQAPGKALEWLGNIDTGGITGYNPGLKSRLSITKDNSKNQVSL
SVSSATAEDSATYYCTTVHQKTLEVRSCPDGSRLIGNDCRNEDGDDVNYITTFDYEWYVDAWGQGLLVTVSSASTTAPKV
YPLSSCCGDKSSSTVTLGCLVSSYMPEPVTVTWNSGALKSGVHTFPAVLQSSGLYSLSSMVTVPGSTSGQTFTCNVAHPA
SSTKVDKAVEPKSC
;
H,B,D,F
#
# COMPACT_ATOMS: atom_id res chain seq x y z
N VAL A 3 -18.27 -61.93 -6.16
CA VAL A 3 -17.15 -61.70 -5.25
C VAL A 3 -16.30 -62.95 -5.16
N LEU A 4 -14.99 -62.78 -5.20
CA LEU A 4 -14.07 -63.89 -5.06
C LEU A 4 -13.97 -64.31 -3.60
N ASN A 5 -13.81 -65.61 -3.38
CA ASN A 5 -13.89 -66.19 -2.05
C ASN A 5 -12.51 -66.18 -1.39
N GLN A 6 -12.39 -65.45 -0.28
CA GLN A 6 -11.20 -65.45 0.55
C GLN A 6 -11.58 -65.83 1.98
N PRO A 7 -10.63 -66.38 2.75
CA PRO A 7 -10.88 -66.57 4.19
C PRO A 7 -10.95 -65.21 4.89
N SER A 8 -11.96 -65.04 5.74
CA SER A 8 -12.13 -63.76 6.41
C SER A 8 -10.87 -63.39 7.18
N SER A 9 -10.23 -64.36 7.81
CA SER A 9 -9.09 -64.11 8.68
C SER A 9 -8.06 -65.22 8.52
N VAL A 10 -6.79 -64.84 8.68
CA VAL A 10 -5.68 -65.78 8.62
C VAL A 10 -4.59 -65.27 9.55
N SER A 11 -3.81 -66.19 10.10
CA SER A 11 -2.80 -65.82 11.09
C SER A 11 -1.54 -66.65 10.91
N GLY A 12 -0.40 -66.00 11.17
CA GLY A 12 0.88 -66.67 11.19
C GLY A 12 1.76 -66.06 12.28
N SER A 13 2.86 -66.75 12.57
CA SER A 13 3.79 -66.32 13.60
C SER A 13 4.97 -65.57 12.99
N LEU A 14 5.56 -64.69 13.81
CA LEU A 14 6.65 -63.84 13.36
C LEU A 14 7.77 -64.67 12.74
N GLY A 15 8.21 -64.27 11.55
CA GLY A 15 9.29 -64.94 10.85
C GLY A 15 8.91 -66.22 10.15
N GLN A 16 7.63 -66.60 10.15
CA GLN A 16 7.16 -67.81 9.52
C GLN A 16 6.36 -67.47 8.25
N ARG A 17 5.70 -68.48 7.70
CA ARG A 17 5.08 -68.41 6.38
C ARG A 17 3.57 -68.58 6.50
N VAL A 18 2.82 -67.80 5.72
CA VAL A 18 1.38 -67.87 5.70
C VAL A 18 0.91 -67.82 4.25
N SER A 19 -0.27 -68.36 4.00
CA SER A 19 -0.88 -68.33 2.67
C SER A 19 -2.35 -67.91 2.75
N ILE A 20 -2.75 -67.10 1.78
CA ILE A 20 -4.11 -66.59 1.65
C ILE A 20 -4.63 -67.04 0.28
N THR A 21 -5.77 -67.70 0.25
CA THR A 21 -6.32 -68.20 -1.00
C THR A 21 -7.42 -67.29 -1.53
N CYS A 22 -7.75 -67.51 -2.80
CA CYS A 22 -8.69 -66.66 -3.55
C CYS A 22 -9.35 -67.55 -4.59
N SER A 23 -10.58 -67.97 -4.30
CA SER A 23 -11.29 -68.93 -5.12
C SER A 23 -12.37 -68.24 -5.94
N GLY A 24 -12.41 -68.53 -7.24
CA GLY A 24 -13.41 -67.99 -8.13
C GLY A 24 -13.90 -69.03 -9.11
N SER A 25 -14.13 -68.63 -10.37
CA SER A 25 -14.66 -69.53 -11.38
C SER A 25 -13.83 -69.40 -12.65
N SER A 26 -14.25 -70.14 -13.68
CA SER A 26 -13.56 -70.11 -14.96
C SER A 26 -13.54 -68.72 -15.56
N SER A 27 -14.55 -67.90 -15.26
CA SER A 27 -14.72 -66.61 -15.94
C SER A 27 -13.97 -65.48 -15.26
N ASN A 28 -13.36 -65.71 -14.09
CA ASN A 28 -12.52 -64.69 -13.49
C ASN A 28 -11.15 -65.26 -13.12
N VAL A 29 -11.02 -65.90 -11.96
CA VAL A 29 -9.72 -66.44 -11.56
C VAL A 29 -9.22 -67.43 -12.60
N GLY A 30 -10.10 -68.31 -13.08
CA GLY A 30 -9.71 -69.28 -14.10
C GLY A 30 -9.20 -68.64 -15.38
N ASN A 31 -9.59 -67.39 -15.65
CA ASN A 31 -9.11 -66.70 -16.84
C ASN A 31 -7.62 -66.36 -16.75
N GLY A 32 -7.04 -66.39 -15.55
CA GLY A 32 -5.60 -66.41 -15.40
C GLY A 32 -4.88 -65.08 -15.28
N TYR A 33 -5.43 -64.11 -14.54
CA TYR A 33 -4.71 -62.83 -14.37
C TYR A 33 -5.23 -62.21 -13.06
N VAL A 34 -4.70 -62.74 -11.95
CA VAL A 34 -5.14 -62.37 -10.62
C VAL A 34 -4.18 -61.34 -10.02
N SER A 35 -4.75 -60.41 -9.26
CA SER A 35 -3.95 -59.38 -8.62
C SER A 35 -4.20 -59.40 -7.11
N TRP A 36 -3.23 -58.87 -6.36
CA TRP A 36 -3.31 -58.81 -4.91
C TRP A 36 -2.89 -57.44 -4.38
N TYR A 37 -3.65 -56.98 -3.39
CA TYR A 37 -3.55 -55.64 -2.83
C TYR A 37 -3.48 -55.72 -1.31
N GLN A 38 -2.73 -54.77 -0.74
CA GLN A 38 -2.49 -54.69 0.71
C GLN A 38 -3.06 -53.39 1.24
N LEU A 39 -3.83 -53.48 2.32
CA LEU A 39 -4.48 -52.33 2.95
C LEU A 39 -4.02 -52.23 4.39
N ILE A 40 -3.31 -51.14 4.69
CA ILE A 40 -2.88 -50.78 6.05
C ILE A 40 -3.67 -49.53 6.46
N PRO A 41 -4.07 -49.39 7.72
CA PRO A 41 -4.79 -48.18 8.13
C PRO A 41 -3.96 -46.91 7.93
N GLY A 42 -4.64 -45.84 7.58
CA GLY A 42 -3.99 -44.56 7.34
C GLY A 42 -3.22 -44.47 6.03
N SER A 43 -3.31 -45.49 5.18
CA SER A 43 -2.62 -45.50 3.90
C SER A 43 -3.58 -45.95 2.81
N ALA A 44 -3.29 -45.54 1.58
CA ALA A 44 -4.05 -45.99 0.45
C ALA A 44 -3.73 -47.46 0.15
N PRO A 45 -4.62 -48.15 -0.56
CA PRO A 45 -4.32 -49.54 -0.94
C PRO A 45 -3.01 -49.61 -1.70
N ARG A 46 -2.32 -50.74 -1.57
CA ARG A 46 -1.02 -50.95 -2.17
C ARG A 46 -1.10 -52.18 -3.05
N THR A 47 -0.73 -52.02 -4.32
CA THR A 47 -0.74 -53.15 -5.24
C THR A 47 0.48 -54.02 -4.98
N LEU A 48 0.24 -55.29 -4.68
CA LEU A 48 1.32 -56.24 -4.42
C LEU A 48 1.61 -57.14 -5.60
N ILE A 49 0.60 -57.80 -6.16
CA ILE A 49 0.81 -58.78 -7.21
C ILE A 49 -0.11 -58.49 -8.38
N TYR A 50 0.39 -58.73 -9.59
CA TYR A 50 -0.44 -58.73 -10.78
C TYR A 50 -0.03 -59.89 -11.66
N GLY A 51 -0.93 -60.26 -12.57
CA GLY A 51 -0.66 -61.37 -13.47
C GLY A 51 -0.33 -62.66 -12.76
N ASP A 52 -1.07 -62.98 -11.70
CA ASP A 52 -0.87 -64.18 -10.89
C ASP A 52 0.40 -64.14 -10.05
N THR A 53 1.55 -63.85 -10.67
CA THR A 53 2.85 -64.08 -10.03
C THR A 53 3.78 -62.88 -10.00
N SER A 54 3.50 -61.80 -10.73
CA SER A 54 4.46 -60.71 -10.85
C SER A 54 4.34 -59.76 -9.65
N ARG A 55 5.49 -59.32 -9.16
CA ARG A 55 5.54 -58.38 -8.05
C ARG A 55 5.60 -56.95 -8.56
N ALA A 56 4.79 -56.09 -7.99
CA ALA A 56 4.82 -54.67 -8.33
C ALA A 56 6.09 -54.03 -7.79
N SER A 57 6.33 -52.78 -8.21
CA SER A 57 7.53 -52.07 -7.80
C SER A 57 7.56 -51.92 -6.28
N GLY A 58 8.74 -52.12 -5.70
CA GLY A 58 8.95 -51.92 -4.28
C GLY A 58 8.41 -53.00 -3.38
N VAL A 59 8.00 -54.14 -3.93
CA VAL A 59 7.40 -55.23 -3.15
C VAL A 59 8.49 -56.26 -2.86
N PRO A 60 8.71 -56.64 -1.60
CA PRO A 60 9.79 -57.59 -1.31
C PRO A 60 9.54 -58.97 -1.88
N ASP A 61 10.63 -59.69 -2.13
CA ASP A 61 10.54 -61.03 -2.71
C ASP A 61 9.76 -61.99 -1.83
N ARG A 62 9.63 -61.72 -0.53
CA ARG A 62 8.93 -62.64 0.36
C ARG A 62 7.42 -62.66 0.15
N PHE A 63 6.89 -61.74 -0.66
CA PHE A 63 5.52 -61.86 -1.17
C PHE A 63 5.59 -62.59 -2.50
N SER A 64 4.84 -63.68 -2.63
CA SER A 64 4.81 -64.43 -3.88
C SER A 64 3.39 -64.87 -4.18
N GLY A 65 3.06 -64.94 -5.46
CA GLY A 65 1.74 -65.39 -5.87
C GLY A 65 1.78 -66.58 -6.79
N SER A 66 0.71 -67.36 -6.82
CA SER A 66 0.59 -68.44 -7.79
C SER A 66 -0.89 -68.73 -8.00
N ARG A 67 -1.16 -69.62 -8.96
CA ARG A 67 -2.53 -69.97 -9.33
C ARG A 67 -2.58 -71.40 -9.83
N SER A 68 -3.59 -72.13 -9.39
CA SER A 68 -3.92 -73.46 -9.90
C SER A 68 -5.40 -73.47 -10.24
N GLY A 69 -5.71 -73.58 -11.52
CA GLY A 69 -7.09 -73.54 -11.97
C GLY A 69 -7.81 -72.33 -11.43
N ASN A 70 -8.89 -72.57 -10.69
CA ASN A 70 -9.76 -71.51 -10.22
C ASN A 70 -9.38 -71.01 -8.82
N THR A 71 -8.21 -71.36 -8.30
CA THR A 71 -7.77 -70.87 -7.00
C THR A 71 -6.39 -70.22 -7.11
N ALA A 72 -6.28 -68.99 -6.63
CA ALA A 72 -5.01 -68.29 -6.55
C ALA A 72 -4.55 -68.25 -5.10
N THR A 73 -3.24 -68.04 -4.91
CA THR A 73 -2.63 -68.06 -3.57
C THR A 73 -1.55 -66.99 -3.44
N LEU A 74 -1.70 -66.15 -2.42
CA LEU A 74 -0.67 -65.23 -1.98
C LEU A 74 0.06 -65.83 -0.78
N THR A 75 1.35 -66.03 -0.90
CA THR A 75 2.16 -66.60 0.15
C THR A 75 3.13 -65.53 0.63
N ILE A 76 3.18 -65.34 1.95
CA ILE A 76 4.11 -64.40 2.57
C ILE A 76 5.04 -65.21 3.46
N SER A 77 6.32 -65.19 3.15
CA SER A 77 7.32 -65.85 3.98
C SER A 77 8.05 -64.82 4.83
N SER A 78 8.59 -65.29 5.96
CA SER A 78 9.37 -64.45 6.88
C SER A 78 8.53 -63.27 7.37
N LEU A 79 7.36 -63.60 7.95
CA LEU A 79 6.40 -62.58 8.36
C LEU A 79 7.05 -61.54 9.26
N GLN A 80 6.65 -60.28 9.06
CA GLN A 80 7.03 -59.18 9.92
C GLN A 80 5.77 -58.54 10.49
N ALA A 81 5.94 -57.76 11.55
CA ALA A 81 4.79 -57.12 12.16
C ALA A 81 4.06 -56.20 11.19
N GLU A 82 4.81 -55.47 10.37
CA GLU A 82 4.22 -54.53 9.42
C GLU A 82 3.36 -55.21 8.35
N ASP A 83 3.38 -56.54 8.27
CA ASP A 83 2.54 -57.26 7.32
C ASP A 83 1.10 -57.44 7.81
N GLU A 84 0.84 -57.23 9.10
CA GLU A 84 -0.53 -57.26 9.60
C GLU A 84 -1.38 -56.30 8.81
N ALA A 85 -2.44 -56.80 8.18
CA ALA A 85 -3.15 -55.95 7.23
C ALA A 85 -4.31 -56.67 6.57
N ASP A 86 -5.09 -55.96 5.74
CA ASP A 86 -6.14 -56.61 4.95
C ASP A 86 -5.65 -56.83 3.54
N TYR A 87 -5.78 -58.07 3.05
CA TYR A 87 -5.31 -58.45 1.73
C TYR A 87 -6.51 -58.81 0.87
N PHE A 88 -6.53 -58.26 -0.35
CA PHE A 88 -7.62 -58.48 -1.29
C PHE A 88 -7.08 -59.00 -2.60
N CYS A 89 -7.76 -59.96 -3.19
CA CYS A 89 -7.47 -60.37 -4.56
C CYS A 89 -8.47 -59.73 -5.51
N ALA A 90 -8.16 -59.78 -6.80
CA ALA A 90 -9.06 -59.22 -7.81
C ALA A 90 -8.77 -59.89 -9.14
N SER A 91 -9.75 -59.81 -10.04
CA SER A 91 -9.61 -60.37 -11.38
C SER A 91 -10.60 -59.69 -12.32
N ALA A 92 -10.27 -59.70 -13.61
CA ALA A 92 -11.24 -59.32 -14.63
C ALA A 92 -12.35 -60.38 -14.70
N GLU A 93 -13.46 -60.00 -15.32
CA GLU A 93 -14.66 -60.85 -15.40
C GLU A 93 -15.34 -60.62 -16.74
N ASP A 94 -15.13 -61.54 -17.69
CA ASP A 94 -15.85 -61.55 -18.97
C ASP A 94 -15.44 -60.41 -19.90
N SER A 95 -14.66 -59.46 -19.41
CA SER A 95 -14.05 -58.44 -20.24
C SER A 95 -12.97 -57.74 -19.41
N SER A 96 -12.01 -57.13 -20.11
CA SER A 96 -10.98 -56.40 -19.39
C SER A 96 -11.50 -55.15 -18.71
N SER A 97 -12.74 -54.74 -18.99
CA SER A 97 -13.34 -53.57 -18.37
C SER A 97 -14.12 -53.89 -17.11
N ASN A 98 -14.47 -55.16 -16.90
CA ASN A 98 -15.31 -55.58 -15.78
C ASN A 98 -14.44 -56.28 -14.74
N ALA A 99 -14.56 -55.86 -13.48
CA ALA A 99 -13.65 -56.31 -12.44
C ALA A 99 -14.41 -56.85 -11.24
N VAL A 100 -13.75 -57.77 -10.52
CA VAL A 100 -14.28 -58.41 -9.33
C VAL A 100 -13.19 -58.42 -8.26
N PHE A 101 -13.56 -58.02 -7.05
CA PHE A 101 -12.67 -58.07 -5.89
C PHE A 101 -13.03 -59.25 -5.00
N GLY A 102 -12.06 -59.69 -4.19
CA GLY A 102 -12.33 -60.70 -3.21
C GLY A 102 -12.91 -60.13 -1.92
N SER A 103 -13.38 -61.04 -1.06
CA SER A 103 -14.00 -60.65 0.21
C SER A 103 -13.01 -60.11 1.23
N GLY A 104 -11.72 -60.30 1.03
CA GLY A 104 -10.71 -59.74 1.94
C GLY A 104 -10.30 -60.73 3.02
N THR A 105 -9.04 -60.63 3.43
CA THR A 105 -8.50 -61.45 4.50
C THR A 105 -7.68 -60.58 5.44
N THR A 106 -8.03 -60.60 6.73
CA THR A 106 -7.25 -59.90 7.74
C THR A 106 -6.12 -60.81 8.24
N LEU A 107 -4.89 -60.35 8.07
CA LEU A 107 -3.70 -61.06 8.50
C LEU A 107 -3.23 -60.50 9.83
N THR A 108 -3.24 -61.36 10.85
CA THR A 108 -2.65 -61.12 12.17
C THR A 108 -1.33 -61.83 12.28
N VAL A 109 -0.34 -61.15 12.88
CA VAL A 109 0.99 -61.71 13.07
C VAL A 109 1.17 -61.99 14.55
N LEU A 110 1.33 -63.26 14.90
CA LEU A 110 1.43 -63.69 16.28
C LEU A 110 2.87 -63.61 16.77
N GLY A 111 3.02 -63.51 18.09
CA GLY A 111 4.34 -63.55 18.69
C GLY A 111 5.12 -62.27 18.66
N GLN A 112 4.47 -61.13 18.49
CA GLN A 112 5.19 -59.86 18.48
C GLN A 112 5.71 -59.54 19.87
N PRO A 113 6.92 -59.00 20.00
CA PRO A 113 7.44 -58.66 21.33
C PRO A 113 6.69 -57.49 21.95
N LYS A 114 6.77 -57.44 23.28
CA LYS A 114 6.22 -56.31 24.01
C LYS A 114 6.97 -55.03 23.66
N SER A 115 6.25 -53.92 23.58
CA SER A 115 6.88 -52.64 23.27
C SER A 115 6.29 -51.55 24.16
N PRO A 116 7.11 -50.83 24.93
CA PRO A 116 6.58 -49.81 25.84
C PRO A 116 6.18 -48.56 25.09
N PRO A 117 5.30 -47.74 25.65
CA PRO A 117 4.84 -46.54 24.96
C PRO A 117 5.85 -45.40 25.05
N SER A 118 5.97 -44.67 23.96
CA SER A 118 6.64 -43.37 23.95
C SER A 118 5.58 -42.32 24.24
N VAL A 119 5.85 -41.45 25.20
CA VAL A 119 4.87 -40.48 25.71
C VAL A 119 5.45 -39.09 25.62
N THR A 120 4.67 -38.15 25.08
CA THR A 120 5.03 -36.75 25.05
C THR A 120 3.88 -35.94 25.62
N LEU A 121 4.20 -35.03 26.54
CA LEU A 121 3.20 -34.14 27.12
C LEU A 121 3.49 -32.73 26.65
N PHE A 122 2.50 -32.11 26.01
CA PHE A 122 2.57 -30.76 25.50
C PHE A 122 1.71 -29.84 26.35
N PRO A 123 2.26 -28.69 26.77
CA PRO A 123 1.46 -27.69 27.47
C PRO A 123 0.61 -26.89 26.50
N PRO A 124 -0.33 -26.09 26.99
CA PRO A 124 -1.07 -25.19 26.10
C PRO A 124 -0.16 -24.13 25.51
N SER A 125 -0.46 -23.76 24.28
CA SER A 125 0.28 -22.70 23.61
C SER A 125 -0.14 -21.34 24.17
N THR A 126 0.74 -20.35 23.99
CA THR A 126 0.39 -18.98 24.37
C THR A 126 -0.85 -18.52 23.62
N GLU A 127 -0.95 -18.87 22.33
CA GLU A 127 -2.07 -18.42 21.51
C GLU A 127 -3.40 -18.91 22.06
N GLU A 128 -3.48 -20.19 22.42
CA GLU A 128 -4.72 -20.70 23.00
C GLU A 128 -5.01 -20.05 24.33
N LEU A 129 -3.97 -19.87 25.17
CA LEU A 129 -4.15 -19.19 26.44
C LEU A 129 -4.73 -17.80 26.24
N ASN A 130 -4.39 -17.13 25.14
CA ASN A 130 -4.94 -15.81 24.87
C ASN A 130 -6.45 -15.84 24.69
N GLY A 131 -7.03 -16.99 24.37
CA GLY A 131 -8.47 -17.16 24.29
C GLY A 131 -9.10 -17.68 25.56
N ASN A 132 -8.36 -17.71 26.67
CA ASN A 132 -8.84 -18.24 27.94
C ASN A 132 -9.14 -19.72 27.85
N LYS A 133 -8.40 -20.44 27.01
CA LYS A 133 -8.48 -21.88 26.92
C LYS A 133 -7.09 -22.48 27.05
N ALA A 134 -7.02 -23.67 27.64
CA ALA A 134 -5.74 -24.32 27.89
C ALA A 134 -5.92 -25.83 27.74
N THR A 135 -5.38 -26.39 26.67
CA THR A 135 -5.49 -27.81 26.39
C THR A 135 -4.11 -28.45 26.56
N LEU A 136 -4.00 -29.39 27.50
CA LEU A 136 -2.80 -30.19 27.65
C LEU A 136 -2.95 -31.48 26.86
N VAL A 137 -1.93 -31.79 26.06
CA VAL A 137 -2.02 -32.87 25.07
C VAL A 137 -1.01 -33.94 25.42
N CYS A 138 -1.48 -35.15 25.68
CA CYS A 138 -0.63 -36.29 26.00
C CYS A 138 -0.71 -37.28 24.84
N LEU A 139 0.40 -37.41 24.11
CA LEU A 139 0.50 -38.25 22.93
C LEU A 139 1.27 -39.52 23.27
N ILE A 140 0.68 -40.66 22.92
CA ILE A 140 1.16 -41.99 23.33
C ILE A 140 1.29 -42.83 22.07
N SER A 141 2.48 -43.39 21.83
CA SER A 141 2.73 -44.06 20.57
C SER A 141 3.61 -45.29 20.76
N ASP A 142 3.64 -46.12 19.71
CA ASP A 142 4.63 -47.20 19.58
C ASP A 142 4.54 -48.23 20.71
N PHE A 143 3.34 -48.54 21.18
CA PHE A 143 3.19 -49.56 22.22
C PHE A 143 2.50 -50.81 21.68
N TYR A 144 2.90 -51.94 22.23
CA TYR A 144 2.32 -53.22 21.89
C TYR A 144 2.34 -54.13 23.12
N PRO A 145 1.23 -54.80 23.45
CA PRO A 145 -0.06 -54.81 22.75
C PRO A 145 -0.83 -53.50 22.88
N GLY A 146 -1.95 -53.40 22.17
CA GLY A 146 -2.70 -52.16 22.05
C GLY A 146 -3.62 -51.87 23.21
N SER A 147 -3.06 -51.51 24.36
CA SER A 147 -3.86 -51.08 25.50
C SER A 147 -3.00 -50.27 26.46
N VAL A 148 -3.49 -49.09 26.85
CA VAL A 148 -2.84 -48.26 27.87
C VAL A 148 -3.91 -47.71 28.79
N THR A 149 -3.48 -47.33 29.99
CA THR A 149 -4.34 -46.60 30.92
C THR A 149 -3.68 -45.27 31.28
N VAL A 150 -4.48 -44.21 31.31
CA VAL A 150 -3.97 -42.84 31.47
C VAL A 150 -4.53 -42.26 32.76
N VAL A 151 -3.64 -41.65 33.55
CA VAL A 151 -3.99 -40.93 34.77
C VAL A 151 -3.38 -39.54 34.68
N TRP A 152 -4.17 -38.52 35.02
CA TRP A 152 -3.69 -37.15 35.06
C TRP A 152 -3.51 -36.72 36.51
N LYS A 153 -2.50 -35.92 36.78
CA LYS A 153 -2.27 -35.43 38.13
C LYS A 153 -1.89 -33.96 38.09
N ALA A 154 -2.14 -33.29 39.21
CA ALA A 154 -1.73 -31.90 39.40
C ALA A 154 -1.45 -31.70 40.87
N ASP A 155 -0.24 -31.24 41.18
CA ASP A 155 0.19 -30.98 42.57
C ASP A 155 -0.19 -32.13 43.48
N GLY A 156 0.07 -33.34 43.01
CA GLY A 156 -0.08 -34.53 43.81
C GLY A 156 -1.49 -35.11 43.86
N SER A 157 -2.46 -34.47 43.23
CA SER A 157 -3.85 -34.93 43.27
C SER A 157 -4.29 -35.40 41.89
N THR A 158 -5.10 -36.46 41.85
CA THR A 158 -5.55 -37.03 40.60
C THR A 158 -6.70 -36.22 40.02
N ILE A 159 -6.66 -36.02 38.70
CA ILE A 159 -7.69 -35.29 37.97
C ILE A 159 -8.52 -36.28 37.16
N THR A 160 -9.84 -36.09 37.16
CA THR A 160 -10.73 -36.92 36.35
C THR A 160 -11.62 -36.07 35.45
N ARG A 161 -12.01 -34.89 35.91
CA ARG A 161 -12.90 -34.05 35.13
C ARG A 161 -12.17 -33.39 33.98
N ASN A 162 -12.90 -33.20 32.88
CA ASN A 162 -12.39 -32.51 31.68
C ASN A 162 -11.27 -33.28 31.00
N VAL A 163 -11.24 -34.61 31.16
CA VAL A 163 -10.27 -35.46 30.50
C VAL A 163 -10.98 -36.23 29.39
N GLU A 164 -10.30 -36.39 28.26
CA GLU A 164 -10.84 -37.17 27.15
C GLU A 164 -9.72 -38.02 26.57
N THR A 165 -9.91 -39.34 26.51
CA THR A 165 -8.86 -40.24 26.08
C THR A 165 -9.38 -41.13 24.95
N THR A 166 -8.62 -41.20 23.85
CA THR A 166 -9.00 -42.03 22.73
C THR A 166 -8.72 -43.50 23.02
N ARG A 167 -9.39 -44.36 22.28
CA ARG A 167 -9.02 -45.77 22.29
C ARG A 167 -7.67 -45.94 21.57
N ALA A 168 -7.06 -47.10 21.79
CA ALA A 168 -5.82 -47.41 21.08
C ALA A 168 -6.14 -47.73 19.63
N SER A 169 -5.31 -47.20 18.72
CA SER A 169 -5.47 -47.43 17.30
C SER A 169 -4.15 -47.90 16.72
N LYS A 170 -4.23 -48.69 15.66
CA LYS A 170 -3.06 -49.31 15.08
C LYS A 170 -2.35 -48.33 14.16
N GLN A 171 -1.03 -48.18 14.35
CA GLN A 171 -0.21 -47.36 13.48
C GLN A 171 0.10 -48.12 12.20
N SER A 172 0.87 -47.49 11.31
CA SER A 172 1.30 -48.17 10.09
C SER A 172 2.35 -49.22 10.36
N ASN A 173 3.12 -49.08 11.44
CA ASN A 173 4.18 -50.03 11.77
C ASN A 173 3.69 -51.19 12.65
N SER A 174 2.38 -51.28 12.87
CA SER A 174 1.75 -52.42 13.55
C SER A 174 1.64 -52.21 15.06
N LYS A 175 2.39 -51.24 15.60
CA LYS A 175 2.22 -50.89 17.00
C LYS A 175 1.00 -49.95 17.13
N TYR A 176 0.74 -49.48 18.35
CA TYR A 176 -0.50 -48.76 18.63
C TYR A 176 -0.21 -47.35 19.15
N ALA A 177 -1.23 -46.49 19.03
CA ALA A 177 -1.16 -45.12 19.47
C ALA A 177 -2.47 -44.72 20.13
N ALA A 178 -2.43 -43.62 20.87
CA ALA A 178 -3.57 -43.13 21.64
C ALA A 178 -3.23 -41.71 22.12
N SER A 179 -4.29 -40.98 22.47
CA SER A 179 -4.18 -39.58 22.89
C SER A 179 -5.00 -39.36 24.15
N SER A 180 -4.58 -38.38 24.96
CA SER A 180 -5.39 -37.92 26.08
C SER A 180 -5.29 -36.40 26.18
N TYR A 181 -6.43 -35.75 26.39
CA TYR A 181 -6.53 -34.29 26.42
C TYR A 181 -7.13 -33.85 27.75
N LEU A 182 -6.47 -32.88 28.39
CA LEU A 182 -6.99 -32.22 29.59
C LEU A 182 -7.36 -30.79 29.22
N SER A 183 -8.68 -30.50 29.23
CA SER A 183 -9.23 -29.24 28.77
C SER A 183 -9.56 -28.36 29.97
N LEU A 184 -8.77 -27.31 30.16
CA LEU A 184 -8.88 -26.39 31.29
C LEU A 184 -9.08 -24.97 30.77
N THR A 185 -9.45 -24.07 31.69
CA THR A 185 -9.38 -22.65 31.41
C THR A 185 -7.98 -22.15 31.72
N SER A 186 -7.64 -20.99 31.15
CA SER A 186 -6.31 -20.42 31.38
C SER A 186 -6.07 -20.21 32.86
N SER A 187 -7.08 -19.77 33.60
CA SER A 187 -6.95 -19.57 35.04
C SER A 187 -6.68 -20.89 35.76
N ASP A 188 -7.46 -21.92 35.44
CA ASP A 188 -7.19 -23.26 35.98
C ASP A 188 -5.74 -23.65 35.74
N TRP A 189 -5.27 -23.43 34.51
CA TRP A 189 -3.91 -23.83 34.15
C TRP A 189 -2.88 -23.10 35.01
N LYS A 190 -3.08 -21.80 35.23
CA LYS A 190 -2.10 -21.04 36.01
C LYS A 190 -2.14 -21.35 37.51
N SER A 191 -3.21 -21.97 38.01
CA SER A 191 -3.40 -22.10 39.45
C SER A 191 -2.60 -23.24 40.07
N LYS A 192 -2.02 -24.12 39.27
CA LYS A 192 -1.28 -25.28 39.77
C LYS A 192 0.21 -25.12 39.50
N GLY A 193 1.00 -25.86 40.25
CA GLY A 193 2.45 -25.84 40.10
C GLY A 193 2.96 -26.83 39.07
N SER A 194 2.20 -27.89 38.79
CA SER A 194 2.64 -28.87 37.80
C SER A 194 1.48 -29.80 37.45
N TYR A 195 1.45 -30.21 36.19
CA TYR A 195 0.52 -31.22 35.70
C TYR A 195 1.33 -32.39 35.14
N SER A 196 0.81 -33.61 35.31
CA SER A 196 1.50 -34.80 34.84
C SER A 196 0.54 -35.75 34.12
N CYS A 197 1.03 -36.30 33.01
CA CYS A 197 0.40 -37.40 32.31
C CYS A 197 1.13 -38.69 32.70
N GLU A 198 0.38 -39.67 33.20
CA GLU A 198 0.93 -40.94 33.70
C GLU A 198 0.30 -42.08 32.90
N VAL A 199 1.10 -42.75 32.09
CA VAL A 199 0.64 -43.77 31.15
C VAL A 199 1.15 -45.13 31.64
N THR A 200 0.22 -46.04 31.90
CA THR A 200 0.56 -47.40 32.31
C THR A 200 0.27 -48.39 31.19
N HIS A 201 1.22 -49.30 30.99
CA HIS A 201 1.19 -50.29 29.93
C HIS A 201 1.83 -51.56 30.46
N GLU A 202 1.05 -52.65 30.51
CA GLU A 202 1.57 -53.94 30.92
C GLU A 202 2.35 -53.84 32.24
N GLY A 203 1.80 -53.09 33.18
CA GLY A 203 2.37 -52.99 34.51
C GLY A 203 3.52 -52.01 34.66
N SER A 204 3.93 -51.33 33.59
CA SER A 204 4.99 -50.33 33.64
C SER A 204 4.40 -48.94 33.46
N THR A 205 4.96 -47.96 34.17
CA THR A 205 4.40 -46.62 34.20
C THR A 205 5.43 -45.61 33.70
N VAL A 206 4.95 -44.71 32.84
CA VAL A 206 5.72 -43.57 32.33
C VAL A 206 5.05 -42.29 32.79
N THR A 207 5.84 -41.34 33.28
CA THR A 207 5.33 -40.07 33.78
C THR A 207 5.99 -38.91 33.05
N LYS A 208 5.18 -37.97 32.57
CA LYS A 208 5.68 -36.73 32.00
C LYS A 208 4.99 -35.56 32.69
N THR A 209 5.70 -34.45 32.82
CA THR A 209 5.25 -33.34 33.64
C THR A 209 5.56 -32.02 32.97
N VAL A 210 4.66 -31.05 33.17
CA VAL A 210 4.83 -29.68 32.72
C VAL A 210 4.53 -28.76 33.90
N LYS A 211 5.23 -27.64 33.96
CA LYS A 211 5.03 -26.65 35.03
C LYS A 211 4.70 -25.31 34.39
N PRO A 212 3.55 -24.71 34.69
CA PRO A 212 3.22 -23.42 34.05
C PRO A 212 4.30 -22.36 34.24
N SER A 213 5.02 -22.41 35.35
CA SER A 213 6.09 -21.44 35.58
C SER A 213 7.29 -21.65 34.66
N GLU A 214 7.29 -22.70 33.84
CA GLU A 214 8.40 -22.97 32.94
C GLU A 214 7.97 -23.01 31.46
N CYS A 215 6.73 -22.64 31.16
CA CYS A 215 6.22 -22.76 29.79
C CYS A 215 5.66 -21.42 29.31
N VAL B 2 3.68 -39.39 -11.75
CA VAL B 2 2.26 -39.72 -11.83
C VAL B 2 1.56 -39.30 -10.54
N GLN B 3 0.47 -38.54 -10.69
CA GLN B 3 -0.31 -38.10 -9.55
C GLN B 3 -1.79 -38.16 -9.91
N LEU B 4 -2.58 -38.75 -9.01
CA LEU B 4 -4.04 -38.76 -9.10
C LEU B 4 -4.56 -38.02 -7.90
N ARG B 5 -5.29 -36.93 -8.13
CA ARG B 5 -5.82 -36.12 -7.03
C ARG B 5 -7.33 -36.08 -7.15
N GLU B 6 -8.01 -36.68 -6.18
CA GLU B 6 -9.46 -36.55 -6.07
C GLU B 6 -9.82 -35.17 -5.53
N SER B 7 -11.06 -34.76 -5.81
CA SER B 7 -11.57 -33.49 -5.33
C SER B 7 -13.08 -33.51 -5.47
N GLY B 8 -13.75 -32.69 -4.66
CA GLY B 8 -15.19 -32.63 -4.65
C GLY B 8 -15.74 -32.59 -3.24
N PRO B 9 -17.04 -32.39 -3.10
CA PRO B 9 -17.62 -32.23 -1.76
C PRO B 9 -17.34 -33.42 -0.86
N SER B 10 -16.63 -33.16 0.26
CA SER B 10 -16.43 -34.21 1.25
C SER B 10 -17.66 -34.43 2.12
N LEU B 11 -18.66 -33.56 2.01
CA LEU B 11 -19.90 -33.66 2.76
C LEU B 11 -21.06 -33.56 1.78
N VAL B 12 -21.94 -34.56 1.78
CA VAL B 12 -23.05 -34.65 0.82
C VAL B 12 -24.33 -34.86 1.60
N LYS B 13 -25.38 -34.12 1.25
CA LYS B 13 -26.66 -34.31 1.92
C LYS B 13 -27.37 -35.54 1.34
N PRO B 14 -28.10 -36.29 2.17
CA PRO B 14 -28.74 -37.53 1.68
C PRO B 14 -29.65 -37.26 0.49
N SER B 15 -29.68 -38.25 -0.42
CA SER B 15 -30.57 -38.24 -1.59
C SER B 15 -29.99 -37.40 -2.73
N GLN B 16 -29.08 -36.48 -2.41
CA GLN B 16 -28.43 -35.70 -3.46
C GLN B 16 -27.40 -36.56 -4.18
N THR B 17 -26.93 -36.04 -5.32
CA THR B 17 -25.99 -36.77 -6.17
C THR B 17 -24.58 -36.51 -5.65
N LEU B 18 -23.95 -37.56 -5.12
CA LEU B 18 -22.54 -37.49 -4.74
C LEU B 18 -21.69 -37.42 -6.00
N SER B 19 -20.87 -36.38 -6.12
CA SER B 19 -20.07 -36.19 -7.31
C SER B 19 -18.62 -35.94 -6.94
N LEU B 20 -17.71 -36.53 -7.70
CA LEU B 20 -16.29 -36.40 -7.46
C LEU B 20 -15.55 -36.28 -8.78
N THR B 21 -14.39 -35.65 -8.72
CA THR B 21 -13.53 -35.45 -9.86
C THR B 21 -12.15 -35.96 -9.54
N CYS B 22 -11.46 -36.46 -10.55
CA CYS B 22 -10.09 -36.92 -10.42
C CYS B 22 -9.24 -36.23 -11.47
N THR B 23 -8.22 -35.50 -11.02
CA THR B 23 -7.29 -34.80 -11.88
C THR B 23 -5.97 -35.54 -11.89
N ALA B 24 -5.45 -35.81 -13.07
CA ALA B 24 -4.24 -36.57 -13.26
C ALA B 24 -3.09 -35.68 -13.70
N SER B 25 -1.87 -36.13 -13.41
CA SER B 25 -0.68 -35.54 -13.99
C SER B 25 0.38 -36.63 -14.10
N GLY B 26 1.37 -36.38 -14.96
CA GLY B 26 2.35 -37.38 -15.31
C GLY B 26 2.01 -38.20 -16.52
N PHE B 27 0.77 -38.13 -17.01
CA PHE B 27 0.35 -38.90 -18.16
C PHE B 27 -0.90 -38.25 -18.73
N SER B 28 -1.18 -38.56 -20.00
CA SER B 28 -2.38 -38.07 -20.67
C SER B 28 -3.54 -39.02 -20.39
N LEU B 29 -4.73 -38.44 -20.19
CA LEU B 29 -5.90 -39.24 -19.89
C LEU B 29 -6.34 -40.11 -21.05
N SER B 30 -5.99 -39.72 -22.28
CA SER B 30 -6.32 -40.53 -23.46
C SER B 30 -5.36 -41.69 -23.63
N ASP B 31 -4.41 -41.89 -22.71
CA ASP B 31 -3.44 -42.97 -22.81
C ASP B 31 -3.68 -44.09 -21.81
N LYS B 32 -4.42 -43.83 -20.73
CA LYS B 32 -4.62 -44.81 -19.66
C LYS B 32 -6.10 -44.88 -19.27
N ALA B 33 -6.52 -46.07 -18.87
CA ALA B 33 -7.84 -46.25 -18.29
C ALA B 33 -7.84 -45.74 -16.85
N VAL B 34 -8.91 -45.04 -16.48
CA VAL B 34 -9.02 -44.46 -15.15
C VAL B 34 -10.33 -44.94 -14.53
N GLY B 35 -10.33 -45.10 -13.21
CA GLY B 35 -11.46 -45.73 -12.55
C GLY B 35 -11.62 -45.32 -11.09
N TRP B 36 -12.65 -45.88 -10.48
CA TRP B 36 -13.06 -45.52 -9.13
C TRP B 36 -13.34 -46.78 -8.33
N VAL B 37 -12.70 -46.84 -7.15
CA VAL B 37 -12.88 -47.89 -6.16
C VAL B 37 -13.15 -47.21 -4.83
N ARG B 38 -14.06 -47.73 -4.03
CA ARG B 38 -14.36 -47.13 -2.74
C ARG B 38 -14.24 -48.16 -1.63
N GLN B 39 -14.13 -47.67 -0.41
CA GLN B 39 -14.18 -48.53 0.77
C GLN B 39 -14.90 -47.80 1.89
N ALA B 40 -16.05 -48.34 2.28
CA ALA B 40 -16.74 -47.88 3.47
C ALA B 40 -16.05 -48.44 4.71
N PRO B 41 -16.18 -47.75 5.85
CA PRO B 41 -15.50 -48.23 7.07
C PRO B 41 -15.82 -49.69 7.36
N GLY B 42 -14.78 -50.45 7.70
CA GLY B 42 -14.95 -51.84 8.07
C GLY B 42 -15.61 -52.69 7.01
N LYS B 43 -15.29 -52.47 5.74
CA LYS B 43 -15.85 -53.29 4.68
C LYS B 43 -14.82 -53.50 3.58
N ALA B 44 -15.14 -54.41 2.66
CA ALA B 44 -14.24 -54.77 1.59
C ALA B 44 -14.15 -53.66 0.55
N LEU B 45 -13.03 -53.65 -0.18
CA LEU B 45 -12.91 -52.82 -1.37
C LEU B 45 -14.06 -53.10 -2.32
N GLU B 46 -14.63 -52.03 -2.87
CA GLU B 46 -15.76 -52.14 -3.79
C GLU B 46 -15.40 -51.41 -5.08
N TRP B 47 -15.24 -52.17 -6.15
CA TRP B 47 -15.01 -51.59 -7.47
C TRP B 47 -16.26 -50.83 -7.90
N LEU B 48 -16.07 -49.58 -8.31
CA LEU B 48 -17.16 -48.80 -8.87
C LEU B 48 -17.16 -48.83 -10.39
N GLY B 49 -16.02 -48.57 -11.02
CA GLY B 49 -16.01 -48.66 -12.47
C GLY B 49 -14.76 -48.04 -13.05
N ASN B 50 -14.70 -48.07 -14.37
CA ASN B 50 -13.60 -47.40 -15.05
C ASN B 50 -14.02 -47.06 -16.47
N ILE B 51 -13.26 -46.16 -17.06
CA ILE B 51 -13.46 -45.72 -18.42
C ILE B 51 -12.11 -45.73 -19.12
N ASP B 52 -12.11 -46.19 -20.37
CA ASP B 52 -10.94 -46.37 -21.18
C ASP B 52 -10.80 -45.21 -22.17
N THR B 53 -9.74 -45.25 -22.97
CA THR B 53 -9.44 -44.15 -23.89
C THR B 53 -10.53 -43.99 -24.96
N GLY B 54 -11.21 -45.07 -25.32
CA GLY B 54 -12.24 -45.01 -26.33
C GLY B 54 -13.64 -44.78 -25.79
N GLY B 55 -13.78 -44.55 -24.48
CA GLY B 55 -15.09 -44.48 -23.87
C GLY B 55 -15.61 -45.80 -23.35
N ILE B 56 -14.89 -46.91 -23.58
CA ILE B 56 -15.30 -48.20 -23.05
C ILE B 56 -15.42 -48.09 -21.53
N THR B 57 -16.60 -48.35 -21.02
CA THR B 57 -16.89 -48.13 -19.60
C THR B 57 -17.30 -49.44 -18.94
N GLY B 58 -16.70 -49.72 -17.79
CA GLY B 58 -17.12 -50.82 -16.93
C GLY B 58 -17.75 -50.27 -15.67
N TYR B 59 -18.90 -50.84 -15.30
CA TYR B 59 -19.66 -50.42 -14.12
C TYR B 59 -19.90 -51.62 -13.22
N ASN B 60 -19.85 -51.38 -11.92
CA ASN B 60 -20.28 -52.37 -10.95
C ASN B 60 -21.69 -52.84 -11.29
N PRO B 61 -21.89 -54.13 -11.56
CA PRO B 61 -23.25 -54.58 -11.95
C PRO B 61 -24.33 -54.23 -10.94
N GLY B 62 -24.01 -54.29 -9.65
CA GLY B 62 -25.01 -54.02 -8.62
C GLY B 62 -25.36 -52.56 -8.46
N LEU B 63 -24.47 -51.65 -8.86
CA LEU B 63 -24.67 -50.22 -8.69
C LEU B 63 -24.84 -49.48 -10.01
N LYS B 64 -24.86 -50.19 -11.14
CA LYS B 64 -24.79 -49.53 -12.45
C LYS B 64 -25.88 -48.48 -12.61
N SER B 65 -27.08 -48.74 -12.09
CA SER B 65 -28.19 -47.83 -12.30
C SER B 65 -27.99 -46.48 -11.61
N ARG B 66 -27.07 -46.39 -10.65
CA ARG B 66 -26.82 -45.16 -9.92
C ARG B 66 -25.51 -44.49 -10.29
N LEU B 67 -24.66 -45.14 -11.08
CA LEU B 67 -23.32 -44.65 -11.34
C LEU B 67 -23.24 -43.96 -12.69
N SER B 68 -22.39 -42.95 -12.75
CA SER B 68 -22.04 -42.30 -14.00
C SER B 68 -20.57 -41.95 -13.94
N ILE B 69 -19.81 -42.45 -14.91
CA ILE B 69 -18.38 -42.13 -15.03
C ILE B 69 -18.17 -41.43 -16.35
N THR B 70 -17.54 -40.26 -16.31
CA THR B 70 -17.31 -39.50 -17.54
C THR B 70 -15.84 -39.12 -17.63
N LYS B 71 -15.45 -38.75 -18.84
CA LYS B 71 -14.08 -38.46 -19.20
C LYS B 71 -14.01 -37.04 -19.76
N ASP B 72 -12.91 -36.34 -19.48
CA ASP B 72 -12.66 -35.00 -20.04
C ASP B 72 -11.16 -34.92 -20.28
N ASN B 73 -10.75 -35.25 -21.51
CA ASN B 73 -9.34 -35.31 -21.85
C ASN B 73 -8.70 -33.94 -21.83
N SER B 74 -9.42 -32.90 -22.26
CA SER B 74 -8.82 -31.57 -22.33
C SER B 74 -8.36 -31.10 -20.96
N LYS B 75 -9.05 -31.51 -19.90
CA LYS B 75 -8.68 -31.16 -18.54
C LYS B 75 -8.02 -32.32 -17.80
N ASN B 76 -7.75 -33.43 -18.48
CA ASN B 76 -7.12 -34.58 -17.86
C ASN B 76 -7.89 -34.99 -16.61
N GLN B 77 -9.22 -35.08 -16.75
CA GLN B 77 -10.09 -35.32 -15.62
C GLN B 77 -11.02 -36.49 -15.90
N VAL B 78 -11.39 -37.20 -14.83
CA VAL B 78 -12.44 -38.21 -14.88
C VAL B 78 -13.42 -37.97 -13.74
N SER B 79 -14.71 -38.12 -14.01
CA SER B 79 -15.73 -37.82 -13.03
C SER B 79 -16.51 -39.06 -12.62
N LEU B 80 -16.93 -39.04 -11.35
CA LEU B 80 -17.78 -40.04 -10.76
C LEU B 80 -19.03 -39.38 -10.23
N SER B 81 -20.17 -40.06 -10.42
CA SER B 81 -21.43 -39.61 -9.87
C SER B 81 -22.21 -40.81 -9.35
N VAL B 82 -22.68 -40.69 -8.12
CA VAL B 82 -23.54 -41.67 -7.47
C VAL B 82 -24.84 -40.96 -7.15
N SER B 83 -25.90 -41.30 -7.86
CA SER B 83 -27.18 -40.63 -7.68
C SER B 83 -27.89 -41.17 -6.44
N SER B 84 -28.67 -40.30 -5.80
CA SER B 84 -29.49 -40.69 -4.65
C SER B 84 -28.62 -41.26 -3.53
N ALA B 85 -27.71 -40.42 -3.04
CA ALA B 85 -26.75 -40.85 -2.04
C ALA B 85 -27.45 -41.22 -0.74
N THR B 86 -26.89 -42.21 -0.04
CA THR B 86 -27.39 -42.64 1.27
C THR B 86 -26.20 -42.85 2.19
N ALA B 87 -26.46 -43.36 3.39
CA ALA B 87 -25.38 -43.65 4.33
C ALA B 87 -24.48 -44.77 3.83
N GLU B 88 -25.04 -45.71 3.05
CA GLU B 88 -24.22 -46.77 2.47
C GLU B 88 -23.13 -46.23 1.56
N ASP B 89 -23.29 -45.01 1.06
CA ASP B 89 -22.32 -44.40 0.16
C ASP B 89 -21.27 -43.58 0.89
N SER B 90 -21.36 -43.46 2.20
CA SER B 90 -20.29 -42.86 2.98
C SER B 90 -19.07 -43.78 2.94
N ALA B 91 -17.95 -43.27 2.44
CA ALA B 91 -16.81 -44.13 2.21
C ALA B 91 -15.62 -43.28 1.79
N THR B 92 -14.45 -43.91 1.76
CA THR B 92 -13.29 -43.32 1.13
C THR B 92 -13.30 -43.70 -0.35
N TYR B 93 -13.33 -42.69 -1.21
CA TYR B 93 -13.34 -42.89 -2.65
C TYR B 93 -11.94 -42.70 -3.19
N TYR B 94 -11.46 -43.69 -3.92
CA TYR B 94 -10.13 -43.69 -4.51
C TYR B 94 -10.24 -43.62 -6.02
N CYS B 95 -9.55 -42.64 -6.60
CA CYS B 95 -9.27 -42.63 -8.02
C CYS B 95 -8.14 -43.61 -8.31
N THR B 96 -8.20 -44.27 -9.46
CA THR B 96 -7.25 -45.31 -9.80
C THR B 96 -6.88 -45.24 -11.28
N THR B 97 -5.65 -45.62 -11.58
CA THR B 97 -5.25 -45.94 -12.94
C THR B 97 -5.31 -47.46 -13.09
N VAL B 98 -5.82 -47.93 -14.22
CA VAL B 98 -6.14 -49.34 -14.42
C VAL B 98 -5.40 -49.85 -15.65
N HIS B 99 -4.73 -50.99 -15.49
CA HIS B 99 -4.17 -51.72 -16.62
C HIS B 99 -5.25 -52.61 -17.21
N GLN B 100 -5.53 -52.43 -18.51
CA GLN B 100 -6.51 -53.22 -19.21
C GLN B 100 -5.86 -53.80 -20.46
N LYS B 101 -6.13 -55.07 -20.72
CA LYS B 101 -5.63 -55.72 -21.92
C LYS B 101 -6.47 -56.94 -22.22
N THR B 102 -6.67 -57.21 -23.50
CA THR B 102 -7.42 -58.37 -23.97
C THR B 102 -6.51 -59.18 -24.89
N LEU B 103 -6.37 -60.47 -24.58
CA LEU B 103 -5.55 -61.38 -25.38
C LEU B 103 -6.46 -62.33 -26.16
N GLU B 104 -6.21 -62.46 -27.45
CA GLU B 104 -6.93 -63.43 -28.28
C GLU B 104 -6.12 -64.72 -28.31
N VAL B 105 -6.71 -65.81 -27.84
CA VAL B 105 -6.04 -67.09 -27.70
C VAL B 105 -6.60 -68.07 -28.73
N ARG B 106 -5.72 -68.65 -29.53
CA ARG B 106 -6.11 -69.63 -30.53
C ARG B 106 -5.52 -70.98 -30.15
N SER B 107 -6.37 -72.00 -30.18
CA SER B 107 -6.00 -73.35 -29.79
C SER B 107 -6.67 -74.34 -30.73
N CYS B 108 -6.20 -75.57 -30.69
CA CYS B 108 -6.77 -76.58 -31.58
C CYS B 108 -7.79 -77.43 -30.83
N PRO B 109 -8.88 -77.83 -31.50
CA PRO B 109 -9.93 -78.59 -30.80
C PRO B 109 -9.55 -80.04 -30.53
N ASP B 110 -10.56 -80.85 -30.18
CA ASP B 110 -10.37 -82.24 -29.80
C ASP B 110 -9.53 -83.01 -30.81
N GLY B 111 -8.30 -83.37 -30.44
CA GLY B 111 -7.50 -84.28 -31.24
C GLY B 111 -6.85 -83.65 -32.46
N SER B 112 -6.11 -82.56 -32.26
CA SER B 112 -5.35 -81.96 -33.35
C SER B 112 -4.21 -81.15 -32.75
N ARG B 113 -3.21 -80.86 -33.59
CA ARG B 113 -2.02 -80.15 -33.17
C ARG B 113 -1.62 -79.16 -34.25
N LEU B 114 -0.77 -78.20 -33.88
CA LEU B 114 -0.34 -77.13 -34.78
C LEU B 114 0.95 -77.54 -35.46
N ILE B 115 0.85 -78.27 -36.56
CA ILE B 115 1.97 -78.49 -37.45
C ILE B 115 1.98 -77.33 -38.44
N GLY B 116 2.99 -76.47 -38.32
CA GLY B 116 3.02 -75.23 -39.07
C GLY B 116 2.18 -74.17 -38.40
N ASN B 117 1.13 -73.72 -39.08
CA ASN B 117 0.21 -72.73 -38.52
C ASN B 117 -1.22 -73.24 -38.38
N ASP B 118 -1.58 -74.34 -39.05
CA ASP B 118 -2.95 -74.84 -39.05
C ASP B 118 -3.08 -76.00 -38.09
N CYS B 119 -4.29 -76.14 -37.52
CA CYS B 119 -4.62 -77.27 -36.67
C CYS B 119 -4.87 -78.50 -37.53
N ARG B 120 -3.92 -79.43 -37.53
CA ARG B 120 -4.02 -80.64 -38.34
C ARG B 120 -4.21 -81.85 -37.43
N ASN B 121 -5.11 -82.74 -37.84
CA ASN B 121 -5.49 -83.89 -37.04
C ASN B 121 -4.56 -85.06 -37.34
N GLU B 122 -4.91 -86.25 -36.83
CA GLU B 122 -4.04 -87.40 -36.99
C GLU B 122 -3.80 -87.73 -38.47
N ASP B 123 -4.85 -87.64 -39.28
CA ASP B 123 -4.76 -87.98 -40.69
C ASP B 123 -4.21 -86.84 -41.54
N GLY B 124 -3.90 -85.70 -40.94
CA GLY B 124 -3.42 -84.56 -41.71
C GLY B 124 -4.50 -83.70 -42.30
N ASP B 125 -5.74 -83.82 -41.81
CA ASP B 125 -6.84 -83.00 -42.29
C ASP B 125 -6.87 -81.68 -41.53
N ASP B 126 -7.12 -80.60 -42.26
CA ASP B 126 -7.11 -79.26 -41.66
C ASP B 126 -8.39 -79.05 -40.86
N VAL B 127 -8.23 -78.52 -39.65
CA VAL B 127 -9.34 -78.33 -38.72
C VAL B 127 -9.38 -76.87 -38.28
N ASN B 128 -10.59 -76.39 -37.99
CA ASN B 128 -10.76 -75.03 -37.49
C ASN B 128 -10.24 -74.93 -36.06
N TYR B 129 -9.58 -73.82 -35.77
CA TYR B 129 -9.08 -73.56 -34.42
C TYR B 129 -10.20 -73.03 -33.53
N ILE B 130 -9.93 -73.01 -32.22
CA ILE B 130 -10.82 -72.43 -31.23
C ILE B 130 -10.26 -71.07 -30.83
N THR B 131 -11.14 -70.09 -30.67
CA THR B 131 -10.75 -68.75 -30.24
C THR B 131 -11.39 -68.48 -28.89
N THR B 132 -10.55 -68.21 -27.90
CA THR B 132 -11.00 -67.72 -26.60
C THR B 132 -10.21 -66.46 -26.26
N PHE B 133 -10.62 -65.80 -25.18
CA PHE B 133 -10.01 -64.53 -24.78
C PHE B 133 -9.58 -64.60 -23.32
N ASP B 134 -8.41 -64.06 -23.04
CA ASP B 134 -7.92 -63.83 -21.68
C ASP B 134 -8.00 -62.34 -21.39
N TYR B 135 -8.53 -61.99 -20.22
CA TYR B 135 -8.77 -60.61 -19.85
C TYR B 135 -7.84 -60.22 -18.69
N GLU B 136 -7.21 -59.06 -18.81
CA GLU B 136 -6.27 -58.55 -17.82
C GLU B 136 -6.81 -57.25 -17.24
N TRP B 137 -6.99 -57.22 -15.92
CA TRP B 137 -7.43 -56.01 -15.22
C TRP B 137 -6.71 -55.95 -13.87
N TYR B 138 -6.13 -54.80 -13.54
CA TYR B 138 -5.58 -54.59 -12.20
C TYR B 138 -5.23 -53.12 -12.02
N VAL B 139 -5.24 -52.67 -10.78
CA VAL B 139 -4.96 -51.27 -10.45
C VAL B 139 -3.44 -51.09 -10.31
N ASP B 140 -2.85 -50.27 -11.18
CA ASP B 140 -1.42 -50.04 -11.16
C ASP B 140 -1.02 -48.71 -10.52
N ALA B 141 -1.99 -47.89 -10.12
CA ALA B 141 -1.69 -46.66 -9.40
C ALA B 141 -2.94 -46.22 -8.64
N TRP B 142 -2.75 -45.92 -7.35
CA TRP B 142 -3.83 -45.55 -6.44
C TRP B 142 -3.72 -44.09 -6.05
N GLY B 143 -4.86 -43.40 -5.98
CA GLY B 143 -4.90 -42.09 -5.39
C GLY B 143 -4.93 -42.16 -3.87
N GLN B 144 -4.70 -41.00 -3.25
CA GLN B 144 -4.70 -40.92 -1.79
C GLN B 144 -6.07 -41.23 -1.20
N GLY B 145 -7.13 -41.05 -1.97
CA GLY B 145 -8.48 -41.26 -1.47
C GLY B 145 -9.05 -40.00 -0.86
N LEU B 146 -10.38 -39.92 -0.88
CA LEU B 146 -11.10 -38.75 -0.39
C LEU B 146 -12.32 -39.27 0.36
N LEU B 147 -12.40 -38.93 1.65
CA LEU B 147 -13.50 -39.42 2.47
C LEU B 147 -14.74 -38.57 2.22
N VAL B 148 -15.82 -39.21 1.83
CA VAL B 148 -17.11 -38.54 1.64
C VAL B 148 -18.08 -39.10 2.65
N THR B 149 -18.74 -38.19 3.38
CA THR B 149 -19.75 -38.50 4.37
C THR B 149 -21.10 -38.03 3.86
N VAL B 150 -22.08 -38.92 3.87
CA VAL B 150 -23.43 -38.60 3.42
C VAL B 150 -24.26 -38.33 4.67
N SER B 151 -24.36 -37.05 5.03
CA SER B 151 -25.14 -36.65 6.20
C SER B 151 -25.50 -35.18 6.04
N SER B 152 -26.38 -34.72 6.93
CA SER B 152 -26.79 -33.32 6.98
C SER B 152 -26.08 -32.56 8.10
N ALA B 153 -24.86 -32.96 8.44
CA ALA B 153 -24.17 -32.39 9.58
C ALA B 153 -23.82 -30.93 9.35
N SER B 154 -23.70 -30.19 10.46
CA SER B 154 -23.21 -28.82 10.42
C SER B 154 -21.70 -28.83 10.22
N THR B 155 -21.13 -27.63 10.21
CA THR B 155 -19.73 -27.43 9.87
C THR B 155 -19.10 -26.43 10.83
N THR B 156 -17.94 -26.77 11.38
CA THR B 156 -17.13 -25.86 12.17
C THR B 156 -15.66 -26.08 11.85
N ALA B 157 -14.97 -25.02 11.44
CA ALA B 157 -13.58 -25.13 11.04
C ALA B 157 -12.66 -25.14 12.27
N PRO B 158 -11.56 -25.89 12.21
CA PRO B 158 -10.68 -26.00 13.37
C PRO B 158 -9.84 -24.75 13.61
N LYS B 159 -9.51 -24.52 14.88
CA LYS B 159 -8.40 -23.67 15.25
C LYS B 159 -7.14 -24.52 15.28
N VAL B 160 -6.00 -23.95 14.91
CA VAL B 160 -4.74 -24.70 14.87
C VAL B 160 -3.75 -23.98 15.77
N TYR B 161 -3.22 -24.70 16.77
CA TYR B 161 -2.28 -24.11 17.71
C TYR B 161 -0.94 -24.85 17.69
N PRO B 162 0.16 -24.16 17.96
CA PRO B 162 1.46 -24.83 17.99
C PRO B 162 1.66 -25.65 19.26
N LEU B 163 2.32 -26.79 19.09
CA LEU B 163 2.73 -27.67 20.18
C LEU B 163 4.25 -27.65 20.27
N SER B 164 4.76 -27.23 21.43
CA SER B 164 6.19 -27.17 21.67
C SER B 164 6.43 -27.46 23.15
N SER B 165 7.56 -28.13 23.42
CA SER B 165 7.88 -28.51 24.78
C SER B 165 8.30 -27.28 25.61
N CYS B 166 8.28 -27.45 26.93
CA CYS B 166 8.73 -26.41 27.84
C CYS B 166 10.25 -26.46 27.99
N CYS B 167 10.81 -25.33 28.38
CA CYS B 167 12.26 -25.23 28.57
C CYS B 167 12.59 -24.25 29.70
N SER B 173 17.85 -35.37 23.16
CA SER B 173 18.43 -34.28 22.37
C SER B 173 17.55 -33.95 21.17
N THR B 174 16.77 -34.92 20.71
CA THR B 174 15.84 -34.68 19.62
C THR B 174 14.78 -33.67 20.03
N VAL B 175 14.32 -32.90 19.06
CA VAL B 175 13.26 -31.91 19.27
C VAL B 175 11.94 -32.52 18.82
N THR B 176 10.94 -32.43 19.68
CA THR B 176 9.61 -32.92 19.40
C THR B 176 8.64 -31.74 19.41
N LEU B 177 7.85 -31.60 18.34
CA LEU B 177 6.90 -30.50 18.24
C LEU B 177 5.65 -31.02 17.55
N GLY B 178 4.67 -30.14 17.35
CA GLY B 178 3.49 -30.54 16.63
C GLY B 178 2.46 -29.44 16.50
N CYS B 179 1.25 -29.87 16.14
CA CYS B 179 0.12 -28.99 15.94
C CYS B 179 -1.11 -29.62 16.59
N LEU B 180 -1.89 -28.77 17.26
CA LEU B 180 -3.18 -29.13 17.81
C LEU B 180 -4.29 -28.58 16.92
N VAL B 181 -5.06 -29.48 16.32
CA VAL B 181 -6.21 -29.13 15.49
C VAL B 181 -7.44 -29.27 16.37
N SER B 182 -7.96 -28.13 16.81
CA SER B 182 -8.91 -28.04 17.91
C SER B 182 -10.30 -27.66 17.42
N SER B 183 -11.28 -28.45 17.84
CA SER B 183 -12.69 -28.09 17.80
C SER B 183 -13.24 -27.94 16.38
N TYR B 184 -13.32 -29.05 15.65
CA TYR B 184 -13.90 -29.05 14.32
C TYR B 184 -15.00 -30.10 14.25
N MET B 185 -15.79 -29.98 13.19
CA MET B 185 -16.77 -31.01 12.83
C MET B 185 -17.28 -30.74 11.42
N PRO B 186 -17.59 -31.80 10.66
CA PRO B 186 -17.39 -33.22 11.01
C PRO B 186 -15.99 -33.68 10.66
N GLU B 187 -15.70 -34.96 10.90
CA GLU B 187 -14.47 -35.56 10.42
C GLU B 187 -14.50 -35.60 8.90
N PRO B 188 -13.33 -35.68 8.25
CA PRO B 188 -11.99 -35.77 8.82
C PRO B 188 -11.19 -34.49 8.71
N VAL B 189 -9.97 -34.55 9.22
CA VAL B 189 -8.95 -33.53 9.03
C VAL B 189 -7.69 -34.26 8.58
N THR B 190 -6.94 -33.63 7.68
CA THR B 190 -5.68 -34.22 7.21
C THR B 190 -4.54 -33.27 7.51
N VAL B 191 -3.37 -33.82 7.85
CA VAL B 191 -2.22 -33.01 8.22
C VAL B 191 -1.01 -33.49 7.45
N THR B 192 -0.28 -32.54 6.86
CA THR B 192 1.03 -32.79 6.31
C THR B 192 2.00 -31.81 6.98
N TRP B 193 3.30 -31.99 6.74
CA TRP B 193 4.32 -31.10 7.29
C TRP B 193 5.22 -30.61 6.17
N ASN B 194 5.47 -29.30 6.17
CA ASN B 194 6.27 -28.65 5.11
C ASN B 194 5.73 -29.00 3.73
N SER B 195 4.40 -28.97 3.59
CA SER B 195 3.74 -29.21 2.31
C SER B 195 4.06 -30.61 1.77
N GLY B 196 4.28 -31.57 2.66
CA GLY B 196 4.57 -32.94 2.28
C GLY B 196 6.03 -33.29 2.21
N ALA B 197 6.93 -32.29 2.30
CA ALA B 197 8.36 -32.56 2.24
C ALA B 197 8.87 -33.27 3.49
N LEU B 198 8.11 -33.24 4.59
CA LEU B 198 8.54 -33.84 5.85
C LEU B 198 7.58 -34.97 6.20
N LYS B 199 8.01 -36.21 5.96
CA LYS B 199 7.26 -37.41 6.30
C LYS B 199 7.93 -38.26 7.36
N SER B 200 9.27 -38.29 7.37
CA SER B 200 9.99 -39.06 8.37
C SER B 200 9.76 -38.47 9.76
N GLY B 201 9.39 -39.33 10.71
CA GLY B 201 9.19 -38.90 12.08
C GLY B 201 7.84 -38.27 12.36
N VAL B 202 6.92 -38.29 11.40
CA VAL B 202 5.59 -37.70 11.58
C VAL B 202 4.68 -38.75 12.20
N HIS B 203 3.75 -38.29 13.03
CA HIS B 203 2.76 -39.17 13.65
C HIS B 203 1.52 -38.35 13.93
N THR B 204 0.45 -38.63 13.19
CA THR B 204 -0.82 -37.95 13.35
C THR B 204 -1.79 -38.91 14.03
N PHE B 205 -2.41 -38.45 15.10
CA PHE B 205 -3.17 -39.30 16.00
C PHE B 205 -4.66 -39.21 15.71
N PRO B 206 -5.41 -40.30 15.89
CA PRO B 206 -6.87 -40.22 15.73
C PRO B 206 -7.46 -39.19 16.68
N ALA B 207 -8.57 -38.60 16.23
CA ALA B 207 -9.18 -37.48 16.93
C ALA B 207 -9.92 -37.95 18.17
N VAL B 208 -10.08 -37.02 19.10
CA VAL B 208 -10.92 -37.19 20.27
C VAL B 208 -12.24 -36.46 20.03
N LEU B 209 -13.27 -36.87 20.75
CA LEU B 209 -14.60 -36.31 20.58
C LEU B 209 -15.09 -35.76 21.92
N GLN B 210 -15.32 -34.46 21.97
CA GLN B 210 -15.92 -33.83 23.15
C GLN B 210 -17.44 -33.98 23.09
N SER B 211 -18.07 -33.88 24.27
CA SER B 211 -19.53 -33.97 24.34
C SER B 211 -20.19 -32.85 23.55
N SER B 212 -19.48 -31.76 23.27
CA SER B 212 -20.01 -30.67 22.47
C SER B 212 -20.23 -31.07 21.01
N GLY B 213 -19.79 -32.25 20.60
CA GLY B 213 -19.86 -32.65 19.21
C GLY B 213 -18.66 -32.27 18.38
N LEU B 214 -17.69 -31.57 18.96
CA LEU B 214 -16.52 -31.10 18.22
C LEU B 214 -15.34 -32.03 18.44
N TYR B 215 -14.59 -32.28 17.37
CA TYR B 215 -13.43 -33.15 17.38
C TYR B 215 -12.15 -32.33 17.54
N SER B 216 -11.12 -32.99 18.06
CA SER B 216 -9.77 -32.43 18.10
C SER B 216 -8.77 -33.56 17.89
N LEU B 217 -7.67 -33.24 17.21
CA LEU B 217 -6.60 -34.21 17.04
C LEU B 217 -5.28 -33.46 17.02
N SER B 218 -4.18 -34.22 17.07
CA SER B 218 -2.86 -33.63 17.11
C SER B 218 -1.95 -34.37 16.15
N SER B 219 -1.04 -33.64 15.52
CA SER B 219 0.02 -34.24 14.73
C SER B 219 1.35 -33.82 15.32
N MET B 220 2.25 -34.77 15.53
CA MET B 220 3.56 -34.45 16.08
C MET B 220 4.66 -34.93 15.16
N VAL B 221 5.82 -34.30 15.27
CA VAL B 221 6.99 -34.67 14.50
C VAL B 221 8.21 -34.61 15.42
N THR B 222 9.10 -35.59 15.24
CA THR B 222 10.38 -35.67 15.93
C THR B 222 11.48 -35.39 14.92
N VAL B 223 12.37 -34.47 15.27
CA VAL B 223 13.43 -34.03 14.35
C VAL B 223 14.74 -33.99 15.13
N PRO B 224 15.87 -34.10 14.44
CA PRO B 224 17.16 -34.05 15.15
C PRO B 224 17.36 -32.73 15.89
N GLY B 225 18.16 -32.79 16.95
CA GLY B 225 18.42 -31.60 17.74
C GLY B 225 19.12 -30.50 16.98
N SER B 226 19.92 -30.86 15.97
CA SER B 226 20.64 -29.86 15.19
C SER B 226 19.70 -29.17 14.20
N THR B 227 18.58 -28.64 14.71
CA THR B 227 17.64 -27.90 13.88
C THR B 227 17.17 -26.63 14.59
N SER B 228 17.96 -26.09 15.51
CA SER B 228 17.55 -24.92 16.25
C SER B 228 17.37 -23.73 15.33
N GLY B 229 16.31 -22.97 15.55
CA GLY B 229 15.95 -21.85 14.71
C GLY B 229 15.10 -22.21 13.51
N GLN B 230 15.07 -23.48 13.12
CA GLN B 230 14.30 -23.89 11.95
C GLN B 230 12.81 -23.83 12.25
N THR B 231 12.04 -23.54 11.20
CA THR B 231 10.58 -23.54 11.25
C THR B 231 10.04 -24.78 10.56
N PHE B 232 8.97 -25.35 11.12
CA PHE B 232 8.26 -26.48 10.52
C PHE B 232 6.79 -26.13 10.44
N THR B 233 6.22 -26.21 9.26
CA THR B 233 4.84 -25.77 9.04
C THR B 233 3.94 -26.98 8.92
N CYS B 234 2.91 -27.04 9.75
CA CYS B 234 1.89 -28.07 9.60
C CYS B 234 0.76 -27.51 8.73
N ASN B 235 0.35 -28.32 7.77
CA ASN B 235 -0.69 -27.98 6.82
C ASN B 235 -1.90 -28.84 7.16
N VAL B 236 -2.97 -28.20 7.60
CA VAL B 236 -4.19 -28.84 8.07
C VAL B 236 -5.29 -28.58 7.05
N ALA B 237 -5.96 -29.65 6.63
CA ALA B 237 -7.10 -29.54 5.75
C ALA B 237 -8.35 -30.02 6.48
N HIS B 238 -9.39 -29.19 6.44
CA HIS B 238 -10.73 -29.56 6.87
C HIS B 238 -11.62 -29.42 5.63
N PRO B 239 -11.75 -30.49 4.84
CA PRO B 239 -12.51 -30.38 3.58
C PRO B 239 -13.97 -30.07 3.78
N ALA B 240 -14.58 -30.54 4.87
CA ALA B 240 -16.00 -30.34 5.06
C ALA B 240 -16.34 -28.84 5.09
N SER B 241 -15.46 -28.03 5.67
CA SER B 241 -15.65 -26.60 5.71
C SER B 241 -14.88 -25.90 4.59
N SER B 242 -14.29 -26.67 3.69
CA SER B 242 -13.45 -26.12 2.62
C SER B 242 -12.41 -25.16 3.21
N THR B 243 -11.75 -25.63 4.27
CA THR B 243 -10.77 -24.80 4.97
C THR B 243 -9.40 -25.46 4.94
N LYS B 244 -8.37 -24.64 4.80
CA LYS B 244 -6.99 -25.08 4.86
C LYS B 244 -6.19 -24.06 5.67
N VAL B 245 -5.43 -24.55 6.65
CA VAL B 245 -4.69 -23.72 7.58
C VAL B 245 -3.23 -24.18 7.61
N ASP B 246 -2.31 -23.25 7.44
CA ASP B 246 -0.89 -23.52 7.61
C ASP B 246 -0.41 -22.84 8.87
N LYS B 247 0.23 -23.60 9.76
CA LYS B 247 0.74 -23.06 11.02
C LYS B 247 2.24 -23.32 11.12
N ALA B 248 3.01 -22.24 11.20
CA ALA B 248 4.46 -22.31 11.32
C ALA B 248 4.83 -22.47 12.79
N VAL B 249 5.58 -23.52 13.09
CA VAL B 249 5.98 -23.85 14.46
C VAL B 249 7.50 -23.75 14.55
N GLU B 250 7.98 -22.96 15.50
CA GLU B 250 9.42 -22.82 15.74
C GLU B 250 9.70 -23.00 17.23
N PRO B 251 10.39 -24.06 17.64
CA PRO B 251 10.70 -24.22 19.06
C PRO B 251 11.40 -23.00 19.64
N LYS B 252 11.04 -22.66 20.88
CA LYS B 252 11.58 -21.49 21.56
C LYS B 252 12.90 -21.84 22.23
N VAL C 3 -21.81 18.69 29.53
CA VAL C 3 -21.60 18.82 28.10
C VAL C 3 -22.40 20.02 27.58
N LEU C 4 -21.75 20.85 26.77
CA LEU C 4 -22.44 21.97 26.13
C LEU C 4 -23.23 21.47 24.94
N ASN C 5 -24.45 21.98 24.79
CA ASN C 5 -25.38 21.44 23.80
C ASN C 5 -25.11 22.06 22.42
N GLN C 6 -24.83 21.20 21.44
CA GLN C 6 -24.69 21.59 20.05
C GLN C 6 -25.64 20.77 19.18
N PRO C 7 -26.12 21.32 18.07
CA PRO C 7 -26.86 20.49 17.12
C PRO C 7 -25.95 19.39 16.61
N SER C 8 -26.51 18.19 16.42
CA SER C 8 -25.68 17.06 16.04
C SER C 8 -25.09 17.26 14.66
N SER C 9 -25.85 17.86 13.74
CA SER C 9 -25.37 18.11 12.40
C SER C 9 -25.95 19.42 11.88
N VAL C 10 -25.21 20.05 10.98
CA VAL C 10 -25.67 21.23 10.27
C VAL C 10 -25.16 21.14 8.83
N SER C 11 -25.88 21.79 7.93
CA SER C 11 -25.55 21.73 6.51
C SER C 11 -25.59 23.13 5.89
N GLY C 12 -24.59 23.42 5.05
CA GLY C 12 -24.59 24.63 4.26
C GLY C 12 -24.15 24.32 2.85
N SER C 13 -24.26 25.33 1.99
CA SER C 13 -23.84 25.19 0.61
C SER C 13 -22.51 25.90 0.37
N LEU C 14 -21.82 25.47 -0.67
CA LEU C 14 -20.52 26.05 -1.00
C LEU C 14 -20.65 27.55 -1.24
N GLY C 15 -19.81 28.32 -0.56
CA GLY C 15 -19.86 29.76 -0.67
C GLY C 15 -20.92 30.44 0.18
N GLN C 16 -21.80 29.69 0.82
CA GLN C 16 -22.86 30.27 1.64
C GLN C 16 -22.37 30.38 3.08
N ARG C 17 -23.29 30.65 4.00
CA ARG C 17 -22.96 30.89 5.39
C ARG C 17 -23.79 29.97 6.28
N VAL C 18 -23.15 29.39 7.29
CA VAL C 18 -23.81 28.50 8.23
C VAL C 18 -23.44 28.91 9.65
N SER C 19 -24.32 28.58 10.59
CA SER C 19 -24.15 28.92 11.99
C SER C 19 -24.34 27.69 12.86
N ILE C 20 -23.46 27.57 13.86
CA ILE C 20 -23.42 26.44 14.78
C ILE C 20 -23.53 27.00 16.18
N THR C 21 -24.52 26.52 16.93
CA THR C 21 -24.77 27.04 18.27
C THR C 21 -24.16 26.13 19.34
N CYS C 22 -23.95 26.74 20.51
CA CYS C 22 -23.31 26.11 21.67
C CYS C 22 -24.03 26.68 22.90
N SER C 23 -24.98 25.93 23.44
CA SER C 23 -25.80 26.38 24.56
C SER C 23 -25.26 25.80 25.86
N GLY C 24 -25.08 26.65 26.85
CA GLY C 24 -24.59 26.22 28.14
C GLY C 24 -25.37 26.86 29.28
N SER C 25 -24.66 27.28 30.32
CA SER C 25 -25.27 27.90 31.50
C SER C 25 -24.44 29.10 31.92
N SER C 26 -24.90 29.79 32.96
CA SER C 26 -24.20 30.98 33.43
C SER C 26 -22.80 30.65 33.94
N SER C 27 -22.58 29.41 34.39
CA SER C 27 -21.30 29.03 34.97
C SER C 27 -20.24 28.69 33.93
N ASN C 28 -20.62 28.51 32.66
CA ASN C 28 -19.61 28.28 31.63
C ASN C 28 -19.76 29.31 30.50
N VAL C 29 -20.67 29.05 29.55
CA VAL C 29 -20.83 29.94 28.41
C VAL C 29 -21.12 31.36 28.86
N GLY C 30 -21.89 31.52 29.94
CA GLY C 30 -22.29 32.85 30.40
C GLY C 30 -21.14 33.71 30.89
N ASN C 31 -20.01 33.11 31.25
CA ASN C 31 -18.86 33.88 31.70
C ASN C 31 -18.08 34.51 30.54
N GLY C 32 -18.40 34.17 29.30
CA GLY C 32 -17.98 34.96 28.16
C GLY C 32 -16.61 34.67 27.59
N TYR C 33 -16.10 33.44 27.74
CA TYR C 33 -14.81 33.04 27.19
CA TYR C 33 -14.81 33.04 27.19
C TYR C 33 -14.95 31.65 26.57
N VAL C 34 -15.68 31.59 25.48
CA VAL C 34 -15.93 30.34 24.76
C VAL C 34 -14.88 30.20 23.67
N SER C 35 -14.49 28.97 23.39
CA SER C 35 -13.58 28.68 22.30
C SER C 35 -14.21 27.68 21.35
N TRP C 36 -13.71 27.65 20.12
CA TRP C 36 -14.22 26.79 19.07
C TRP C 36 -13.05 26.09 18.36
N TYR C 37 -13.28 24.80 18.04
CA TYR C 37 -12.26 23.89 17.52
C TYR C 37 -12.80 23.12 16.32
N GLN C 38 -11.91 22.88 15.37
CA GLN C 38 -12.21 22.14 14.14
C GLN C 38 -11.49 20.80 14.19
N LEU C 39 -12.22 19.74 13.87
CA LEU C 39 -11.70 18.37 13.93
C LEU C 39 -11.97 17.69 12.61
N ILE C 40 -10.93 17.44 11.84
CA ILE C 40 -10.98 16.64 10.63
C ILE C 40 -10.36 15.29 10.93
N PRO C 41 -11.03 14.18 10.61
CA PRO C 41 -10.45 12.87 10.95
C PRO C 41 -9.05 12.71 10.38
N GLY C 42 -8.17 12.09 11.16
CA GLY C 42 -6.76 11.94 10.82
C GLY C 42 -5.91 13.10 11.28
N SER C 43 -6.45 14.31 11.23
CA SER C 43 -5.72 15.51 11.62
C SER C 43 -5.89 15.78 13.12
N ALA C 44 -4.94 16.52 13.67
CA ALA C 44 -5.10 17.01 15.02
C ALA C 44 -6.18 18.08 15.06
N PRO C 45 -6.89 18.21 16.18
CA PRO C 45 -7.87 19.30 16.30
C PRO C 45 -7.20 20.65 16.13
N ARG C 46 -8.00 21.61 15.62
CA ARG C 46 -7.52 22.94 15.29
C ARG C 46 -8.31 23.97 16.08
N THR C 47 -7.61 24.83 16.83
CA THR C 47 -8.27 25.90 17.56
C THR C 47 -8.65 27.01 16.60
N LEU C 48 -9.95 27.33 16.57
CA LEU C 48 -10.46 28.37 15.68
C LEU C 48 -10.66 29.68 16.43
N ILE C 49 -11.44 29.65 17.52
CA ILE C 49 -11.84 30.86 18.20
C ILE C 49 -11.54 30.73 19.67
N TYR C 50 -11.16 31.83 20.31
CA TYR C 50 -11.07 31.88 21.76
C TYR C 50 -11.64 33.20 22.25
N GLY C 51 -12.08 33.20 23.51
CA GLY C 51 -12.63 34.40 24.11
C GLY C 51 -13.86 34.93 23.40
N ASP C 52 -14.73 34.04 22.94
CA ASP C 52 -15.96 34.40 22.24
C ASP C 52 -15.69 34.86 20.81
N THR C 53 -14.78 35.82 20.63
CA THR C 53 -14.68 36.54 19.37
C THR C 53 -13.28 36.57 18.75
N SER C 54 -12.24 36.15 19.46
CA SER C 54 -10.88 36.27 18.95
C SER C 54 -10.54 35.10 18.04
N ARG C 55 -9.94 35.40 16.89
CA ARG C 55 -9.48 34.37 15.96
C ARG C 55 -8.08 33.91 16.34
N ALA C 56 -7.91 32.59 16.44
CA ALA C 56 -6.60 32.02 16.69
C ALA C 56 -5.69 32.25 15.49
N SER C 57 -4.40 31.96 15.68
CA SER C 57 -3.42 32.15 14.62
C SER C 57 -3.81 31.36 13.38
N GLY C 58 -3.62 31.97 12.22
CA GLY C 58 -3.84 31.31 10.94
C GLY C 58 -5.28 31.08 10.56
N VAL C 59 -6.23 31.55 11.36
CA VAL C 59 -7.66 31.34 11.09
C VAL C 59 -8.17 32.55 10.29
N PRO C 60 -8.71 32.34 9.09
CA PRO C 60 -9.14 33.49 8.26
C PRO C 60 -10.40 34.13 8.80
N ASP C 61 -10.69 35.32 8.25
CA ASP C 61 -11.76 36.17 8.77
C ASP C 61 -13.15 35.65 8.42
N ARG C 62 -13.27 34.58 7.63
CA ARG C 62 -14.57 34.02 7.33
C ARG C 62 -15.12 33.18 8.48
N PHE C 63 -14.28 32.82 9.45
CA PHE C 63 -14.74 32.30 10.73
C PHE C 63 -14.97 33.46 11.68
N SER C 64 -16.10 33.45 12.37
CA SER C 64 -16.33 34.48 13.38
C SER C 64 -17.15 33.92 14.53
N GLY C 65 -16.82 34.35 15.74
CA GLY C 65 -17.50 33.89 16.94
C GLY C 65 -18.27 35.03 17.58
N SER C 66 -19.42 34.69 18.17
CA SER C 66 -20.22 35.65 18.90
C SER C 66 -20.92 34.94 20.04
N ARG C 67 -21.56 35.71 20.91
CA ARG C 67 -22.25 35.14 22.04
C ARG C 67 -23.38 36.06 22.48
N SER C 68 -24.50 35.44 22.85
CA SER C 68 -25.61 36.13 23.51
C SER C 68 -25.95 35.32 24.75
N GLY C 69 -25.75 35.92 25.92
CA GLY C 69 -26.07 35.25 27.16
C GLY C 69 -25.38 33.92 27.25
N ASN C 70 -26.16 32.85 27.39
CA ASN C 70 -25.63 31.51 27.57
C ASN C 70 -25.53 30.71 26.28
N THR C 71 -25.61 31.38 25.13
CA THR C 71 -25.50 30.71 23.84
C THR C 71 -24.40 31.39 23.03
N ALA C 72 -23.39 30.62 22.66
CA ALA C 72 -22.33 31.07 21.77
C ALA C 72 -22.61 30.55 20.36
N THR C 73 -22.13 31.28 19.36
CA THR C 73 -22.34 30.93 17.96
C THR C 73 -21.03 31.03 17.20
N LEU C 74 -20.72 29.97 16.45
CA LEU C 74 -19.69 30.00 15.43
C LEU C 74 -20.38 30.19 14.08
N THR C 75 -19.98 31.23 13.36
CA THR C 75 -20.47 31.46 12.01
C THR C 75 -19.34 31.24 11.04
N ILE C 76 -19.62 30.44 10.01
CA ILE C 76 -18.68 30.19 8.92
C ILE C 76 -19.30 30.76 7.66
N SER C 77 -18.63 31.74 7.07
CA SER C 77 -19.03 32.34 5.81
C SER C 77 -18.16 31.79 4.68
N SER C 78 -18.63 32.00 3.45
CA SER C 78 -17.92 31.55 2.26
C SER C 78 -17.46 30.10 2.43
N LEU C 79 -18.42 29.23 2.76
CA LEU C 79 -18.13 27.82 3.00
C LEU C 79 -17.27 27.24 1.88
N GLN C 80 -16.18 26.61 2.27
CA GLN C 80 -15.31 25.88 1.35
C GLN C 80 -15.41 24.39 1.63
N ALA C 81 -14.98 23.60 0.65
CA ALA C 81 -15.07 22.14 0.77
C ALA C 81 -14.33 21.65 2.00
N GLU C 82 -13.16 22.22 2.29
CA GLU C 82 -12.34 21.76 3.41
C GLU C 82 -12.92 22.11 4.77
N ASP C 83 -14.09 22.76 4.83
CA ASP C 83 -14.76 23.02 6.09
C ASP C 83 -15.59 21.82 6.58
N GLU C 84 -15.78 20.79 5.76
CA GLU C 84 -16.39 19.56 6.25
C GLU C 84 -15.57 19.01 7.40
N ALA C 85 -16.18 18.92 8.58
CA ALA C 85 -15.46 18.57 9.79
C ALA C 85 -16.46 18.53 10.95
N ASP C 86 -15.96 18.10 12.10
CA ASP C 86 -16.70 18.22 13.35
C ASP C 86 -16.22 19.48 14.07
N TYR C 87 -17.16 20.27 14.56
CA TYR C 87 -16.86 21.52 15.26
C TYR C 87 -17.32 21.38 16.71
N PHE C 88 -16.42 21.72 17.64
CA PHE C 88 -16.67 21.59 19.07
C PHE C 88 -16.47 22.94 19.73
N CYS C 89 -17.39 23.31 20.63
CA CYS C 89 -17.12 24.45 21.50
C CYS C 89 -16.54 23.98 22.83
N ALA C 90 -16.01 24.93 23.60
CA ALA C 90 -15.51 24.62 24.93
C ALA C 90 -15.55 25.89 25.78
N SER C 91 -15.50 25.68 27.11
CA SER C 91 -15.50 26.79 28.04
C SER C 91 -15.05 26.31 29.41
N ALA C 92 -14.45 27.22 30.16
CA ALA C 92 -14.15 26.97 31.55
C ALA C 92 -15.46 26.83 32.35
N GLU C 93 -15.37 26.14 33.47
CA GLU C 93 -16.53 25.86 34.32
C GLU C 93 -16.19 26.31 35.74
N ASP C 94 -16.86 27.35 36.21
CA ASP C 94 -16.60 27.89 37.54
C ASP C 94 -15.16 28.40 37.64
N SER C 95 -14.21 27.49 37.75
CA SER C 95 -12.80 27.83 37.86
C SER C 95 -12.13 27.79 36.49
N SER C 96 -10.94 28.39 36.42
CA SER C 96 -10.13 28.31 35.21
C SER C 96 -9.41 26.98 35.07
N SER C 97 -9.54 26.08 36.06
CA SER C 97 -8.99 24.74 35.92
C SER C 97 -9.97 23.83 35.18
N ASN C 98 -11.19 23.70 35.70
CA ASN C 98 -12.17 22.79 35.11
C ASN C 98 -12.67 23.33 33.78
N ALA C 99 -12.79 22.43 32.79
CA ALA C 99 -13.20 22.79 31.45
C ALA C 99 -14.25 21.81 30.95
N VAL C 100 -15.03 22.26 29.97
CA VAL C 100 -16.16 21.50 29.43
C VAL C 100 -16.22 21.70 27.93
N PHE C 101 -16.57 20.64 27.22
CA PHE C 101 -16.68 20.63 25.77
C PHE C 101 -18.12 20.41 25.35
N GLY C 102 -18.44 20.86 24.13
CA GLY C 102 -19.74 20.59 23.55
C GLY C 102 -19.85 19.19 23.00
N SER C 103 -21.07 18.82 22.60
CA SER C 103 -21.33 17.49 22.07
C SER C 103 -20.87 17.31 20.63
N GLY C 104 -20.56 18.39 19.93
CA GLY C 104 -20.01 18.28 18.59
C GLY C 104 -21.05 18.48 17.50
N THR C 105 -20.65 19.10 16.40
CA THR C 105 -21.52 19.32 15.25
C THR C 105 -20.80 18.87 14.00
N THR C 106 -21.41 17.97 13.24
CA THR C 106 -20.86 17.56 11.95
C THR C 106 -21.38 18.50 10.87
N LEU C 107 -20.47 19.14 10.14
CA LEU C 107 -20.82 20.07 9.09
C LEU C 107 -20.69 19.40 7.74
N THR C 108 -21.81 19.28 7.02
CA THR C 108 -21.81 18.90 5.61
C THR C 108 -21.92 20.19 4.79
N VAL C 109 -21.03 20.35 3.82
CA VAL C 109 -21.15 21.44 2.86
C VAL C 109 -21.51 20.83 1.50
N LEU C 110 -22.66 21.24 0.98
CA LEU C 110 -23.17 20.76 -0.29
C LEU C 110 -22.65 21.65 -1.43
N GLY C 111 -22.92 21.21 -2.65
CA GLY C 111 -22.42 21.93 -3.81
C GLY C 111 -21.01 21.56 -4.20
N GLN C 112 -20.49 20.45 -3.69
CA GLN C 112 -19.21 19.90 -4.11
C GLN C 112 -19.42 18.90 -5.23
N PRO C 113 -18.42 18.69 -6.09
CA PRO C 113 -18.51 17.56 -7.03
C PRO C 113 -18.69 16.27 -6.26
N LYS C 114 -19.68 15.48 -6.68
CA LYS C 114 -20.19 14.36 -5.90
C LYS C 114 -19.95 13.05 -6.61
N SER C 115 -19.64 12.02 -5.83
CA SER C 115 -19.67 10.63 -6.30
C SER C 115 -20.39 9.84 -5.21
N PRO C 116 -21.56 9.28 -5.48
CA PRO C 116 -22.31 8.60 -4.41
C PRO C 116 -21.62 7.31 -4.01
N PRO C 117 -21.91 6.79 -2.82
CA PRO C 117 -21.28 5.54 -2.40
C PRO C 117 -21.98 4.32 -2.98
N SER C 118 -21.18 3.36 -3.38
CA SER C 118 -21.65 2.00 -3.65
C SER C 118 -21.64 1.23 -2.35
N VAL C 119 -22.75 0.54 -2.06
CA VAL C 119 -22.98 -0.13 -0.79
C VAL C 119 -23.31 -1.60 -1.06
N THR C 120 -22.58 -2.49 -0.39
CA THR C 120 -22.88 -3.93 -0.40
C THR C 120 -23.06 -4.40 1.03
N LEU C 121 -24.19 -5.05 1.31
CA LEU C 121 -24.49 -5.55 2.65
C LEU C 121 -24.56 -7.08 2.62
N PHE C 122 -23.62 -7.72 3.33
CA PHE C 122 -23.50 -9.17 3.40
C PHE C 122 -24.11 -9.69 4.70
N PRO C 123 -24.99 -10.68 4.60
CA PRO C 123 -25.53 -11.32 5.79
C PRO C 123 -24.49 -12.23 6.44
N PRO C 124 -24.75 -12.75 7.63
CA PRO C 124 -23.83 -13.71 8.23
C PRO C 124 -23.83 -15.02 7.48
N SER C 125 -22.67 -15.69 7.49
CA SER C 125 -22.54 -17.00 6.87
C SER C 125 -23.09 -18.10 7.75
N THR C 126 -23.50 -19.19 7.10
CA THR C 126 -23.99 -20.37 7.82
C THR C 126 -22.95 -20.88 8.81
N GLU C 127 -21.68 -20.91 8.38
CA GLU C 127 -20.60 -21.37 9.24
C GLU C 127 -20.54 -20.54 10.52
N GLU C 128 -20.45 -19.21 10.39
CA GLU C 128 -20.38 -18.36 11.59
C GLU C 128 -21.61 -18.56 12.46
N LEU C 129 -22.78 -18.74 11.85
CA LEU C 129 -23.98 -18.98 12.64
C LEU C 129 -23.90 -20.30 13.40
N ASN C 130 -23.17 -21.29 12.86
CA ASN C 130 -23.00 -22.54 13.60
C ASN C 130 -22.19 -22.35 14.87
N GLY C 131 -21.46 -21.25 14.98
CA GLY C 131 -20.73 -20.91 16.19
C GLY C 131 -21.45 -19.88 17.03
N ASN C 132 -22.74 -19.68 16.74
CA ASN C 132 -23.61 -18.80 17.53
C ASN C 132 -23.17 -17.34 17.45
N LYS C 133 -22.62 -16.94 16.30
CA LYS C 133 -22.30 -15.56 16.02
C LYS C 133 -22.85 -15.19 14.64
N ALA C 134 -23.14 -13.89 14.47
CA ALA C 134 -23.71 -13.40 13.22
C ALA C 134 -23.20 -11.99 12.98
N THR C 135 -22.24 -11.84 12.07
CA THR C 135 -21.66 -10.54 11.74
C THR C 135 -22.24 -10.07 10.41
N LEU C 136 -22.86 -8.89 10.42
CA LEU C 136 -23.33 -8.23 9.21
C LEU C 136 -22.27 -7.26 8.72
N VAL C 137 -21.96 -7.31 7.43
CA VAL C 137 -20.82 -6.60 6.87
C VAL C 137 -21.33 -5.62 5.82
N CYS C 138 -21.08 -4.33 6.03
CA CYS C 138 -21.49 -3.27 5.11
C CYS C 138 -20.24 -2.64 4.52
N LEU C 139 -20.05 -2.82 3.22
CA LEU C 139 -18.87 -2.35 2.51
C LEU C 139 -19.27 -1.18 1.61
N ILE C 140 -18.49 -0.11 1.68
CA ILE C 140 -18.85 1.19 1.12
C ILE C 140 -17.66 1.66 0.31
N SER C 141 -17.88 1.98 -0.97
CA SER C 141 -16.76 2.29 -1.84
C SER C 141 -17.14 3.38 -2.84
N ASP C 142 -16.12 4.05 -3.37
CA ASP C 142 -16.26 4.94 -4.53
C ASP C 142 -17.02 6.20 -4.20
N PHE C 143 -16.97 6.69 -2.96
CA PHE C 143 -17.65 7.93 -2.64
C PHE C 143 -16.65 9.08 -2.49
N TYR C 144 -17.12 10.27 -2.85
CA TYR C 144 -16.33 11.48 -2.75
C TYR C 144 -17.28 12.68 -2.61
N PRO C 145 -16.97 13.63 -1.71
CA PRO C 145 -15.82 13.73 -0.80
C PRO C 145 -15.76 12.60 0.24
N GLY C 146 -14.62 12.46 0.89
CA GLY C 146 -14.37 11.33 1.77
C GLY C 146 -15.02 11.43 3.12
N SER C 147 -16.34 11.53 3.13
CA SER C 147 -17.10 11.67 4.38
C SER C 147 -18.45 11.00 4.21
N VAL C 148 -18.76 10.06 5.09
CA VAL C 148 -20.08 9.44 5.13
C VAL C 148 -20.51 9.30 6.58
N THR C 149 -21.81 9.14 6.78
CA THR C 149 -22.35 8.75 8.08
C THR C 149 -23.15 7.48 7.91
N VAL C 150 -22.84 6.46 8.71
CA VAL C 150 -23.46 5.15 8.59
C VAL C 150 -24.41 4.95 9.76
N VAL C 151 -25.63 4.53 9.45
CA VAL C 151 -26.65 4.21 10.45
C VAL C 151 -27.16 2.81 10.16
N TRP C 152 -27.20 1.96 11.18
CA TRP C 152 -27.80 0.64 11.08
C TRP C 152 -29.22 0.69 11.63
N LYS C 153 -30.12 -0.08 11.02
CA LYS C 153 -31.50 -0.12 11.48
C LYS C 153 -32.02 -1.54 11.49
N ALA C 154 -32.93 -1.83 12.42
CA ALA C 154 -33.66 -3.09 12.43
C ALA C 154 -35.12 -2.80 12.72
N ASP C 155 -35.99 -3.30 11.84
CA ASP C 155 -37.43 -3.13 11.97
C ASP C 155 -37.79 -1.67 12.28
N GLY C 156 -37.08 -0.76 11.65
CA GLY C 156 -37.40 0.65 11.73
C GLY C 156 -36.75 1.40 12.88
N SER C 157 -35.86 0.79 13.64
CA SER C 157 -35.23 1.45 14.78
C SER C 157 -33.71 1.41 14.64
N THR C 158 -33.09 2.54 14.92
CA THR C 158 -31.64 2.63 14.84
C THR C 158 -30.97 1.71 15.85
N ILE C 159 -29.90 1.05 15.40
CA ILE C 159 -29.06 0.20 16.23
C ILE C 159 -27.80 0.97 16.57
N THR C 160 -27.41 0.95 17.83
CA THR C 160 -26.12 1.50 18.25
C THR C 160 -25.17 0.44 18.79
N ARG C 161 -25.67 -0.48 19.61
CA ARG C 161 -24.80 -1.47 20.23
C ARG C 161 -24.21 -2.40 19.18
N ASN C 162 -22.92 -2.67 19.32
CA ASN C 162 -22.21 -3.64 18.51
C ASN C 162 -21.98 -3.16 17.08
N VAL C 163 -22.02 -1.85 16.86
CA VAL C 163 -21.69 -1.26 15.56
C VAL C 163 -20.28 -0.71 15.64
N GLU C 164 -19.47 -1.02 14.63
CA GLU C 164 -18.15 -0.42 14.49
C GLU C 164 -17.98 0.02 13.06
N THR C 165 -17.55 1.27 12.86
CA THR C 165 -17.43 1.84 11.53
C THR C 165 -16.02 2.42 11.39
N THR C 166 -15.37 2.09 10.28
CA THR C 166 -14.05 2.63 10.00
C THR C 166 -14.14 4.10 9.63
N ARG C 167 -13.01 4.79 9.74
CA ARG C 167 -12.86 6.06 9.07
C ARG C 167 -12.83 5.84 7.56
N ALA C 168 -13.05 6.93 6.83
CA ALA C 168 -12.92 6.87 5.38
C ALA C 168 -11.44 6.78 5.00
N SER C 169 -11.14 5.93 4.03
CA SER C 169 -9.78 5.74 3.56
C SER C 169 -9.74 5.92 2.04
N LYS C 170 -8.63 6.46 1.55
CA LYS C 170 -8.51 6.85 0.15
C LYS C 170 -8.26 5.62 -0.72
N GLN C 171 -9.00 5.50 -1.81
CA GLN C 171 -8.77 4.45 -2.81
C GLN C 171 -7.72 4.90 -3.81
N SER C 172 -7.32 3.97 -4.69
CA SER C 172 -6.37 4.29 -5.73
C SER C 172 -6.93 5.29 -6.74
N ASN C 173 -8.25 5.35 -6.89
CA ASN C 173 -8.89 6.25 -7.85
C ASN C 173 -9.26 7.60 -7.22
N SER C 174 -8.69 7.92 -6.06
CA SER C 174 -8.87 9.19 -5.35
C SER C 174 -10.26 9.33 -4.73
N LYS C 175 -11.12 8.33 -4.84
CA LYS C 175 -12.36 8.31 -4.10
C LYS C 175 -12.10 7.63 -2.76
N TYR C 176 -13.15 7.33 -2.00
CA TYR C 176 -12.97 6.85 -0.64
C TYR C 176 -13.77 5.58 -0.40
N ALA C 177 -13.30 4.80 0.57
CA ALA C 177 -13.93 3.57 1.01
C ALA C 177 -14.04 3.56 2.53
N ALA C 178 -15.01 2.79 3.02
CA ALA C 178 -15.20 2.59 4.44
C ALA C 178 -16.00 1.31 4.62
N SER C 179 -16.05 0.82 5.85
CA SER C 179 -16.84 -0.37 6.13
C SER C 179 -17.42 -0.25 7.53
N SER C 180 -18.55 -0.90 7.73
CA SER C 180 -19.22 -0.95 9.03
C SER C 180 -19.66 -2.38 9.33
N TYR C 181 -19.53 -2.76 10.60
CA TYR C 181 -19.79 -4.12 11.05
C TYR C 181 -20.79 -4.10 12.19
N LEU C 182 -21.82 -4.92 12.07
CA LEU C 182 -22.79 -5.13 13.15
C LEU C 182 -22.59 -6.55 13.68
N SER C 183 -22.06 -6.66 14.89
CA SER C 183 -21.71 -7.95 15.49
C SER C 183 -22.83 -8.38 16.43
N LEU C 184 -23.53 -9.44 16.06
CA LEU C 184 -24.65 -9.99 16.82
C LEU C 184 -24.36 -11.43 17.22
N THR C 185 -25.18 -11.93 18.14
CA THR C 185 -25.31 -13.36 18.32
C THR C 185 -26.27 -13.92 17.27
N SER C 186 -26.23 -15.24 17.09
CA SER C 186 -27.10 -15.86 16.10
C SER C 186 -28.56 -15.66 16.46
N SER C 187 -28.89 -15.76 17.75
CA SER C 187 -30.28 -15.55 18.18
C SER C 187 -30.73 -14.12 17.91
N ASP C 188 -29.88 -13.14 18.23
CA ASP C 188 -30.20 -11.74 17.91
C ASP C 188 -30.50 -11.59 16.43
N TRP C 189 -29.62 -12.15 15.59
CA TRP C 189 -29.81 -12.08 14.14
C TRP C 189 -31.19 -12.60 13.75
N LYS C 190 -31.57 -13.76 14.30
CA LYS C 190 -32.86 -14.34 13.95
C LYS C 190 -34.04 -13.61 14.58
N SER C 191 -33.80 -12.72 15.55
CA SER C 191 -34.90 -12.08 16.26
C SER C 191 -35.55 -10.92 15.50
N LYS C 192 -34.99 -10.48 14.37
CA LYS C 192 -35.51 -9.32 13.66
C LYS C 192 -35.95 -9.68 12.25
N GLY C 193 -36.94 -8.93 11.75
CA GLY C 193 -37.44 -9.17 10.40
C GLY C 193 -36.53 -8.66 9.31
N SER C 194 -35.82 -7.56 9.55
CA SER C 194 -34.96 -6.98 8.52
C SER C 194 -33.91 -6.07 9.16
N TYR C 195 -32.71 -6.08 8.59
CA TYR C 195 -31.63 -5.18 8.97
C TYR C 195 -31.23 -4.33 7.77
N SER C 196 -30.87 -3.08 8.03
CA SER C 196 -30.48 -2.16 6.97
C SER C 196 -29.23 -1.38 7.34
N CYS C 197 -28.40 -1.16 6.32
CA CYS C 197 -27.23 -0.29 6.39
C CYS C 197 -27.56 0.93 5.53
N GLU C 198 -27.68 2.09 6.17
CA GLU C 198 -28.00 3.34 5.51
C GLU C 198 -26.78 4.25 5.54
N VAL C 199 -26.27 4.56 4.35
CA VAL C 199 -25.06 5.35 4.18
C VAL C 199 -25.47 6.72 3.66
N THR C 200 -25.31 7.76 4.49
CA THR C 200 -25.64 9.13 4.11
C THR C 200 -24.37 9.86 3.68
N HIS C 201 -24.46 10.48 2.50
CA HIS C 201 -23.34 11.13 1.87
C HIS C 201 -23.88 12.37 1.17
N GLU C 202 -23.39 13.54 1.58
CA GLU C 202 -23.77 14.82 0.96
C GLU C 202 -25.29 14.92 0.78
N GLY C 203 -26.02 14.62 1.85
CA GLY C 203 -27.46 14.78 1.84
C GLY C 203 -28.26 13.72 1.11
N SER C 204 -27.64 12.63 0.67
CA SER C 204 -28.35 11.57 -0.02
C SER C 204 -28.01 10.23 0.64
N THR C 205 -29.01 9.36 0.75
CA THR C 205 -28.85 8.11 1.48
C THR C 205 -28.95 6.93 0.53
N VAL C 206 -27.95 6.06 0.58
CA VAL C 206 -27.93 4.77 -0.13
C VAL C 206 -28.13 3.69 0.92
N THR C 207 -29.18 2.88 0.76
CA THR C 207 -29.56 1.88 1.75
C THR C 207 -29.50 0.48 1.15
N LYS C 208 -29.00 -0.47 1.94
CA LYS C 208 -29.09 -1.88 1.59
C LYS C 208 -29.67 -2.65 2.76
N THR C 209 -30.45 -3.69 2.45
CA THR C 209 -31.20 -4.42 3.45
C THR C 209 -31.02 -5.93 3.27
N VAL C 210 -31.03 -6.64 4.39
CA VAL C 210 -31.06 -8.10 4.41
C VAL C 210 -32.14 -8.56 5.38
N LYS C 211 -32.88 -9.59 5.00
CA LYS C 211 -33.91 -10.15 5.84
C LYS C 211 -33.51 -11.57 6.24
N PRO C 212 -33.38 -11.89 7.52
CA PRO C 212 -33.01 -13.26 7.89
C PRO C 212 -33.86 -14.34 7.23
N SER C 213 -35.11 -14.05 6.92
CA SER C 213 -36.01 -15.03 6.32
C SER C 213 -35.71 -15.31 4.87
N GLU C 214 -34.64 -14.76 4.28
CA GLU C 214 -34.38 -14.94 2.85
C GLU C 214 -32.89 -15.16 2.55
N CYS C 215 -32.09 -15.48 3.56
CA CYS C 215 -30.66 -15.68 3.37
C CYS C 215 -30.23 -17.07 3.83
N VAL D 2 7.19 23.58 16.11
CA VAL D 2 6.30 23.21 17.21
C VAL D 2 5.77 21.80 16.98
N GLN D 3 5.79 20.98 18.03
CA GLN D 3 5.12 19.68 17.97
C GLN D 3 4.93 19.13 19.37
N LEU D 4 3.72 18.63 19.62
CA LEU D 4 3.40 17.81 20.79
C LEU D 4 3.19 16.38 20.31
N ARG D 5 3.96 15.45 20.85
CA ARG D 5 3.89 14.04 20.46
C ARG D 5 3.51 13.21 21.68
N GLU D 6 2.35 12.57 21.62
CA GLU D 6 1.99 11.57 22.60
C GLU D 6 2.75 10.27 22.32
N SER D 7 2.89 9.45 23.35
CA SER D 7 3.57 8.17 23.22
C SER D 7 3.22 7.31 24.42
N GLY D 8 3.26 6.00 24.20
CA GLY D 8 2.94 5.02 25.21
C GLY D 8 2.23 3.83 24.60
N PRO D 9 1.94 2.82 25.42
CA PRO D 9 1.26 1.64 24.89
C PRO D 9 -0.10 1.97 24.29
N SER D 10 -0.43 1.27 23.21
CA SER D 10 -1.76 1.36 22.61
C SER D 10 -2.70 0.30 23.15
N LEU D 11 -2.19 -0.63 23.94
CA LEU D 11 -2.99 -1.71 24.53
C LEU D 11 -2.75 -1.72 26.02
N VAL D 12 -3.84 -1.75 26.80
CA VAL D 12 -3.76 -1.77 28.26
C VAL D 12 -4.73 -2.84 28.75
N LYS D 13 -4.24 -3.73 29.61
CA LYS D 13 -5.14 -4.72 30.18
C LYS D 13 -6.02 -4.08 31.25
N PRO D 14 -7.26 -4.52 31.39
CA PRO D 14 -8.16 -3.89 32.37
C PRO D 14 -7.59 -3.95 33.78
N SER D 15 -7.90 -2.90 34.55
CA SER D 15 -7.46 -2.77 35.94
C SER D 15 -6.02 -2.31 36.05
N GLN D 16 -5.25 -2.40 34.96
CA GLN D 16 -3.90 -1.89 34.93
C GLN D 16 -3.93 -0.36 34.76
N THR D 17 -2.76 0.25 34.92
CA THR D 17 -2.64 1.71 34.79
C THR D 17 -2.35 2.05 33.34
N LEU D 18 -3.19 2.91 32.77
CA LEU D 18 -2.96 3.45 31.43
C LEU D 18 -2.06 4.67 31.57
N SER D 19 -0.84 4.58 31.05
CA SER D 19 0.15 5.64 31.21
C SER D 19 0.59 6.16 29.85
N LEU D 20 0.55 7.48 29.69
CA LEU D 20 0.99 8.12 28.46
C LEU D 20 1.98 9.22 28.80
N THR D 21 2.68 9.66 27.77
CA THR D 21 3.71 10.68 27.92
C THR D 21 3.64 11.60 26.71
N CYS D 22 3.84 12.88 26.96
CA CYS D 22 3.77 13.90 25.94
C CYS D 22 5.12 14.61 25.91
N THR D 23 5.73 14.60 24.74
CA THR D 23 7.02 15.23 24.53
C THR D 23 6.79 16.42 23.61
N ALA D 24 7.44 17.54 23.92
CA ALA D 24 7.36 18.70 23.07
C ALA D 24 8.69 18.90 22.36
N SER D 25 8.60 19.48 21.16
CA SER D 25 9.78 19.81 20.40
C SER D 25 9.55 21.14 19.69
N GLY D 26 10.57 21.99 19.72
CA GLY D 26 10.50 23.32 19.15
C GLY D 26 10.22 24.42 20.16
N PHE D 27 9.87 24.07 21.39
CA PHE D 27 9.60 25.06 22.41
C PHE D 27 9.75 24.41 23.78
N SER D 28 9.92 25.25 24.79
CA SER D 28 10.08 24.78 26.16
C SER D 28 8.72 24.58 26.82
N LEU D 29 8.60 23.53 27.61
CA LEU D 29 7.36 23.23 28.31
C LEU D 29 7.30 23.85 29.70
N SER D 30 8.43 24.34 30.22
CA SER D 30 8.41 25.02 31.50
C SER D 30 7.59 26.30 31.44
N ASP D 31 7.38 26.85 30.25
CA ASP D 31 6.73 28.15 30.09
C ASP D 31 5.25 28.03 29.74
N LYS D 32 4.67 26.82 29.77
CA LYS D 32 3.29 26.64 29.33
C LYS D 32 2.55 25.62 30.18
N ALA D 33 1.24 25.81 30.24
CA ALA D 33 0.33 24.84 30.85
C ALA D 33 0.02 23.71 29.87
N VAL D 34 0.10 22.47 30.34
CA VAL D 34 -0.13 21.30 29.49
C VAL D 34 -1.33 20.53 29.99
N GLY D 35 -2.21 20.12 29.07
CA GLY D 35 -3.42 19.41 29.41
C GLY D 35 -3.57 18.13 28.61
N TRP D 36 -4.62 17.38 28.96
CA TRP D 36 -4.94 16.11 28.33
C TRP D 36 -6.44 16.07 28.06
N VAL D 37 -6.81 15.74 26.83
CA VAL D 37 -8.19 15.59 26.41
C VAL D 37 -8.31 14.25 25.70
N ARG D 38 -9.40 13.53 25.90
CA ARG D 38 -9.60 12.27 25.19
C ARG D 38 -10.92 12.28 24.43
N GLN D 39 -11.06 11.32 23.52
CA GLN D 39 -12.28 11.15 22.74
C GLN D 39 -12.51 9.66 22.50
N ALA D 40 -13.56 9.12 23.11
CA ALA D 40 -13.96 7.75 22.86
C ALA D 40 -14.46 7.62 21.43
N PRO D 41 -14.48 6.41 20.88
CA PRO D 41 -14.88 6.25 19.47
C PRO D 41 -16.25 6.85 19.21
N GLY D 42 -16.28 7.84 18.31
CA GLY D 42 -17.54 8.45 17.94
C GLY D 42 -18.23 9.21 19.04
N LYS D 43 -17.51 9.65 20.06
CA LYS D 43 -18.09 10.35 21.21
C LYS D 43 -17.54 11.77 21.31
N ALA D 44 -18.03 12.50 22.31
CA ALA D 44 -17.66 13.89 22.49
C ALA D 44 -16.30 14.01 23.16
N LEU D 45 -15.61 15.11 22.86
CA LEU D 45 -14.35 15.42 23.52
C LEU D 45 -14.55 15.51 25.02
N GLU D 46 -13.62 14.94 25.78
CA GLU D 46 -13.69 14.94 27.24
C GLU D 46 -12.39 15.46 27.82
N TRP D 47 -12.47 16.51 28.62
CA TRP D 47 -11.30 17.06 29.28
C TRP D 47 -10.93 16.19 30.49
N LEU D 48 -9.65 15.86 30.60
CA LEU D 48 -9.15 15.05 31.70
C LEU D 48 -8.47 15.88 32.78
N GLY D 49 -7.64 16.83 32.40
CA GLY D 49 -6.98 17.69 33.37
C GLY D 49 -5.84 18.44 32.73
N ASN D 50 -5.20 19.28 33.54
CA ASN D 50 -4.05 20.03 33.11
C ASN D 50 -3.14 20.32 34.30
N ILE D 51 -1.91 20.70 33.98
CA ILE D 51 -0.91 21.08 34.96
C ILE D 51 -0.28 22.38 34.49
N ASP D 52 -0.17 23.34 35.40
CA ASP D 52 0.32 24.67 35.11
C ASP D 52 1.84 24.71 35.18
N THR D 53 2.41 25.87 34.91
CA THR D 53 3.86 26.02 35.01
C THR D 53 4.37 25.77 36.42
N GLY D 54 3.51 25.97 37.42
CA GLY D 54 3.89 25.84 38.81
C GLY D 54 3.60 24.50 39.46
N GLY D 55 3.11 23.52 38.69
CA GLY D 55 2.72 22.26 39.26
C GLY D 55 1.28 22.19 39.75
N ILE D 56 0.53 23.29 39.66
CA ILE D 56 -0.88 23.25 40.02
C ILE D 56 -1.60 22.33 39.05
N THR D 57 -2.40 21.41 39.58
CA THR D 57 -3.10 20.44 38.74
C THR D 57 -4.61 20.63 38.88
N GLY D 58 -5.29 20.66 37.73
CA GLY D 58 -6.74 20.63 37.69
C GLY D 58 -7.20 19.36 36.98
N TYR D 59 -8.19 18.70 37.57
CA TYR D 59 -8.66 17.42 37.06
C TYR D 59 -10.16 17.49 36.81
N ASN D 60 -10.63 16.54 36.02
CA ASN D 60 -12.06 16.38 35.77
C ASN D 60 -12.69 15.80 37.04
N PRO D 61 -13.70 16.44 37.61
CA PRO D 61 -14.25 15.93 38.88
C PRO D 61 -14.68 14.48 38.82
N GLY D 62 -15.26 14.05 37.70
CA GLY D 62 -15.76 12.68 37.62
C GLY D 62 -14.65 11.65 37.60
N LEU D 63 -13.46 12.04 37.13
CA LEU D 63 -12.35 11.12 36.99
C LEU D 63 -11.19 11.47 37.91
N LYS D 64 -11.32 12.55 38.70
CA LYS D 64 -10.20 13.09 39.45
C LYS D 64 -9.48 12.01 40.26
N SER D 65 -10.23 11.06 40.81
CA SER D 65 -9.64 10.07 41.70
C SER D 65 -8.62 9.19 40.98
N ARG D 66 -8.82 8.93 39.69
CA ARG D 66 -7.97 8.01 38.94
C ARG D 66 -6.88 8.70 38.12
N LEU D 67 -6.86 10.02 38.07
CA LEU D 67 -5.92 10.75 37.22
C LEU D 67 -4.67 11.20 37.97
N SER D 68 -3.54 11.17 37.27
CA SER D 68 -2.28 11.69 37.79
C SER D 68 -1.50 12.32 36.65
N ILE D 69 -1.45 13.65 36.61
CA ILE D 69 -0.65 14.38 35.63
C ILE D 69 0.63 14.89 36.30
N THR D 70 1.78 14.50 35.77
CA THR D 70 3.06 14.91 36.33
C THR D 70 3.91 15.61 35.27
N LYS D 71 4.85 16.43 35.75
CA LYS D 71 5.66 17.30 34.90
C LYS D 71 7.13 17.01 35.12
N ASP D 72 7.91 17.03 34.03
CA ASP D 72 9.37 16.88 34.10
C ASP D 72 9.96 17.84 33.07
N ASN D 73 10.36 19.03 33.55
CA ASN D 73 10.89 20.06 32.67
C ASN D 73 12.26 19.70 32.12
N SER D 74 13.04 18.95 32.88
CA SER D 74 14.37 18.55 32.42
C SER D 74 14.27 17.81 31.08
N LYS D 75 13.36 16.85 30.98
CA LYS D 75 13.13 16.15 29.73
C LYS D 75 12.05 16.77 28.85
N ASN D 76 11.45 17.88 29.28
CA ASN D 76 10.44 18.58 28.48
C ASN D 76 9.21 17.69 28.26
N GLN D 77 8.77 17.02 29.31
CA GLN D 77 7.76 15.98 29.21
C GLN D 77 6.65 16.19 30.23
N VAL D 78 5.43 15.81 29.85
CA VAL D 78 4.29 15.71 30.75
C VAL D 78 3.74 14.30 30.70
N SER D 79 3.34 13.76 31.84
CA SER D 79 2.84 12.40 31.92
C SER D 79 1.41 12.34 32.44
N LEU D 80 0.66 11.38 31.93
CA LEU D 80 -0.69 11.10 32.37
C LEU D 80 -0.77 9.66 32.83
N SER D 81 -1.58 9.43 33.86
CA SER D 81 -1.83 8.09 34.36
C SER D 81 -3.28 7.99 34.78
N VAL D 82 -3.94 6.94 34.30
CA VAL D 82 -5.31 6.61 34.65
C VAL D 82 -5.25 5.24 35.32
N SER D 83 -5.51 5.20 36.63
CA SER D 83 -5.45 3.97 37.38
C SER D 83 -6.70 3.11 37.16
N SER D 84 -6.53 1.81 37.36
CA SER D 84 -7.62 0.83 37.25
C SER D 84 -8.43 1.07 35.97
N ALA D 85 -7.77 0.83 34.84
CA ALA D 85 -8.34 1.14 33.54
C ALA D 85 -9.46 0.17 33.20
N THR D 86 -10.51 0.69 32.56
CA THR D 86 -11.65 -0.09 32.11
C THR D 86 -11.84 0.11 30.61
N ALA D 87 -12.84 -0.58 30.05
CA ALA D 87 -13.11 -0.45 28.63
C ALA D 87 -13.61 0.95 28.29
N GLU D 88 -14.29 1.61 29.24
CA GLU D 88 -14.72 2.98 29.03
C GLU D 88 -13.56 3.93 28.82
N ASP D 89 -12.36 3.56 29.26
CA ASP D 89 -11.18 4.39 29.06
C ASP D 89 -10.52 4.19 27.71
N SER D 90 -11.07 3.33 26.84
CA SER D 90 -10.58 3.20 25.48
C SER D 90 -10.90 4.46 24.71
N ALA D 91 -9.90 5.14 24.17
CA ALA D 91 -10.15 6.40 23.52
C ALA D 91 -8.89 6.88 22.80
N THR D 92 -9.05 7.96 22.04
CA THR D 92 -7.92 8.67 21.46
C THR D 92 -7.52 9.79 22.42
N TYR D 93 -6.28 9.75 22.88
CA TYR D 93 -5.77 10.68 23.88
C TYR D 93 -4.91 11.75 23.22
N TYR D 94 -5.27 12.99 23.49
CA TYR D 94 -4.62 14.16 22.94
C TYR D 94 -3.86 14.89 24.05
N CYS D 95 -2.60 15.23 23.77
CA CYS D 95 -1.84 16.16 24.57
C CYS D 95 -2.07 17.57 24.05
N THR D 96 -2.29 18.51 24.97
CA THR D 96 -2.62 19.87 24.58
C THR D 96 -1.71 20.88 25.29
N THR D 97 -1.59 22.03 24.66
CA THR D 97 -0.98 23.21 25.24
C THR D 97 -2.09 24.22 25.44
N VAL D 98 -2.18 24.75 26.66
CA VAL D 98 -3.33 25.47 27.18
C VAL D 98 -2.96 26.88 27.62
N HIS D 99 -3.91 27.80 27.45
CA HIS D 99 -3.80 29.15 27.98
CA HIS D 99 -3.80 29.16 27.98
C HIS D 99 -4.90 29.33 29.01
N GLN D 100 -4.51 29.58 30.26
CA GLN D 100 -5.48 29.76 31.33
C GLN D 100 -5.04 30.89 32.25
N LYS D 101 -5.99 31.77 32.58
CA LYS D 101 -5.80 32.91 33.45
C LYS D 101 -7.10 33.17 34.18
N THR D 102 -6.99 33.60 35.44
CA THR D 102 -8.12 34.09 36.19
C THR D 102 -7.77 35.50 36.66
N LEU D 103 -8.60 36.45 36.28
CA LEU D 103 -8.35 37.87 36.52
C LEU D 103 -9.46 38.41 37.39
N GLU D 104 -9.09 39.12 38.46
CA GLU D 104 -10.04 39.93 39.20
C GLU D 104 -9.92 41.37 38.69
N VAL D 105 -10.99 41.86 38.09
CA VAL D 105 -11.01 43.19 37.49
C VAL D 105 -11.77 44.11 38.42
N ARG D 106 -11.18 45.26 38.73
CA ARG D 106 -11.85 46.26 39.57
C ARG D 106 -12.02 47.53 38.76
N SER D 107 -13.19 48.15 38.93
CA SER D 107 -13.55 49.34 38.18
C SER D 107 -14.41 50.22 39.06
N CYS D 108 -14.65 51.39 38.59
CA CYS D 108 -15.54 52.28 39.32
C CYS D 108 -16.89 52.36 38.64
N PRO D 109 -17.95 52.61 39.40
CA PRO D 109 -19.28 52.71 38.80
C PRO D 109 -19.44 53.99 37.99
N ASP D 110 -20.57 54.04 37.27
CA ASP D 110 -20.87 55.19 36.43
C ASP D 110 -20.88 56.45 37.29
N GLY D 111 -20.13 57.46 36.86
CA GLY D 111 -20.08 58.72 37.57
C GLY D 111 -18.99 58.82 38.61
N SER D 112 -17.97 57.97 38.52
CA SER D 112 -16.85 57.98 39.45
C SER D 112 -15.65 57.41 38.72
N ARG D 113 -14.46 57.69 39.26
CA ARG D 113 -13.25 57.23 38.59
C ARG D 113 -12.19 56.87 39.62
N LEU D 114 -11.15 56.21 39.13
CA LEU D 114 -10.13 55.57 39.95
C LEU D 114 -9.03 56.59 40.24
N ILE D 115 -9.00 57.10 41.46
CA ILE D 115 -7.91 57.93 41.95
C ILE D 115 -7.07 57.05 42.87
N GLY D 116 -5.81 56.84 42.51
CA GLY D 116 -4.97 55.89 43.20
C GLY D 116 -5.54 54.49 43.14
N ASN D 117 -6.15 54.07 44.25
CA ASN D 117 -6.87 52.81 44.35
C ASN D 117 -8.32 52.99 44.75
N ASP D 118 -8.73 54.17 45.19
CA ASP D 118 -10.11 54.39 45.57
C ASP D 118 -10.92 54.99 44.42
N CYS D 119 -12.19 54.61 44.35
CA CYS D 119 -13.13 55.15 43.38
C CYS D 119 -13.80 56.39 43.97
N ARG D 120 -13.47 57.57 43.44
CA ARG D 120 -14.09 58.79 43.93
C ARG D 120 -15.16 59.27 42.95
N ASN D 121 -16.21 59.87 43.50
CA ASN D 121 -17.20 60.60 42.71
C ASN D 121 -16.83 62.08 42.67
N GLU D 122 -17.66 62.89 42.00
CA GLU D 122 -17.29 64.28 41.78
C GLU D 122 -17.26 65.07 43.07
N ASP D 123 -17.99 64.64 44.10
CA ASP D 123 -17.92 65.31 45.40
C ASP D 123 -16.70 64.91 46.22
N GLY D 124 -15.91 63.96 45.75
CA GLY D 124 -14.72 63.54 46.48
C GLY D 124 -14.94 62.44 47.49
N ASP D 125 -16.09 61.77 47.45
CA ASP D 125 -16.43 60.74 48.42
C ASP D 125 -16.03 59.37 47.91
N ASP D 126 -15.51 58.54 48.80
CA ASP D 126 -15.09 57.19 48.44
C ASP D 126 -16.31 56.33 48.17
N VAL D 127 -16.38 55.78 46.96
CA VAL D 127 -17.44 54.88 46.55
C VAL D 127 -16.85 53.49 46.39
N ASN D 128 -17.70 52.48 46.54
CA ASN D 128 -17.23 51.11 46.44
C ASN D 128 -16.95 50.76 44.99
N TYR D 129 -15.96 49.90 44.79
CA TYR D 129 -15.59 49.51 43.45
C TYR D 129 -16.46 48.34 43.00
N ILE D 130 -16.45 48.10 41.69
CA ILE D 130 -17.16 46.96 41.10
C ILE D 130 -16.11 45.90 40.80
N THR D 131 -16.35 44.68 41.27
CA THR D 131 -15.43 43.56 41.09
C THR D 131 -16.09 42.52 40.20
N THR D 132 -15.38 42.16 39.13
CA THR D 132 -15.80 41.09 38.23
C THR D 132 -14.60 40.18 37.98
N PHE D 133 -14.90 38.93 37.63
CA PHE D 133 -13.88 37.92 37.37
C PHE D 133 -13.96 37.48 35.93
N ASP D 134 -12.81 37.34 35.29
CA ASP D 134 -12.70 36.78 33.96
C ASP D 134 -12.02 35.42 34.08
N TYR D 135 -12.76 34.36 33.76
CA TYR D 135 -12.22 32.99 33.75
C TYR D 135 -11.86 32.68 32.31
N GLU D 136 -10.57 32.55 32.03
CA GLU D 136 -10.08 32.38 30.67
C GLU D 136 -9.44 31.00 30.55
N TRP D 137 -9.87 30.24 29.55
CA TRP D 137 -9.31 28.92 29.32
C TRP D 137 -9.55 28.56 27.87
N TYR D 138 -8.54 27.98 27.25
CA TYR D 138 -8.70 27.40 25.92
C TYR D 138 -7.42 26.65 25.56
N VAL D 139 -7.56 25.71 24.63
CA VAL D 139 -6.42 24.98 24.10
C VAL D 139 -5.88 25.76 22.91
N ASP D 140 -4.58 26.04 22.92
CA ASP D 140 -3.95 26.71 21.79
C ASP D 140 -3.11 25.77 20.94
N ALA D 141 -2.83 24.56 21.41
CA ALA D 141 -2.11 23.63 20.54
C ALA D 141 -2.48 22.18 20.89
N TRP D 142 -2.69 21.37 19.85
CA TRP D 142 -3.09 19.99 20.02
C TRP D 142 -2.04 19.03 19.47
N GLY D 143 -1.90 17.89 20.12
CA GLY D 143 -1.10 16.81 19.59
C GLY D 143 -1.89 15.96 18.62
N GLN D 144 -1.17 15.14 17.85
CA GLN D 144 -1.81 14.32 16.82
C GLN D 144 -2.89 13.41 17.41
N GLY D 145 -2.76 13.03 18.67
CA GLY D 145 -3.64 12.05 19.25
C GLY D 145 -3.05 10.65 19.18
N LEU D 146 -3.44 9.81 20.14
CA LEU D 146 -2.92 8.45 20.22
C LEU D 146 -4.03 7.53 20.69
N LEU D 147 -4.34 6.51 19.89
CA LEU D 147 -5.41 5.58 20.21
C LEU D 147 -4.92 4.57 21.27
N VAL D 148 -5.66 4.46 22.37
CA VAL D 148 -5.39 3.47 23.40
C VAL D 148 -6.63 2.62 23.62
N THR D 149 -6.45 1.30 23.59
CA THR D 149 -7.53 0.33 23.76
C THR D 149 -7.30 -0.46 25.04
N VAL D 150 -8.28 -0.42 25.93
CA VAL D 150 -8.25 -1.20 27.16
C VAL D 150 -8.98 -2.51 26.92
N SER D 151 -8.26 -3.63 26.99
CA SER D 151 -8.85 -4.94 26.77
C SER D 151 -7.83 -6.01 27.13
N SER D 152 -8.34 -7.17 27.53
CA SER D 152 -7.50 -8.33 27.81
C SER D 152 -7.06 -9.07 26.55
N ALA D 153 -7.24 -8.46 25.37
CA ALA D 153 -6.93 -9.17 24.14
C ALA D 153 -5.43 -9.24 23.92
N SER D 154 -5.00 -10.36 23.33
CA SER D 154 -3.61 -10.56 22.92
C SER D 154 -3.62 -11.29 21.57
N THR D 155 -2.43 -11.70 21.12
CA THR D 155 -2.27 -12.28 19.80
C THR D 155 -3.30 -13.37 19.53
N THR D 156 -4.07 -13.18 18.44
CA THR D 156 -5.15 -14.08 18.07
C THR D 156 -5.20 -14.20 16.55
N ALA D 157 -5.28 -15.44 16.06
CA ALA D 157 -5.40 -15.68 14.63
C ALA D 157 -6.84 -15.51 14.18
N PRO D 158 -7.08 -15.01 12.96
CA PRO D 158 -8.44 -14.74 12.52
C PRO D 158 -9.23 -16.01 12.23
N LYS D 159 -10.56 -15.89 12.32
CA LYS D 159 -11.47 -16.83 11.68
C LYS D 159 -11.88 -16.25 10.32
N VAL D 160 -11.95 -17.11 9.31
CA VAL D 160 -12.27 -16.67 7.95
C VAL D 160 -13.61 -17.26 7.54
N TYR D 161 -14.58 -16.41 7.25
CA TYR D 161 -15.89 -16.88 6.85
C TYR D 161 -16.22 -16.43 5.43
N PRO D 162 -16.98 -17.23 4.69
CA PRO D 162 -17.38 -16.81 3.34
C PRO D 162 -18.52 -15.82 3.39
N LEU D 163 -18.50 -14.90 2.42
CA LEU D 163 -19.54 -13.89 2.26
C LEU D 163 -20.22 -14.09 0.92
N SER D 164 -21.55 -14.19 0.94
CA SER D 164 -22.32 -14.31 -0.28
C SER D 164 -23.66 -13.60 -0.10
N SER D 165 -24.18 -13.07 -1.19
CA SER D 165 -25.40 -12.28 -1.15
C SER D 165 -26.62 -13.14 -0.80
N CYS D 166 -27.62 -12.48 -0.21
CA CYS D 166 -28.92 -13.10 0.04
C CYS D 166 -29.63 -13.37 -1.28
N CYS D 167 -30.75 -14.08 -1.20
CA CYS D 167 -31.63 -14.24 -2.36
C CYS D 167 -33.08 -14.06 -1.96
N SER D 173 -26.78 -9.82 -13.40
CA SER D 173 -25.85 -10.93 -13.61
C SER D 173 -24.54 -10.72 -12.86
N THR D 174 -24.37 -9.55 -12.25
CA THR D 174 -23.18 -9.26 -11.46
C THR D 174 -23.26 -9.98 -10.12
N VAL D 175 -22.21 -10.73 -9.77
CA VAL D 175 -22.17 -11.51 -8.53
C VAL D 175 -21.16 -10.89 -7.58
N THR D 176 -21.57 -10.68 -6.33
CA THR D 176 -20.67 -10.21 -5.28
C THR D 176 -20.48 -11.31 -4.24
N LEU D 177 -19.23 -11.57 -3.87
CA LEU D 177 -18.88 -12.50 -2.82
C LEU D 177 -17.67 -11.95 -2.08
N GLY D 178 -17.24 -12.62 -1.03
CA GLY D 178 -16.06 -12.14 -0.32
C GLY D 178 -15.66 -13.05 0.82
N CYS D 179 -14.72 -12.54 1.62
CA CYS D 179 -14.22 -13.20 2.81
C CYS D 179 -14.22 -12.22 3.97
N LEU D 180 -14.72 -12.68 5.11
CA LEU D 180 -14.68 -11.95 6.36
C LEU D 180 -13.55 -12.50 7.22
N VAL D 181 -12.54 -11.67 7.47
CA VAL D 181 -11.41 -11.98 8.34
C VAL D 181 -11.75 -11.41 9.71
N SER D 182 -12.20 -12.28 10.60
CA SER D 182 -12.85 -11.90 11.85
C SER D 182 -11.93 -12.10 13.06
N SER D 183 -11.88 -11.09 13.91
CA SER D 183 -11.41 -11.17 15.30
C SER D 183 -9.97 -11.67 15.39
N TYR D 184 -9.07 -10.79 14.96
CA TYR D 184 -7.64 -11.06 15.02
C TYR D 184 -6.92 -9.88 15.63
N MET D 185 -5.69 -10.14 16.09
CA MET D 185 -4.77 -9.08 16.49
C MET D 185 -3.37 -9.66 16.72
N PRO D 186 -2.34 -8.84 16.49
CA PRO D 186 -2.39 -7.45 16.06
C PRO D 186 -2.50 -7.31 14.54
N GLU D 187 -2.54 -6.09 14.05
CA GLU D 187 -2.34 -5.82 12.63
C GLU D 187 -0.92 -6.22 12.26
N PRO D 188 -0.65 -6.47 10.97
CA PRO D 188 -1.58 -6.45 9.84
C PRO D 188 -2.00 -7.84 9.38
N VAL D 189 -2.86 -7.86 8.38
CA VAL D 189 -3.35 -9.07 7.73
C VAL D 189 -3.31 -8.81 6.25
N THR D 190 -2.91 -9.81 5.47
CA THR D 190 -2.89 -9.68 4.02
C THR D 190 -3.85 -10.70 3.41
N VAL D 191 -4.48 -10.31 2.31
CA VAL D 191 -5.50 -11.13 1.66
C VAL D 191 -5.24 -11.15 0.17
N THR D 192 -5.31 -12.34 -0.43
CA THR D 192 -5.29 -12.49 -1.87
C THR D 192 -6.43 -13.42 -2.25
N TRP D 193 -6.64 -13.59 -3.55
CA TRP D 193 -7.66 -14.51 -4.05
C TRP D 193 -7.04 -15.43 -5.10
N ASN D 194 -7.35 -16.72 -4.99
CA ASN D 194 -6.81 -17.74 -5.88
C ASN D 194 -5.29 -17.63 -5.97
N SER D 195 -4.65 -17.47 -4.81
CA SER D 195 -3.19 -17.40 -4.68
C SER D 195 -2.59 -16.28 -5.55
N GLY D 196 -3.36 -15.23 -5.80
CA GLY D 196 -2.88 -14.08 -6.55
C GLY D 196 -3.31 -14.05 -7.99
N ALA D 197 -3.88 -15.13 -8.52
CA ALA D 197 -4.30 -15.15 -9.92
C ALA D 197 -5.55 -14.31 -10.14
N LEU D 198 -6.28 -13.96 -9.08
CA LEU D 198 -7.51 -13.19 -9.18
C LEU D 198 -7.30 -11.84 -8.50
N LYS D 199 -7.18 -10.79 -9.31
CA LYS D 199 -7.15 -9.42 -8.83
C LYS D 199 -8.27 -8.55 -9.41
N SER D 200 -8.86 -8.95 -10.52
CA SER D 200 -9.90 -8.15 -11.14
C SER D 200 -11.14 -8.12 -10.27
N GLY D 201 -11.62 -6.92 -9.96
CA GLY D 201 -12.81 -6.78 -9.14
C GLY D 201 -12.61 -7.01 -7.66
N VAL D 202 -11.37 -7.12 -7.20
CA VAL D 202 -11.09 -7.35 -5.78
C VAL D 202 -10.93 -6.02 -5.07
N HIS D 203 -11.59 -5.89 -3.92
CA HIS D 203 -11.49 -4.70 -3.09
C HIS D 203 -11.34 -5.15 -1.65
N THR D 204 -10.15 -5.00 -1.09
CA THR D 204 -9.89 -5.33 0.31
C THR D 204 -9.99 -4.06 1.14
N PHE D 205 -10.79 -4.11 2.18
CA PHE D 205 -11.09 -2.92 2.96
C PHE D 205 -10.24 -2.87 4.23
N PRO D 206 -9.84 -1.68 4.67
CA PRO D 206 -9.10 -1.58 5.93
C PRO D 206 -9.91 -2.13 7.10
N ALA D 207 -9.18 -2.54 8.13
CA ALA D 207 -9.81 -3.23 9.25
C ALA D 207 -10.49 -2.26 10.20
N VAL D 208 -11.52 -2.76 10.87
CA VAL D 208 -12.17 -2.05 11.94
C VAL D 208 -11.65 -2.64 13.24
N LEU D 209 -11.73 -1.85 14.31
CA LEU D 209 -11.27 -2.28 15.62
C LEU D 209 -12.48 -2.31 16.55
N GLN D 210 -12.87 -3.52 16.95
CA GLN D 210 -13.97 -3.66 17.89
C GLN D 210 -13.52 -3.26 19.28
N SER D 211 -14.50 -3.06 20.16
CA SER D 211 -14.18 -2.71 21.54
C SER D 211 -13.42 -3.82 22.25
N SER D 212 -13.54 -5.05 21.77
CA SER D 212 -12.82 -6.18 22.35
C SER D 212 -11.32 -6.09 22.16
N GLY D 213 -10.84 -5.15 21.33
CA GLY D 213 -9.44 -5.08 20.98
C GLY D 213 -9.04 -5.93 19.80
N LEU D 214 -9.97 -6.68 19.22
CA LEU D 214 -9.71 -7.51 18.06
C LEU D 214 -10.15 -6.78 16.80
N TYR D 215 -9.37 -6.95 15.73
CA TYR D 215 -9.65 -6.36 14.44
C TYR D 215 -10.47 -7.31 13.56
N SER D 216 -11.10 -6.72 12.55
CA SER D 216 -11.78 -7.47 11.50
C SER D 216 -11.69 -6.68 10.21
N LEU D 217 -11.56 -7.39 9.09
CA LEU D 217 -11.61 -6.74 7.79
C LEU D 217 -12.28 -7.68 6.80
N SER D 218 -12.60 -7.16 5.62
CA SER D 218 -13.29 -7.93 4.60
C SER D 218 -12.63 -7.68 3.25
N SER D 219 -12.70 -8.70 2.40
CA SER D 219 -12.24 -8.58 1.02
C SER D 219 -13.40 -9.02 0.15
N MET D 220 -13.71 -8.23 -0.87
CA MET D 220 -14.87 -8.45 -1.71
C MET D 220 -14.42 -8.65 -3.16
N VAL D 221 -15.13 -9.52 -3.86
CA VAL D 221 -14.92 -9.78 -5.29
C VAL D 221 -16.25 -9.58 -5.97
N THR D 222 -16.30 -8.66 -6.92
CA THR D 222 -17.42 -8.49 -7.83
C THR D 222 -17.03 -9.12 -9.17
N VAL D 223 -17.71 -10.17 -9.57
CA VAL D 223 -17.47 -10.82 -10.86
C VAL D 223 -18.56 -10.36 -11.81
N PRO D 224 -18.22 -9.82 -12.97
CA PRO D 224 -19.25 -9.44 -13.95
C PRO D 224 -19.77 -10.66 -14.68
N GLY D 225 -20.97 -10.52 -15.22
CA GLY D 225 -21.58 -11.61 -15.96
C GLY D 225 -21.78 -12.85 -15.11
N SER D 226 -22.40 -13.87 -15.71
CA SER D 226 -22.68 -15.09 -14.97
C SER D 226 -21.39 -15.75 -14.50
N THR D 227 -21.54 -16.73 -13.63
CA THR D 227 -20.41 -17.49 -13.11
C THR D 227 -20.68 -18.99 -13.25
N SER D 228 -19.71 -19.70 -13.81
CA SER D 228 -19.74 -21.16 -13.87
C SER D 228 -18.40 -21.68 -14.34
N GLY D 229 -17.89 -22.69 -13.63
CA GLY D 229 -16.58 -23.25 -13.88
C GLY D 229 -15.46 -22.62 -13.08
N GLN D 230 -15.57 -21.33 -12.74
CA GLN D 230 -14.54 -20.67 -11.93
C GLN D 230 -14.82 -20.84 -10.44
N THR D 231 -13.75 -20.99 -9.67
CA THR D 231 -13.80 -21.09 -8.21
C THR D 231 -13.18 -19.86 -7.57
N PHE D 232 -13.48 -19.65 -6.29
CA PHE D 232 -12.96 -18.49 -5.57
C PHE D 232 -12.45 -18.90 -4.20
N THR D 233 -11.15 -18.72 -3.97
CA THR D 233 -10.51 -19.06 -2.71
C THR D 233 -9.75 -17.83 -2.22
N CYS D 234 -10.09 -17.34 -1.02
CA CYS D 234 -9.33 -16.25 -0.43
C CYS D 234 -8.22 -16.80 0.46
N ASN D 235 -7.04 -16.17 0.37
CA ASN D 235 -5.85 -16.57 1.10
C ASN D 235 -5.52 -15.46 2.10
N VAL D 236 -5.61 -15.79 3.38
CA VAL D 236 -5.41 -14.83 4.46
C VAL D 236 -4.10 -15.16 5.15
N ALA D 237 -3.25 -14.16 5.34
CA ALA D 237 -1.99 -14.32 6.05
C ALA D 237 -1.98 -13.40 7.26
N HIS D 238 -1.68 -13.98 8.42
CA HIS D 238 -1.55 -13.26 9.68
C HIS D 238 -0.17 -13.62 10.23
N PRO D 239 0.86 -12.86 9.86
CA PRO D 239 2.22 -13.19 10.32
C PRO D 239 2.40 -13.18 11.82
N ALA D 240 1.78 -12.24 12.52
CA ALA D 240 1.98 -12.12 13.96
C ALA D 240 1.62 -13.40 14.69
N SER D 241 0.66 -14.16 14.16
CA SER D 241 0.29 -15.45 14.73
C SER D 241 0.87 -16.61 13.94
N SER D 242 1.71 -16.34 12.95
CA SER D 242 2.29 -17.38 12.11
C SER D 242 1.20 -18.25 11.50
N THR D 243 0.15 -17.61 10.99
CA THR D 243 -1.01 -18.33 10.48
C THR D 243 -1.29 -17.95 9.03
N LYS D 244 -1.77 -18.94 8.28
CA LYS D 244 -2.24 -18.76 6.92
C LYS D 244 -3.47 -19.62 6.72
N VAL D 245 -4.51 -19.06 6.11
CA VAL D 245 -5.78 -19.73 5.91
C VAL D 245 -6.18 -19.60 4.44
N ASP D 246 -6.66 -20.69 3.85
CA ASP D 246 -7.29 -20.66 2.54
C ASP D 246 -8.75 -21.04 2.72
N LYS D 247 -9.66 -20.22 2.19
CA LYS D 247 -11.09 -20.42 2.36
C LYS D 247 -11.81 -20.35 1.02
N ALA D 248 -12.53 -21.41 0.67
CA ALA D 248 -13.31 -21.44 -0.56
C ALA D 248 -14.66 -20.75 -0.35
N VAL D 249 -15.05 -19.95 -1.35
CA VAL D 249 -16.31 -19.19 -1.30
C VAL D 249 -17.15 -19.59 -2.50
N GLU D 250 -18.34 -20.14 -2.24
CA GLU D 250 -19.29 -20.56 -3.26
C GLU D 250 -20.54 -19.68 -3.23
N PRO D 251 -20.92 -19.05 -4.34
CA PRO D 251 -22.19 -18.32 -4.35
C PRO D 251 -23.37 -19.27 -4.19
N LYS D 252 -24.37 -18.81 -3.43
CA LYS D 252 -25.56 -19.61 -3.18
C LYS D 252 -26.35 -19.83 -4.46
N SER D 253 -26.95 -21.03 -4.57
CA SER D 253 -27.72 -21.42 -5.75
C SER D 253 -29.19 -21.15 -5.49
N CYS D 254 -29.56 -19.88 -5.59
CA CYS D 254 -30.94 -19.45 -5.41
C CYS D 254 -31.66 -19.31 -6.74
N VAL E 3 -5.16 -25.65 -23.20
CA VAL E 3 -4.02 -25.56 -22.31
C VAL E 3 -3.42 -26.94 -22.11
N LEU E 4 -2.13 -27.09 -22.42
CA LEU E 4 -1.44 -28.35 -22.20
C LEU E 4 -1.31 -28.61 -20.70
N ASN E 5 -1.59 -29.85 -20.28
CA ASN E 5 -1.68 -30.17 -18.87
C ASN E 5 -0.30 -30.46 -18.29
N GLN E 6 0.10 -29.65 -17.32
CA GLN E 6 1.31 -29.83 -16.54
C GLN E 6 0.96 -29.99 -15.07
N PRO E 7 1.79 -30.69 -14.29
CA PRO E 7 1.57 -30.74 -12.84
C PRO E 7 1.79 -29.38 -12.22
N SER E 8 0.88 -29.00 -11.31
CA SER E 8 0.92 -27.67 -10.73
C SER E 8 2.26 -27.38 -10.06
N SER E 9 2.93 -28.42 -9.54
CA SER E 9 4.22 -28.21 -8.89
C SER E 9 4.97 -29.53 -8.85
N VAL E 10 6.30 -29.41 -8.79
CA VAL E 10 7.18 -30.57 -8.72
C VAL E 10 8.34 -30.20 -7.81
N SER E 11 8.95 -31.20 -7.19
CA SER E 11 10.00 -30.98 -6.21
C SER E 11 11.16 -31.93 -6.45
N GLY E 12 12.37 -31.40 -6.27
CA GLY E 12 13.57 -32.22 -6.35
C GLY E 12 14.60 -31.74 -5.35
N SER E 13 15.59 -32.59 -5.11
CA SER E 13 16.62 -32.30 -4.14
C SER E 13 17.89 -31.81 -4.83
N LEU E 14 18.65 -30.99 -4.10
CA LEU E 14 19.88 -30.41 -4.64
C LEU E 14 20.79 -31.51 -5.16
N GLY E 15 21.28 -31.33 -6.38
CA GLY E 15 22.15 -32.29 -7.02
C GLY E 15 21.47 -33.50 -7.61
N GLN E 16 20.19 -33.73 -7.29
CA GLN E 16 19.45 -34.86 -7.84
C GLN E 16 18.82 -34.45 -9.17
N ARG E 17 17.85 -35.20 -9.66
CA ARG E 17 17.17 -34.89 -10.91
C ARG E 17 15.67 -34.85 -10.67
N VAL E 18 14.94 -34.31 -11.64
CA VAL E 18 13.48 -34.20 -11.55
C VAL E 18 12.93 -34.15 -12.96
N SER E 19 11.65 -34.50 -13.08
CA SER E 19 10.95 -34.50 -14.36
C SER E 19 9.68 -33.66 -14.27
N ILE E 20 9.33 -33.05 -15.40
CA ILE E 20 8.13 -32.23 -15.55
C ILE E 20 7.43 -32.69 -16.82
N THR E 21 6.16 -33.05 -16.71
CA THR E 21 5.42 -33.59 -17.83
C THR E 21 4.50 -32.53 -18.46
N CYS E 22 4.08 -32.82 -19.69
CA CYS E 22 3.28 -31.90 -20.50
C CYS E 22 2.44 -32.77 -21.42
N SER E 23 1.16 -32.93 -21.10
CA SER E 23 0.28 -33.83 -21.82
C SER E 23 -0.68 -33.03 -22.71
N GLY E 24 -0.82 -33.48 -23.95
CA GLY E 24 -1.72 -32.84 -24.91
C GLY E 24 -2.50 -33.84 -25.75
N SER E 25 -2.50 -33.65 -27.07
CA SER E 25 -3.21 -34.54 -27.98
C SER E 25 -2.49 -34.54 -29.31
N SER E 26 -3.05 -35.30 -30.27
CA SER E 26 -2.43 -35.43 -31.57
C SER E 26 -2.28 -34.09 -32.27
N SER E 27 -3.19 -33.15 -32.02
CA SER E 27 -3.16 -31.87 -32.70
C SER E 27 -2.09 -30.92 -32.17
N ASN E 28 -1.40 -31.26 -31.08
CA ASN E 28 -0.31 -30.42 -30.59
C ASN E 28 0.93 -31.25 -30.21
N VAL E 29 0.93 -31.82 -29.01
CA VAL E 29 2.08 -32.61 -28.57
C VAL E 29 2.31 -33.76 -29.54
N GLY E 30 1.26 -34.52 -29.84
CA GLY E 30 1.40 -35.67 -30.71
C GLY E 30 2.02 -35.34 -32.05
N ASN E 31 1.76 -34.13 -32.57
CA ASN E 31 2.41 -33.70 -33.80
C ASN E 31 3.92 -33.59 -33.64
N GLY E 32 4.42 -33.60 -32.41
CA GLY E 32 5.82 -33.82 -32.13
C GLY E 32 6.74 -32.64 -32.29
N TYR E 33 6.36 -31.47 -31.75
CA TYR E 33 7.25 -30.33 -31.78
C TYR E 33 6.97 -29.47 -30.55
N VAL E 34 7.37 -29.97 -29.39
CA VAL E 34 7.12 -29.33 -28.11
C VAL E 34 8.31 -28.48 -27.71
N SER E 35 8.03 -27.33 -27.10
CA SER E 35 9.07 -26.44 -26.61
C SER E 35 8.91 -26.22 -25.11
N TRP E 36 10.01 -25.80 -24.47
CA TRP E 36 10.06 -25.58 -23.03
C TRP E 36 10.74 -24.26 -22.68
N TYR E 37 10.10 -23.54 -21.74
CA TYR E 37 10.47 -22.20 -21.34
C TYR E 37 10.61 -22.09 -19.83
N GLN E 38 11.55 -21.24 -19.40
CA GLN E 38 11.89 -21.06 -18.00
C GLN E 38 11.67 -19.60 -17.60
N LEU E 39 10.95 -19.40 -16.49
CA LEU E 39 10.63 -18.07 -15.95
C LEU E 39 11.25 -17.93 -14.57
N ILE E 40 12.21 -17.02 -14.45
CA ILE E 40 12.86 -16.69 -13.18
C ILE E 40 12.46 -15.26 -12.82
N PRO E 41 12.23 -14.95 -11.54
CA PRO E 41 11.90 -13.57 -11.17
C PRO E 41 13.02 -12.61 -11.54
N GLY E 42 12.63 -11.41 -11.99
CA GLY E 42 13.60 -10.43 -12.42
C GLY E 42 14.24 -10.74 -13.75
N SER E 43 13.49 -11.33 -14.67
CA SER E 43 14.02 -11.72 -15.98
C SER E 43 12.86 -12.05 -16.89
N ALA E 44 13.10 -11.92 -18.20
CA ALA E 44 12.11 -12.31 -19.19
C ALA E 44 12.17 -13.82 -19.40
N PRO E 45 11.08 -14.41 -19.92
CA PRO E 45 11.11 -15.87 -20.14
C PRO E 45 12.31 -16.29 -20.96
N ARG E 46 12.71 -17.55 -20.80
CA ARG E 46 13.90 -18.09 -21.44
C ARG E 46 13.54 -19.38 -22.16
N THR E 47 13.83 -19.43 -23.45
CA THR E 47 13.59 -20.65 -24.22
C THR E 47 14.63 -21.69 -23.84
N LEU E 48 14.17 -22.86 -23.38
CA LEU E 48 15.04 -23.99 -23.06
C LEU E 48 15.08 -25.01 -24.18
N ILE E 49 13.94 -25.57 -24.55
CA ILE E 49 13.90 -26.68 -25.50
C ILE E 49 12.98 -26.32 -26.65
N TYR E 50 13.31 -26.86 -27.83
CA TYR E 50 12.44 -26.78 -28.98
C TYR E 50 12.58 -28.08 -29.76
N GLY E 51 11.55 -28.38 -30.55
CA GLY E 51 11.55 -29.61 -31.33
C GLY E 51 11.76 -30.83 -30.47
N ASP E 52 11.07 -30.88 -29.32
CA ASP E 52 11.12 -32.01 -28.39
C ASP E 52 12.45 -32.12 -27.65
N THR E 53 13.57 -32.11 -28.37
CA THR E 53 14.84 -32.52 -27.81
C THR E 53 15.98 -31.53 -28.00
N SER E 54 15.81 -30.48 -28.79
CA SER E 54 16.91 -29.57 -29.10
C SER E 54 17.05 -28.50 -28.03
N ARG E 55 18.29 -28.21 -27.65
CA ARG E 55 18.58 -27.18 -26.66
C ARG E 55 18.89 -25.86 -27.33
N ALA E 56 18.41 -24.77 -26.73
CA ALA E 56 18.71 -23.44 -27.22
C ALA E 56 20.11 -23.01 -26.80
N SER E 57 20.54 -21.85 -27.27
CA SER E 57 21.87 -21.36 -26.97
C SER E 57 22.01 -21.09 -25.47
N GLY E 58 23.11 -21.58 -24.89
CA GLY E 58 23.40 -21.33 -23.49
C GLY E 58 22.72 -22.26 -22.51
N VAL E 59 21.98 -23.26 -22.98
CA VAL E 59 21.26 -24.18 -22.11
C VAL E 59 22.21 -25.33 -21.76
N PRO E 60 22.50 -25.56 -20.48
CA PRO E 60 23.46 -26.61 -20.12
C PRO E 60 22.95 -28.00 -20.47
N ASP E 61 23.89 -28.96 -20.43
CA ASP E 61 23.60 -30.34 -20.80
C ASP E 61 22.58 -30.99 -19.86
N ARG E 62 22.45 -30.49 -18.64
CA ARG E 62 21.55 -31.10 -17.65
C ARG E 62 20.09 -30.85 -17.92
N PHE E 63 19.75 -29.99 -18.89
CA PHE E 63 18.39 -29.85 -19.37
C PHE E 63 18.21 -30.76 -20.58
N SER E 64 17.31 -31.73 -20.47
CA SER E 64 17.04 -32.64 -21.57
C SER E 64 15.54 -32.76 -21.78
N GLY E 65 15.13 -32.85 -23.04
CA GLY E 65 13.73 -32.99 -23.38
C GLY E 65 13.48 -34.28 -24.13
N SER E 66 12.30 -34.86 -23.89
CA SER E 66 11.88 -36.06 -24.60
C SER E 66 10.37 -36.02 -24.79
N ARG E 67 9.86 -36.98 -25.54
CA ARG E 67 8.43 -37.06 -25.83
C ARG E 67 8.06 -38.50 -26.09
N SER E 68 6.95 -38.94 -25.50
CA SER E 68 6.34 -40.22 -25.83
C SER E 68 4.88 -39.96 -26.13
N GLY E 69 4.48 -40.24 -27.37
CA GLY E 69 3.11 -40.03 -27.80
C GLY E 69 2.63 -38.63 -27.51
N ASN E 70 1.68 -38.53 -26.58
CA ASN E 70 1.03 -37.25 -26.28
C ASN E 70 1.54 -36.64 -24.98
N THR E 71 2.66 -37.12 -24.44
CA THR E 71 3.24 -36.56 -23.22
C THR E 71 4.71 -36.28 -23.47
N ALA E 72 5.07 -35.00 -23.41
CA ALA E 72 6.46 -34.54 -23.46
C ALA E 72 6.99 -34.39 -22.04
N THR E 73 8.31 -34.51 -21.89
CA THR E 73 8.94 -34.45 -20.59
C THR E 73 10.19 -33.59 -20.64
N LEU E 74 10.29 -32.67 -19.67
CA LEU E 74 11.51 -31.93 -19.41
C LEU E 74 12.18 -32.55 -18.19
N THR E 75 13.42 -32.99 -18.36
CA THR E 75 14.20 -33.57 -17.28
C THR E 75 15.36 -32.65 -16.94
N ILE E 76 15.58 -32.46 -15.65
CA ILE E 76 16.65 -31.60 -15.15
C ILE E 76 17.48 -32.43 -14.19
N SER E 77 18.76 -32.59 -14.51
CA SER E 77 19.70 -33.31 -13.67
C SER E 77 20.60 -32.32 -12.93
N SER E 78 21.28 -32.82 -11.91
CA SER E 78 22.19 -32.01 -11.09
C SER E 78 21.54 -30.69 -10.70
N LEU E 79 20.36 -30.78 -10.10
CA LEU E 79 19.58 -29.60 -9.74
C LEU E 79 20.45 -28.60 -9.00
N GLN E 80 20.23 -27.32 -9.29
CA GLN E 80 20.91 -26.22 -8.62
C GLN E 80 19.86 -25.22 -8.15
N ALA E 81 20.24 -24.39 -7.18
CA ALA E 81 19.29 -23.47 -6.57
C ALA E 81 18.67 -22.53 -7.60
N GLU E 82 19.47 -22.05 -8.55
CA GLU E 82 18.97 -21.13 -9.56
C GLU E 82 17.97 -21.77 -10.51
N ASP E 83 17.86 -23.10 -10.54
CA ASP E 83 16.86 -23.75 -11.36
C ASP E 83 15.45 -23.60 -10.81
N GLU E 84 15.30 -23.13 -9.57
CA GLU E 84 13.99 -22.80 -9.05
C GLU E 84 13.35 -21.74 -9.94
N ALA E 85 12.19 -22.06 -10.49
CA ALA E 85 11.57 -21.23 -11.52
C ALA E 85 10.21 -21.81 -11.87
N ASP E 86 9.48 -21.15 -12.75
CA ASP E 86 8.30 -21.76 -13.36
C ASP E 86 8.67 -22.24 -14.75
N TYR E 87 8.19 -23.42 -15.11
CA TYR E 87 8.46 -24.01 -16.40
C TYR E 87 7.15 -24.21 -17.16
N PHE E 88 7.19 -23.87 -18.45
CA PHE E 88 6.02 -23.96 -19.32
C PHE E 88 6.40 -24.70 -20.58
N CYS E 89 5.49 -25.54 -21.06
CA CYS E 89 5.63 -26.16 -22.36
C CYS E 89 4.70 -25.45 -23.35
N ALA E 90 4.97 -25.66 -24.63
CA ALA E 90 4.16 -25.07 -25.68
C ALA E 90 4.24 -25.96 -26.91
N SER E 91 3.29 -25.76 -27.82
CA SER E 91 3.25 -26.51 -29.07
C SER E 91 2.35 -25.80 -30.06
N ALA E 92 2.62 -26.00 -31.34
CA ALA E 92 1.69 -25.57 -32.37
C ALA E 92 0.38 -26.32 -32.21
N GLU E 93 -0.66 -25.80 -32.87
CA GLU E 93 -2.00 -26.40 -32.84
C GLU E 93 -2.53 -26.44 -34.27
N ASP E 94 -2.31 -27.56 -34.95
CA ASP E 94 -2.92 -27.84 -36.25
C ASP E 94 -2.38 -26.95 -37.36
N SER E 95 -1.55 -25.97 -37.01
CA SER E 95 -0.96 -25.08 -38.00
C SER E 95 0.22 -24.37 -37.34
N SER E 96 1.15 -23.91 -38.18
CA SER E 96 2.32 -23.18 -37.69
C SER E 96 2.01 -21.75 -37.30
N SER E 97 0.75 -21.33 -37.37
CA SER E 97 0.34 -19.98 -36.98
C SER E 97 -0.34 -19.93 -35.61
N ASN E 98 -0.90 -21.05 -35.14
CA ASN E 98 -1.56 -21.10 -33.85
C ASN E 98 -0.72 -21.90 -32.86
N ALA E 99 -0.85 -21.55 -31.58
CA ALA E 99 -0.01 -22.14 -30.55
C ALA E 99 -0.78 -22.25 -29.24
N VAL E 100 -0.30 -23.15 -28.38
CA VAL E 100 -0.87 -23.39 -27.06
C VAL E 100 0.26 -23.53 -26.06
N PHE E 101 0.07 -22.96 -24.88
CA PHE E 101 1.02 -23.08 -23.78
C PHE E 101 0.46 -24.03 -22.73
N GLY E 102 1.37 -24.52 -21.88
CA GLY E 102 0.95 -25.35 -20.76
C GLY E 102 0.53 -24.51 -19.57
N SER E 103 -0.05 -25.19 -18.58
CA SER E 103 -0.56 -24.52 -17.39
C SER E 103 0.53 -24.11 -16.41
N GLY E 104 1.75 -24.59 -16.59
CA GLY E 104 2.87 -24.16 -15.79
C GLY E 104 3.16 -25.09 -14.63
N THR E 105 4.44 -25.19 -14.28
CA THR E 105 4.89 -26.01 -13.15
C THR E 105 5.93 -25.24 -12.35
N THR E 106 5.68 -25.09 -11.06
CA THR E 106 6.62 -24.43 -10.16
C THR E 106 7.62 -25.45 -9.63
N LEU E 107 8.91 -25.23 -9.88
CA LEU E 107 9.95 -26.16 -9.46
C LEU E 107 10.50 -25.70 -8.11
N THR E 108 10.45 -26.59 -7.12
CA THR E 108 11.00 -26.35 -5.81
C THR E 108 12.21 -27.25 -5.58
N VAL E 109 13.34 -26.64 -5.24
CA VAL E 109 14.59 -27.38 -5.01
C VAL E 109 14.79 -27.52 -3.51
N LEU E 110 14.78 -28.75 -3.02
CA LEU E 110 14.93 -29.03 -1.61
C LEU E 110 16.40 -29.23 -1.25
N GLY E 111 16.69 -29.09 0.05
CA GLY E 111 18.03 -29.31 0.55
C GLY E 111 18.95 -28.12 0.38
N GLN E 112 18.41 -26.93 0.26
CA GLN E 112 19.24 -25.75 0.08
C GLN E 112 19.80 -25.28 1.44
N PRO E 113 21.02 -24.75 1.46
CA PRO E 113 21.61 -24.29 2.71
C PRO E 113 20.94 -23.02 3.21
N LYS E 114 20.96 -22.86 4.54
CA LYS E 114 20.49 -21.63 5.15
C LYS E 114 21.39 -20.47 4.76
N SER E 115 20.78 -19.31 4.53
CA SER E 115 21.51 -18.10 4.19
C SER E 115 20.95 -16.96 5.04
N PRO E 116 21.77 -16.29 5.83
CA PRO E 116 21.27 -15.24 6.73
C PRO E 116 21.05 -13.94 5.99
N PRO E 117 20.25 -13.04 6.56
CA PRO E 117 19.95 -11.78 5.87
C PRO E 117 21.08 -10.78 5.96
N SER E 118 21.29 -10.07 4.86
CA SER E 118 22.12 -8.88 4.82
C SER E 118 21.21 -7.68 4.99
N VAL E 119 21.52 -6.83 5.96
CA VAL E 119 20.63 -5.75 6.37
C VAL E 119 21.37 -4.42 6.30
N THR E 120 20.76 -3.46 5.61
CA THR E 120 21.28 -2.10 5.54
C THR E 120 20.20 -1.16 6.05
N LEU E 121 20.56 -0.28 6.97
CA LEU E 121 19.62 0.68 7.52
C LEU E 121 20.04 2.09 7.12
N PHE E 122 19.16 2.78 6.42
CA PHE E 122 19.35 4.14 5.96
C PHE E 122 18.54 5.10 6.82
N PRO E 123 19.16 6.21 7.23
CA PRO E 123 18.44 7.25 7.94
C PRO E 123 17.68 8.13 6.98
N PRO E 124 16.82 9.02 7.47
CA PRO E 124 16.16 9.98 6.59
C PRO E 124 17.16 10.95 5.98
N SER E 125 16.85 11.38 4.76
CA SER E 125 17.70 12.35 4.07
C SER E 125 17.42 13.75 4.61
N THR E 126 18.40 14.64 4.41
CA THR E 126 18.19 16.04 4.76
C THR E 126 17.05 16.64 3.95
N GLU E 127 16.99 16.32 2.65
CA GLU E 127 15.92 16.86 1.82
C GLU E 127 14.55 16.52 2.38
N GLU E 128 14.35 15.25 2.77
CA GLU E 128 13.06 14.86 3.32
C GLU E 128 12.79 15.54 4.65
N LEU E 129 13.81 15.62 5.51
CA LEU E 129 13.64 16.29 6.79
C LEU E 129 13.27 17.75 6.60
N ASN E 130 13.71 18.36 5.50
CA ASN E 130 13.33 19.75 5.21
C ASN E 130 11.83 19.87 5.04
N GLY E 131 11.15 18.82 4.62
CA GLY E 131 9.70 18.79 4.55
C GLY E 131 9.04 18.37 5.85
N ASN E 132 9.82 18.26 6.92
CA ASN E 132 9.31 17.85 8.24
C ASN E 132 8.75 16.42 8.20
N LYS E 133 9.39 15.55 7.43
CA LYS E 133 9.09 14.12 7.44
C LYS E 133 10.39 13.33 7.41
N ALA E 134 10.34 12.10 7.91
CA ALA E 134 11.55 11.29 8.05
C ALA E 134 11.21 9.83 7.84
N THR E 135 11.76 9.23 6.79
CA THR E 135 11.56 7.82 6.51
C THR E 135 12.87 7.07 6.76
N LEU E 136 12.85 6.14 7.71
CA LEU E 136 13.96 5.21 7.89
C LEU E 136 13.72 3.94 7.09
N VAL E 137 14.76 3.49 6.40
CA VAL E 137 14.62 2.42 5.41
C VAL E 137 15.49 1.25 5.86
N CYS E 138 14.88 0.07 5.96
CA CYS E 138 15.60 -1.15 6.31
C CYS E 138 15.51 -2.13 5.15
N LEU E 139 16.63 -2.33 4.48
CA LEU E 139 16.71 -3.21 3.32
C LEU E 139 17.33 -4.54 3.73
N ILE E 140 16.65 -5.62 3.37
CA ILE E 140 16.99 -6.98 3.80
C ILE E 140 17.09 -7.83 2.55
N SER E 141 18.23 -8.50 2.36
CA SER E 141 18.42 -9.27 1.13
C SER E 141 19.20 -10.55 1.42
N ASP E 142 19.16 -11.45 0.43
CA ASP E 142 20.01 -12.65 0.38
C ASP E 142 19.75 -13.60 1.55
N PHE E 143 18.50 -13.72 2.00
CA PHE E 143 18.18 -14.67 3.06
C PHE E 143 17.39 -15.85 2.51
N TYR E 144 17.66 -17.02 3.06
CA TYR E 144 16.95 -18.24 2.70
C TYR E 144 16.86 -19.16 3.91
N PRO E 145 15.68 -19.77 4.16
CA PRO E 145 14.42 -19.65 3.43
C PRO E 145 13.80 -18.25 3.54
N GLY E 146 12.81 -17.99 2.71
CA GLY E 146 12.28 -16.65 2.55
C GLY E 146 11.26 -16.24 3.60
N SER E 147 11.72 -15.98 4.81
CA SER E 147 10.85 -15.46 5.87
C SER E 147 11.70 -14.82 6.95
N VAL E 148 11.48 -13.54 7.20
CA VAL E 148 12.16 -12.80 8.25
C VAL E 148 11.08 -12.12 9.09
N THR E 149 11.46 -11.71 10.30
CA THR E 149 10.60 -10.90 11.14
C THR E 149 11.35 -9.64 11.56
N VAL E 150 10.72 -8.48 11.37
CA VAL E 150 11.36 -7.20 11.56
C VAL E 150 10.78 -6.53 12.80
N VAL E 151 11.66 -6.00 13.64
CA VAL E 151 11.32 -5.24 14.83
C VAL E 151 12.09 -3.92 14.80
N TRP E 152 11.39 -2.82 14.99
CA TRP E 152 12.00 -1.51 15.06
C TRP E 152 12.16 -1.09 16.52
N LYS E 153 13.24 -0.37 16.82
CA LYS E 153 13.50 0.06 18.18
C LYS E 153 13.99 1.50 18.18
N ALA E 154 13.61 2.23 19.22
CA ALA E 154 14.16 3.55 19.49
C ALA E 154 14.57 3.58 20.95
N ASP E 155 15.84 3.91 21.21
CA ASP E 155 16.37 3.99 22.56
C ASP E 155 16.10 2.71 23.36
N GLY E 156 15.94 1.59 22.64
CA GLY E 156 15.75 0.31 23.27
C GLY E 156 14.31 -0.15 23.42
N SER E 157 13.34 0.67 23.03
CA SER E 157 11.93 0.32 23.14
C SER E 157 11.38 0.00 21.75
N THR E 158 10.51 -1.01 21.69
CA THR E 158 9.97 -1.48 20.43
C THR E 158 8.92 -0.53 19.89
N ILE E 159 8.93 -0.33 18.57
CA ILE E 159 8.01 0.56 17.88
C ILE E 159 7.04 -0.29 17.06
N THR E 160 5.77 0.10 17.06
CA THR E 160 4.76 -0.56 16.24
C THR E 160 4.07 0.39 15.27
N ARG E 161 3.90 1.66 15.65
CA ARG E 161 3.19 2.61 14.80
C ARG E 161 4.03 2.97 13.58
N ASN E 162 3.35 3.12 12.44
CA ASN E 162 3.96 3.68 11.23
C ASN E 162 5.05 2.78 10.65
N VAL E 163 4.87 1.47 10.74
CA VAL E 163 5.80 0.50 10.17
C VAL E 163 5.12 -0.17 8.98
N GLU E 164 5.84 -0.24 7.85
CA GLU E 164 5.34 -0.88 6.64
C GLU E 164 6.39 -1.85 6.14
N THR E 165 6.08 -3.15 6.16
CA THR E 165 7.03 -4.19 5.78
C THR E 165 6.48 -4.99 4.62
N THR E 166 7.29 -5.14 3.57
CA THR E 166 6.89 -5.95 2.44
C THR E 166 6.97 -7.43 2.78
N ARG E 167 6.25 -8.23 1.99
CA ARG E 167 6.46 -9.67 2.01
C ARG E 167 7.86 -9.99 1.48
N ALA E 168 8.35 -11.17 1.80
CA ALA E 168 9.58 -11.65 1.19
C ALA E 168 9.32 -12.00 -0.26
N SER E 169 10.24 -11.60 -1.14
CA SER E 169 10.12 -11.87 -2.56
C SER E 169 11.39 -12.58 -3.04
N LYS E 170 11.20 -13.52 -3.96
CA LYS E 170 12.33 -14.31 -4.46
C LYS E 170 13.21 -13.46 -5.36
N GLN E 171 14.52 -13.46 -5.07
CA GLN E 171 15.49 -12.80 -5.93
C GLN E 171 15.85 -13.70 -7.11
N SER E 172 16.59 -13.13 -8.06
CA SER E 172 17.01 -13.90 -9.22
C SER E 172 17.91 -15.07 -8.83
N ASN E 173 18.63 -14.95 -7.73
CA ASN E 173 19.56 -15.99 -7.31
C ASN E 173 18.94 -16.98 -6.33
N SER E 174 17.62 -17.07 -6.29
CA SER E 174 16.90 -18.06 -5.50
C SER E 174 16.73 -17.62 -4.04
N LYS E 175 17.55 -16.67 -3.59
CA LYS E 175 17.39 -16.13 -2.25
C LYS E 175 16.25 -15.10 -2.23
N TYR E 176 16.06 -14.44 -1.08
CA TYR E 176 14.88 -13.61 -0.86
C TYR E 176 15.26 -12.22 -0.37
N ALA E 177 14.33 -11.29 -0.58
CA ALA E 177 14.51 -9.89 -0.19
C ALA E 177 13.24 -9.39 0.47
N ALA E 178 13.40 -8.32 1.26
CA ALA E 178 12.26 -7.64 1.85
C ALA E 178 12.75 -6.29 2.35
N SER E 179 11.80 -5.40 2.61
CA SER E 179 12.13 -4.06 3.06
C SER E 179 11.11 -3.62 4.10
N SER E 180 11.54 -2.69 4.96
CA SER E 180 10.69 -2.15 6.00
C SER E 180 10.90 -0.66 6.11
N TYR E 181 9.81 0.08 6.27
CA TYR E 181 9.81 1.54 6.25
C TYR E 181 9.21 2.04 7.55
N LEU E 182 9.95 2.90 8.24
CA LEU E 182 9.47 3.57 9.46
C LEU E 182 9.24 5.04 9.14
N SER E 183 7.98 5.47 9.21
CA SER E 183 7.60 6.83 8.85
C SER E 183 7.42 7.68 10.11
N LEU E 184 8.05 8.85 10.10
CA LEU E 184 8.12 9.74 11.25
C LEU E 184 8.01 11.18 10.76
N THR E 185 7.93 12.10 11.73
CA THR E 185 8.20 13.50 11.43
C THR E 185 9.65 13.81 11.77
N SER E 186 10.14 14.93 11.21
CA SER E 186 11.51 15.34 11.50
C SER E 186 11.75 15.43 12.99
N SER E 187 10.81 16.03 13.72
CA SER E 187 10.96 16.18 15.17
C SER E 187 10.95 14.84 15.87
N ASP E 188 10.04 13.94 15.49
CA ASP E 188 10.10 12.56 15.97
C ASP E 188 11.51 12.01 15.82
N TRP E 189 12.07 12.13 14.61
CA TRP E 189 13.40 11.60 14.33
C TRP E 189 14.44 12.18 15.27
N LYS E 190 14.40 13.49 15.50
CA LYS E 190 15.42 14.11 16.35
C LYS E 190 15.15 13.95 17.84
N SER E 191 13.95 13.52 18.24
CA SER E 191 13.64 13.41 19.66
C SER E 191 14.24 12.17 20.30
N LYS E 192 14.85 11.28 19.53
CA LYS E 192 15.45 10.06 20.04
C LYS E 192 16.95 10.09 19.79
N GLY E 193 17.68 9.26 20.55
CA GLY E 193 19.12 9.17 20.40
C GLY E 193 19.58 8.09 19.46
N SER E 194 18.73 7.09 19.23
CA SER E 194 19.11 5.93 18.43
C SER E 194 17.87 5.28 17.85
N TYR E 195 17.97 4.85 16.59
CA TYR E 195 16.96 4.01 15.96
C TYR E 195 17.63 2.72 15.49
N SER E 196 16.90 1.62 15.54
CA SER E 196 17.46 0.32 15.20
C SER E 196 16.46 -0.55 14.44
N CYS E 197 16.96 -1.21 13.41
CA CYS E 197 16.23 -2.25 12.70
C CYS E 197 16.80 -3.59 13.14
N GLU E 198 15.92 -4.49 13.62
CA GLU E 198 16.30 -5.79 14.15
C GLU E 198 15.60 -6.86 13.31
N VAL E 199 16.38 -7.64 12.56
CA VAL E 199 15.85 -8.62 11.63
C VAL E 199 16.16 -10.01 12.15
N THR E 200 15.13 -10.79 12.42
CA THR E 200 15.29 -12.17 12.86
C THR E 200 14.97 -13.15 11.75
N HIS E 201 15.84 -14.15 11.60
CA HIS E 201 15.77 -15.15 10.55
C HIS E 201 16.30 -16.45 11.15
N GLU E 202 15.46 -17.49 11.15
CA GLU E 202 15.88 -18.82 11.57
C GLU E 202 16.66 -18.78 12.89
N GLY E 203 16.09 -18.07 13.87
CA GLY E 203 16.65 -18.00 15.20
C GLY E 203 17.77 -17.01 15.42
N SER E 204 18.35 -16.45 14.36
CA SER E 204 19.43 -15.48 14.47
C SER E 204 18.91 -14.07 14.25
N THR E 205 19.52 -13.10 14.93
CA THR E 205 19.10 -11.72 14.87
C THR E 205 20.24 -10.81 14.40
N VAL E 206 19.92 -9.93 13.47
CA VAL E 206 20.85 -8.93 12.94
C VAL E 206 20.32 -7.55 13.33
N THR E 207 21.16 -6.76 13.99
CA THR E 207 20.77 -5.45 14.52
C THR E 207 21.59 -4.37 13.85
N LYS E 208 20.92 -3.42 13.20
CA LYS E 208 21.58 -2.25 12.64
C LYS E 208 20.99 -1.00 13.29
N THR E 209 21.81 0.05 13.40
CA THR E 209 21.45 1.23 14.17
C THR E 209 21.98 2.50 13.52
N VAL E 210 21.15 3.54 13.56
CA VAL E 210 21.53 4.89 13.14
C VAL E 210 21.26 5.83 14.30
N LYS E 211 22.12 6.85 14.43
CA LYS E 211 21.99 7.83 15.52
C LYS E 211 21.84 9.22 14.93
N PRO E 212 20.76 9.95 15.20
CA PRO E 212 20.58 11.29 14.60
C PRO E 212 21.72 12.24 14.90
N SER E 213 22.49 11.96 15.95
CA SER E 213 23.59 12.83 16.32
C SER E 213 24.84 12.61 15.48
N GLU E 214 24.86 11.58 14.63
CA GLU E 214 26.00 11.31 13.75
C GLU E 214 25.61 11.31 12.28
N CYS E 215 24.45 11.88 11.95
CA CYS E 215 23.96 11.89 10.58
C CYS E 215 23.89 13.32 10.05
N VAL F 2 19.51 -8.07 -32.51
CA VAL F 2 18.55 -9.16 -32.45
C VAL F 2 17.71 -9.00 -31.16
N GLN F 3 17.02 -7.86 -31.05
CA GLN F 3 16.25 -7.55 -29.85
C GLN F 3 14.91 -6.95 -30.24
N LEU F 4 13.93 -7.10 -29.35
CA LEU F 4 12.60 -6.56 -29.53
C LEU F 4 12.34 -5.49 -28.47
N ARG F 5 11.61 -4.43 -28.85
CA ARG F 5 11.28 -3.37 -27.92
C ARG F 5 9.78 -3.11 -27.93
N GLU F 6 9.15 -3.35 -26.79
CA GLU F 6 7.75 -2.98 -26.59
C GLU F 6 7.65 -1.48 -26.28
N SER F 7 6.47 -0.93 -26.51
CA SER F 7 6.20 0.46 -26.17
C SER F 7 4.68 0.67 -26.16
N GLY F 8 4.25 1.62 -25.35
CA GLY F 8 2.84 1.93 -25.24
C GLY F 8 2.46 2.33 -23.84
N PRO F 9 1.23 2.83 -23.66
CA PRO F 9 0.80 3.30 -22.33
C PRO F 9 0.92 2.20 -21.28
N SER F 10 1.39 2.58 -20.11
CA SER F 10 1.48 1.64 -19.00
C SER F 10 0.23 1.63 -18.14
N LEU F 11 -0.73 2.51 -18.42
CA LEU F 11 -1.98 2.59 -17.68
C LEU F 11 -3.13 2.81 -18.64
N VAL F 12 -4.17 1.98 -18.53
CA VAL F 12 -5.32 2.02 -19.42
C VAL F 12 -6.58 2.04 -18.56
N LYS F 13 -7.54 2.89 -18.93
CA LYS F 13 -8.79 2.94 -18.18
C LYS F 13 -9.70 1.80 -18.61
N PRO F 14 -10.43 1.18 -17.68
CA PRO F 14 -11.30 0.06 -18.06
C PRO F 14 -12.29 0.47 -19.14
N SER F 15 -12.58 -0.47 -20.04
CA SER F 15 -13.47 -0.32 -21.18
C SER F 15 -12.77 0.41 -22.34
N GLN F 16 -11.53 0.85 -22.17
CA GLN F 16 -10.77 1.43 -23.27
C GLN F 16 -9.98 0.35 -23.99
N THR F 17 -9.44 0.73 -25.14
CA THR F 17 -8.60 -0.17 -25.92
C THR F 17 -7.16 -0.10 -25.41
N LEU F 18 -6.61 -1.25 -25.10
CA LEU F 18 -5.21 -1.38 -24.72
C LEU F 18 -4.38 -1.60 -25.99
N SER F 19 -3.50 -0.65 -26.28
CA SER F 19 -2.72 -0.69 -27.51
C SER F 19 -1.23 -0.71 -27.17
N LEU F 20 -0.49 -1.58 -27.87
CA LEU F 20 0.95 -1.68 -27.72
C LEU F 20 1.58 -1.81 -29.09
N THR F 21 2.83 -1.37 -29.18
CA THR F 21 3.62 -1.46 -30.40
C THR F 21 4.92 -2.15 -30.08
N CYS F 22 5.47 -2.87 -31.05
CA CYS F 22 6.73 -3.53 -30.90
C CYS F 22 7.60 -3.26 -32.10
N THR F 23 8.87 -2.96 -31.84
CA THR F 23 9.86 -2.69 -32.86
C THR F 23 10.90 -3.81 -32.85
N ALA F 24 11.15 -4.40 -34.01
CA ALA F 24 12.08 -5.53 -34.16
C ALA F 24 13.40 -5.01 -34.71
N SER F 25 14.47 -5.20 -33.95
CA SER F 25 15.79 -4.66 -34.25
C SER F 25 16.81 -5.80 -34.39
N GLY F 26 17.86 -5.52 -35.16
CA GLY F 26 18.83 -6.54 -35.54
C GLY F 26 18.35 -7.34 -36.72
N PHE F 27 17.09 -7.77 -36.68
CA PHE F 27 16.41 -8.35 -37.82
C PHE F 27 15.19 -7.48 -38.13
N SER F 28 15.18 -6.85 -39.29
CA SER F 28 14.02 -6.08 -39.71
C SER F 28 12.82 -7.01 -39.80
N LEU F 29 11.63 -6.49 -39.43
CA LEU F 29 10.41 -7.29 -39.55
C LEU F 29 10.35 -7.99 -40.91
N SER F 30 10.84 -7.32 -41.95
CA SER F 30 10.84 -7.84 -43.31
C SER F 30 11.56 -9.18 -43.44
N ASP F 31 11.13 -10.19 -42.68
CA ASP F 31 11.72 -11.53 -42.75
C ASP F 31 10.80 -12.60 -42.15
N LYS F 32 10.57 -12.56 -40.84
CA LYS F 32 9.88 -13.63 -40.14
C LYS F 32 8.76 -13.09 -39.25
N ALA F 33 8.33 -13.89 -38.27
CA ALA F 33 7.06 -13.68 -37.57
C ALA F 33 7.25 -13.08 -36.18
N VAL F 34 6.39 -12.12 -35.85
CA VAL F 34 6.43 -11.42 -34.57
C VAL F 34 5.12 -11.66 -33.84
N GLY F 35 5.20 -11.91 -32.53
CA GLY F 35 4.03 -12.32 -31.77
C GLY F 35 3.97 -11.66 -30.42
N TRP F 36 2.85 -11.90 -29.73
CA TRP F 36 2.55 -11.28 -28.45
C TRP F 36 2.20 -12.36 -27.44
N VAL F 37 2.89 -12.36 -26.30
CA VAL F 37 2.59 -13.29 -25.22
C VAL F 37 2.49 -12.46 -23.94
N ARG F 38 1.48 -12.72 -23.13
CA ARG F 38 1.33 -11.96 -21.90
C ARG F 38 1.29 -12.89 -20.69
N GLN F 39 1.60 -12.32 -19.53
CA GLN F 39 1.51 -13.06 -18.27
C GLN F 39 0.98 -12.15 -17.18
N ALA F 40 -0.21 -12.47 -16.70
CA ALA F 40 -0.76 -11.81 -15.55
C ALA F 40 -0.19 -12.43 -14.27
N PRO F 41 -0.11 -11.67 -13.18
CA PRO F 41 0.45 -12.24 -11.95
C PRO F 41 -0.31 -13.47 -11.51
N GLY F 42 0.43 -14.51 -11.13
CA GLY F 42 -0.15 -15.75 -10.67
C GLY F 42 -0.80 -16.59 -11.75
N LYS F 43 -0.63 -16.24 -13.02
CA LYS F 43 -1.26 -16.95 -14.12
C LYS F 43 -0.20 -17.49 -15.07
N ALA F 44 -0.63 -18.41 -15.92
CA ALA F 44 0.25 -19.01 -16.91
C ALA F 44 0.49 -18.06 -18.09
N LEU F 45 1.56 -18.34 -18.84
CA LEU F 45 1.78 -17.65 -20.09
C LEU F 45 0.57 -17.84 -21.01
N GLU F 46 0.22 -16.78 -21.71
CA GLU F 46 -0.93 -16.80 -22.62
C GLU F 46 -0.50 -16.24 -23.95
N TRP F 47 -0.59 -17.05 -24.99
CA TRP F 47 -0.34 -16.59 -26.34
C TRP F 47 -1.50 -15.73 -26.81
N LEU F 48 -1.19 -14.57 -27.37
CA LEU F 48 -2.22 -13.69 -27.92
C LEU F 48 -2.35 -13.80 -29.43
N GLY F 49 -1.24 -13.81 -30.16
CA GLY F 49 -1.29 -13.96 -31.60
C GLY F 49 0.06 -13.61 -32.19
N ASN F 50 0.13 -13.73 -33.51
CA ASN F 50 1.33 -13.36 -34.22
C ASN F 50 0.98 -12.98 -35.65
N ILE F 51 1.90 -12.26 -36.27
CA ILE F 51 1.76 -11.81 -37.65
C ILE F 51 3.16 -11.83 -38.26
N ASP F 52 3.24 -12.24 -39.53
CA ASP F 52 4.47 -12.19 -40.29
C ASP F 52 4.42 -11.00 -41.24
N THR F 53 5.37 -10.94 -42.16
CA THR F 53 5.48 -9.81 -43.07
C THR F 53 4.43 -9.84 -44.17
N GLY F 54 3.85 -11.01 -44.47
CA GLY F 54 2.80 -11.13 -45.46
C GLY F 54 1.41 -10.94 -44.91
N GLY F 55 1.30 -10.58 -43.63
CA GLY F 55 0.02 -10.42 -42.99
C GLY F 55 -0.60 -11.69 -42.45
N ILE F 56 0.07 -12.84 -42.61
CA ILE F 56 -0.49 -14.09 -42.10
C ILE F 56 -0.58 -13.99 -40.58
N THR F 57 -1.80 -14.05 -40.07
CA THR F 57 -2.09 -13.73 -38.68
C THR F 57 -2.67 -14.95 -37.98
N GLY F 58 -2.19 -15.20 -36.77
CA GLY F 58 -2.77 -16.18 -35.88
C GLY F 58 -3.23 -15.53 -34.60
N TYR F 59 -4.41 -15.94 -34.12
CA TYR F 59 -5.04 -15.37 -32.94
C TYR F 59 -5.38 -16.46 -31.95
N ASN F 60 -5.23 -16.17 -30.66
CA ASN F 60 -5.77 -17.00 -29.59
C ASN F 60 -7.27 -17.18 -29.81
N PRO F 61 -7.75 -18.40 -30.13
CA PRO F 61 -9.18 -18.56 -30.45
C PRO F 61 -10.12 -18.03 -29.38
N GLY F 62 -9.75 -18.16 -28.11
CA GLY F 62 -10.62 -17.69 -27.04
C GLY F 62 -10.73 -16.17 -26.99
N LEU F 63 -9.62 -15.47 -27.24
CA LEU F 63 -9.57 -14.01 -27.17
C LEU F 63 -9.72 -13.35 -28.54
N LYS F 64 -9.80 -14.14 -29.62
CA LYS F 64 -9.81 -13.59 -30.97
C LYS F 64 -10.80 -12.43 -31.10
N SER F 65 -11.97 -12.55 -30.46
CA SER F 65 -13.02 -11.56 -30.61
C SER F 65 -12.57 -10.15 -30.23
N ARG F 66 -11.67 -10.03 -29.26
CA ARG F 66 -11.22 -8.72 -28.77
C ARG F 66 -9.86 -8.32 -29.31
N LEU F 67 -9.12 -9.23 -29.93
CA LEU F 67 -7.75 -8.94 -30.33
C LEU F 67 -7.72 -8.37 -31.74
N SER F 68 -6.69 -7.56 -31.97
CA SER F 68 -6.36 -7.11 -33.32
C SER F 68 -4.85 -6.97 -33.36
N ILE F 69 -4.21 -7.64 -34.32
CA ILE F 69 -2.78 -7.57 -34.53
C ILE F 69 -2.55 -7.02 -35.93
N THR F 70 -1.67 -6.03 -36.05
CA THR F 70 -1.38 -5.44 -37.36
C THR F 70 0.11 -5.22 -37.49
N LYS F 71 0.54 -4.96 -38.73
CA LYS F 71 1.95 -4.79 -39.03
C LYS F 71 2.14 -3.53 -39.87
N ASP F 72 3.38 -3.04 -39.83
CA ASP F 72 3.80 -1.83 -40.53
C ASP F 72 5.22 -2.11 -41.00
N ASN F 73 5.37 -2.49 -42.28
CA ASN F 73 6.67 -2.83 -42.82
C ASN F 73 7.58 -1.62 -42.94
N SER F 74 7.00 -0.43 -43.12
CA SER F 74 7.83 0.76 -43.29
C SER F 74 8.56 1.11 -41.99
N LYS F 75 7.97 0.78 -40.84
CA LYS F 75 8.58 1.05 -39.55
C LYS F 75 9.06 -0.21 -38.85
N ASN F 76 8.95 -1.37 -39.50
CA ASN F 76 9.29 -2.65 -38.85
C ASN F 76 8.58 -2.77 -37.51
N GLN F 77 7.29 -2.43 -37.49
CA GLN F 77 6.52 -2.40 -36.26
C GLN F 77 5.36 -3.37 -36.34
N VAL F 78 5.03 -3.97 -35.21
CA VAL F 78 3.81 -4.76 -35.07
C VAL F 78 3.00 -4.18 -33.93
N SER F 79 1.68 -4.23 -34.07
CA SER F 79 0.78 -3.60 -33.10
C SER F 79 -0.20 -4.63 -32.55
N LEU F 80 -0.49 -4.46 -31.27
CA LEU F 80 -1.50 -5.24 -30.58
C LEU F 80 -2.57 -4.31 -30.03
N SER F 81 -3.83 -4.71 -30.17
CA SER F 81 -4.97 -4.00 -29.62
C SER F 81 -5.87 -5.01 -28.94
N VAL F 82 -6.23 -4.71 -27.69
CA VAL F 82 -7.17 -5.48 -26.90
C VAL F 82 -8.33 -4.56 -26.58
N SER F 83 -9.48 -4.81 -27.19
CA SER F 83 -10.60 -3.91 -27.04
C SER F 83 -11.33 -4.17 -25.73
N SER F 84 -12.05 -3.15 -25.26
CA SER F 84 -12.85 -3.23 -24.03
C SER F 84 -12.06 -3.87 -22.90
N ALA F 85 -10.88 -3.33 -22.63
CA ALA F 85 -9.99 -3.91 -21.64
C ALA F 85 -10.62 -3.86 -20.26
N THR F 86 -10.32 -4.87 -19.44
CA THR F 86 -10.72 -4.92 -18.05
C THR F 86 -9.48 -5.21 -17.20
N ALA F 87 -9.68 -5.32 -15.89
CA ALA F 87 -8.57 -5.57 -14.98
C ALA F 87 -7.92 -6.92 -15.23
N GLU F 88 -8.66 -7.88 -15.76
CA GLU F 88 -8.07 -9.17 -16.09
C GLU F 88 -7.16 -9.10 -17.32
N ASP F 89 -7.09 -7.95 -17.99
CA ASP F 89 -6.11 -7.73 -19.04
C ASP F 89 -4.83 -7.07 -18.51
N SER F 90 -4.79 -6.70 -17.23
CA SER F 90 -3.56 -6.22 -16.62
C SER F 90 -2.53 -7.34 -16.58
N ALA F 91 -1.32 -7.05 -17.07
CA ALA F 91 -0.32 -8.11 -17.19
C ALA F 91 1.01 -7.55 -17.65
N THR F 92 2.02 -8.42 -17.78
CA THR F 92 3.24 -8.08 -18.50
C THR F 92 3.09 -8.59 -19.92
N TYR F 93 3.22 -7.68 -20.88
CA TYR F 93 3.08 -8.00 -22.30
C TYR F 93 4.47 -8.07 -22.93
N TYR F 94 4.80 -9.23 -23.46
CA TYR F 94 6.07 -9.50 -24.12
C TYR F 94 5.86 -9.49 -25.63
N CYS F 95 6.66 -8.69 -26.32
CA CYS F 95 6.86 -8.86 -27.74
C CYS F 95 7.80 -10.04 -27.95
N THR F 96 7.53 -10.81 -29.00
CA THR F 96 8.15 -12.12 -29.19
C THR F 96 8.51 -12.26 -30.67
N THR F 97 9.55 -13.05 -30.92
CA THR F 97 9.85 -13.54 -32.26
C THR F 97 9.50 -15.02 -32.30
N VAL F 98 8.92 -15.47 -33.41
CA VAL F 98 8.38 -16.81 -33.52
C VAL F 98 9.04 -17.51 -34.69
N HIS F 99 9.45 -18.76 -34.47
CA HIS F 99 9.94 -19.64 -35.52
C HIS F 99 8.77 -20.48 -36.03
N GLN F 100 8.43 -20.32 -37.30
CA GLN F 100 7.32 -21.03 -37.93
C GLN F 100 7.84 -21.81 -39.13
N LYS F 101 7.34 -23.03 -39.29
CA LYS F 101 7.80 -23.89 -40.37
C LYS F 101 6.77 -25.01 -40.54
N THR F 102 6.49 -25.34 -41.79
CA THR F 102 5.57 -26.41 -42.13
C THR F 102 6.32 -27.45 -42.95
N LEU F 103 6.25 -28.70 -42.52
CA LEU F 103 6.82 -29.82 -43.26
C LEU F 103 5.72 -30.75 -43.71
N GLU F 104 5.71 -31.09 -44.99
CA GLU F 104 4.72 -32.01 -45.55
C GLU F 104 5.35 -33.40 -45.62
N VAL F 105 4.73 -34.35 -44.93
CA VAL F 105 5.24 -35.73 -44.86
C VAL F 105 4.51 -36.56 -45.91
N ARG F 106 5.28 -37.29 -46.72
CA ARG F 106 4.73 -38.23 -47.68
C ARG F 106 5.24 -39.62 -47.34
N SER F 107 4.33 -40.53 -47.04
CA SER F 107 4.68 -41.88 -46.62
C SER F 107 3.84 -42.89 -47.39
N CYS F 108 3.88 -44.16 -46.97
CA CYS F 108 3.15 -45.22 -47.63
C CYS F 108 2.16 -45.89 -46.68
N PRO F 109 1.02 -46.39 -47.19
CA PRO F 109 0.03 -47.02 -46.31
C PRO F 109 0.32 -48.47 -45.99
N ASP F 110 -0.70 -49.20 -45.53
CA ASP F 110 -0.53 -50.60 -45.13
C ASP F 110 0.01 -51.43 -46.27
N GLY F 111 1.15 -52.09 -46.03
CA GLY F 111 1.73 -52.98 -47.01
C GLY F 111 2.17 -52.26 -48.28
N SER F 112 3.17 -51.40 -48.16
CA SER F 112 3.65 -50.63 -49.30
C SER F 112 5.02 -50.07 -48.97
N ARG F 113 5.74 -49.66 -50.00
CA ARG F 113 7.11 -49.17 -49.87
C ARG F 113 7.28 -47.95 -50.77
N LEU F 114 8.46 -47.33 -50.70
CA LEU F 114 8.82 -46.22 -51.58
C LEU F 114 9.95 -46.69 -52.48
N ILE F 115 9.60 -47.43 -53.52
CA ILE F 115 10.61 -48.04 -54.38
C ILE F 115 10.99 -47.04 -55.46
N GLY F 116 12.25 -46.60 -55.45
CA GLY F 116 12.67 -45.48 -56.25
C GLY F 116 12.19 -44.18 -55.64
N ASN F 117 11.11 -43.63 -56.19
CA ASN F 117 10.46 -42.46 -55.63
C ASN F 117 8.97 -42.72 -55.48
N ASP F 118 8.41 -43.55 -56.35
CA ASP F 118 7.00 -43.87 -56.29
C ASP F 118 6.73 -44.86 -55.15
N CYS F 119 5.56 -44.74 -54.54
CA CYS F 119 5.13 -45.69 -53.53
C CYS F 119 4.45 -46.88 -54.20
N ARG F 120 4.97 -48.08 -53.92
CA ARG F 120 4.51 -49.33 -54.47
C ARG F 120 3.86 -50.19 -53.37
N ASN F 121 3.25 -51.30 -53.80
CA ASN F 121 2.59 -52.22 -52.88
C ASN F 121 3.24 -53.61 -53.00
N GLU F 122 2.50 -54.64 -52.60
CA GLU F 122 3.02 -56.00 -52.55
C GLU F 122 3.25 -56.60 -53.94
N ASP F 123 2.63 -56.05 -54.98
CA ASP F 123 2.65 -56.66 -56.31
C ASP F 123 3.65 -56.02 -57.27
N GLY F 124 4.15 -54.82 -56.95
CA GLY F 124 5.03 -54.12 -57.86
C GLY F 124 4.26 -53.15 -58.74
N ASP F 125 3.45 -52.30 -58.12
CA ASP F 125 2.60 -51.37 -58.85
C ASP F 125 2.42 -50.11 -58.01
N ASP F 126 2.34 -48.96 -58.68
CA ASP F 126 2.32 -47.69 -57.98
C ASP F 126 1.04 -47.50 -57.19
N VAL F 127 1.18 -46.97 -55.97
CA VAL F 127 0.06 -46.69 -55.08
C VAL F 127 0.15 -45.24 -54.62
N ASN F 128 -0.99 -44.69 -54.22
CA ASN F 128 -1.05 -43.33 -53.75
C ASN F 128 -0.33 -43.20 -52.40
N TYR F 129 0.37 -42.09 -52.22
CA TYR F 129 1.02 -41.79 -50.95
C TYR F 129 0.04 -41.14 -49.99
N ILE F 130 0.44 -41.07 -48.72
CA ILE F 130 -0.34 -40.39 -47.69
C ILE F 130 0.31 -39.04 -47.40
N THR F 131 -0.52 -38.03 -47.14
CA THR F 131 -0.05 -36.68 -46.85
C THR F 131 -0.45 -36.31 -45.43
N THR F 132 0.56 -36.09 -44.58
CA THR F 132 0.37 -35.49 -43.27
C THR F 132 1.39 -34.36 -43.12
N PHE F 133 1.19 -33.51 -42.11
CA PHE F 133 1.98 -32.31 -41.95
C PHE F 133 2.64 -32.28 -40.57
N ASP F 134 3.86 -31.77 -40.52
CA ASP F 134 4.54 -31.44 -39.28
C ASP F 134 4.61 -29.93 -39.14
N TYR F 135 4.02 -29.41 -38.07
CA TYR F 135 3.99 -27.98 -37.80
C TYR F 135 4.98 -27.65 -36.70
N GLU F 136 5.76 -26.58 -36.90
CA GLU F 136 6.76 -26.15 -35.94
C GLU F 136 6.46 -24.73 -35.49
N TRP F 137 6.36 -24.53 -34.17
CA TRP F 137 6.09 -23.21 -33.61
C TRP F 137 6.79 -23.13 -32.26
N TYR F 138 7.59 -22.08 -32.08
CA TYR F 138 8.20 -21.83 -30.78
C TYR F 138 8.83 -20.45 -30.78
N VAL F 139 8.98 -19.89 -29.59
CA VAL F 139 9.56 -18.54 -29.41
C VAL F 139 11.06 -18.66 -29.23
N ASP F 140 11.83 -18.00 -30.09
CA ASP F 140 13.28 -18.04 -30.03
C ASP F 140 13.90 -16.72 -29.59
N ALA F 141 13.10 -15.68 -29.34
CA ALA F 141 13.62 -14.42 -28.83
C ALA F 141 12.48 -13.70 -28.11
N TRP F 142 12.69 -13.38 -26.84
CA TRP F 142 11.72 -12.66 -26.03
C TRP F 142 12.17 -11.22 -25.80
N GLY F 143 11.20 -10.33 -25.69
CA GLY F 143 11.47 -8.96 -25.27
C GLY F 143 11.49 -8.85 -23.75
N GLN F 144 11.84 -7.65 -23.28
CA GLN F 144 11.90 -7.40 -21.85
C GLN F 144 10.52 -7.34 -21.21
N GLY F 145 9.47 -7.14 -21.99
CA GLY F 145 8.14 -7.07 -21.45
C GLY F 145 7.79 -5.68 -20.95
N LEU F 146 6.51 -5.36 -21.04
CA LEU F 146 5.99 -4.04 -20.67
C LEU F 146 4.80 -4.28 -19.76
N LEU F 147 4.84 -3.70 -18.56
CA LEU F 147 3.77 -3.90 -17.60
C LEU F 147 2.63 -2.94 -17.89
N VAL F 148 1.44 -3.49 -18.13
CA VAL F 148 0.26 -2.68 -18.43
C VAL F 148 -0.77 -2.96 -17.36
N THR F 149 -1.21 -1.89 -16.68
CA THR F 149 -2.24 -1.94 -15.65
C THR F 149 -3.53 -1.36 -16.22
N VAL F 150 -4.62 -2.08 -16.04
CA VAL F 150 -5.93 -1.63 -16.49
C VAL F 150 -6.74 -1.33 -15.24
N SER F 151 -6.80 -0.06 -14.85
CA SER F 151 -7.55 0.35 -13.68
C SER F 151 -7.89 1.83 -13.82
N SER F 152 -8.73 2.31 -12.91
CA SER F 152 -9.07 3.71 -12.82
C SER F 152 -8.22 4.45 -11.80
N ALA F 153 -7.06 3.91 -11.46
CA ALA F 153 -6.18 4.56 -10.50
C ALA F 153 -5.73 5.92 -11.00
N SER F 154 -5.55 6.84 -10.07
CA SER F 154 -4.98 8.15 -10.37
C SER F 154 -3.46 8.05 -10.48
N THR F 155 -2.86 9.08 -11.06
CA THR F 155 -1.42 9.11 -11.32
C THR F 155 -0.74 10.13 -10.41
N THR F 156 0.35 9.70 -9.76
CA THR F 156 1.13 10.56 -8.88
C THR F 156 2.61 10.25 -9.10
N ALA F 157 3.37 11.26 -9.51
CA ALA F 157 4.79 11.08 -9.74
C ALA F 157 5.55 10.98 -8.42
N PRO F 158 6.62 10.18 -8.37
CA PRO F 158 7.34 9.99 -7.10
C PRO F 158 8.16 11.20 -6.72
N LYS F 159 8.46 11.29 -5.42
CA LYS F 159 9.55 12.12 -4.91
C LYS F 159 10.76 11.24 -4.67
N VAL F 160 11.92 11.69 -5.12
CA VAL F 160 13.15 10.90 -5.00
C VAL F 160 14.06 11.57 -3.97
N TYR F 161 14.49 10.77 -2.97
CA TYR F 161 15.37 11.26 -1.92
C TYR F 161 16.65 10.44 -1.85
N PRO F 162 17.80 11.07 -1.63
CA PRO F 162 19.04 10.32 -1.54
C PRO F 162 19.16 9.56 -0.23
N LEU F 163 19.84 8.41 -0.31
CA LEU F 163 20.10 7.57 0.85
C LEU F 163 21.60 7.37 1.00
N SER F 164 22.13 7.73 2.15
CA SER F 164 23.55 7.56 2.42
C SER F 164 23.72 7.10 3.86
N SER F 165 24.67 6.19 4.06
CA SER F 165 24.86 5.59 5.37
C SER F 165 25.32 6.66 6.37
N CYS F 166 24.92 6.47 7.62
CA CYS F 166 25.32 7.36 8.69
C CYS F 166 26.81 7.19 8.98
N CYS F 167 27.32 7.99 9.90
CA CYS F 167 28.73 7.95 10.27
C CYS F 167 28.96 7.17 11.56
N THR F 174 34.00 -0.99 1.51
CA THR F 174 32.78 -0.80 0.75
C THR F 174 31.98 0.39 1.27
N VAL F 175 31.32 1.08 0.34
CA VAL F 175 30.44 2.20 0.64
C VAL F 175 29.06 1.89 0.05
N THR F 176 28.02 2.06 0.85
CA THR F 176 26.67 1.73 0.47
C THR F 176 25.82 3.00 0.41
N LEU F 177 25.04 3.14 -0.65
CA LEU F 177 24.13 4.27 -0.76
C LEU F 177 22.92 3.81 -1.56
N GLY F 178 21.95 4.71 -1.73
CA GLY F 178 20.74 4.33 -2.44
C GLY F 178 19.84 5.52 -2.66
N CYS F 179 18.61 5.20 -3.07
CA CYS F 179 17.61 6.16 -3.45
C CYS F 179 16.27 5.66 -2.96
N LEU F 180 15.50 6.56 -2.36
CA LEU F 180 14.14 6.30 -1.93
C LEU F 180 13.17 6.94 -2.92
N VAL F 181 12.38 6.10 -3.57
CA VAL F 181 11.35 6.52 -4.50
C VAL F 181 10.03 6.47 -3.74
N SER F 182 9.48 7.64 -3.44
CA SER F 182 8.48 7.82 -2.41
C SER F 182 7.15 8.30 -2.98
N SER F 183 6.08 7.58 -2.63
CA SER F 183 4.71 8.04 -2.84
C SER F 183 4.37 8.28 -4.31
N TYR F 184 4.26 7.17 -5.06
CA TYR F 184 3.91 7.22 -6.47
C TYR F 184 2.83 6.21 -6.76
N MET F 185 2.19 6.37 -7.92
CA MET F 185 1.27 5.36 -8.43
C MET F 185 0.80 5.73 -9.85
N PRO F 186 0.49 4.72 -10.67
CA PRO F 186 0.57 3.30 -10.36
C PRO F 186 1.98 2.75 -10.54
N GLU F 187 2.15 1.44 -10.37
CA GLU F 187 3.35 0.76 -10.82
C GLU F 187 3.40 0.85 -12.34
N PRO F 188 4.59 0.69 -12.94
CA PRO F 188 5.88 0.43 -12.29
C PRO F 188 6.76 1.67 -12.18
N VAL F 189 7.89 1.49 -11.51
CA VAL F 189 8.99 2.43 -11.51
C VAL F 189 10.25 1.66 -11.88
N THR F 190 11.14 2.29 -12.65
CA THR F 190 12.39 1.67 -13.01
C THR F 190 13.54 2.54 -12.50
N VAL F 191 14.55 1.91 -11.91
CA VAL F 191 15.70 2.61 -11.35
C VAL F 191 16.97 2.09 -12.02
N THR F 192 17.80 3.02 -12.49
CA THR F 192 19.15 2.70 -12.94
C THR F 192 20.11 3.59 -12.15
N TRP F 193 21.41 3.35 -12.31
CA TRP F 193 22.43 4.14 -11.64
C TRP F 193 23.44 4.63 -12.65
N ASN F 194 23.76 5.93 -12.58
CA ASN F 194 24.64 6.59 -13.53
C ASN F 194 24.24 6.26 -14.96
N SER F 195 22.94 6.43 -15.23
CA SER F 195 22.39 6.30 -16.59
C SER F 195 22.75 4.96 -17.23
N GLY F 196 22.94 3.93 -16.40
CA GLY F 196 23.24 2.60 -16.87
C GLY F 196 24.69 2.19 -16.72
N ALA F 197 25.60 3.16 -16.50
CA ALA F 197 27.02 2.82 -16.39
C ALA F 197 27.31 2.00 -15.13
N LEU F 198 26.48 2.15 -14.10
CA LEU F 198 26.69 1.48 -12.81
C LEU F 198 25.66 0.35 -12.66
N LYS F 199 26.13 -0.87 -12.68
CA LYS F 199 25.26 -2.04 -12.59
C LYS F 199 25.68 -3.01 -11.50
N SER F 200 26.97 -3.28 -11.37
CA SER F 200 27.43 -4.20 -10.33
C SER F 200 27.01 -3.69 -8.96
N GLY F 201 26.51 -4.60 -8.13
CA GLY F 201 26.12 -4.26 -6.78
C GLY F 201 24.83 -3.50 -6.65
N VAL F 202 24.01 -3.46 -7.69
CA VAL F 202 22.73 -2.78 -7.65
C VAL F 202 21.67 -3.77 -7.20
N HIS F 203 20.86 -3.36 -6.21
CA HIS F 203 19.71 -4.13 -5.76
C HIS F 203 18.54 -3.17 -5.61
N THR F 204 17.58 -3.27 -6.51
CA THR F 204 16.34 -2.51 -6.44
C THR F 204 15.28 -3.42 -5.85
N PHE F 205 14.68 -2.97 -4.77
CA PHE F 205 13.77 -3.80 -3.98
C PHE F 205 12.32 -3.61 -4.42
N PRO F 206 11.51 -4.67 -4.37
CA PRO F 206 10.09 -4.51 -4.69
C PRO F 206 9.44 -3.45 -3.80
N ALA F 207 8.35 -2.88 -4.31
CA ALA F 207 7.74 -1.73 -3.67
C ALA F 207 6.89 -2.15 -2.49
N VAL F 208 6.69 -1.20 -1.59
CA VAL F 208 5.73 -1.32 -0.51
C VAL F 208 4.51 -0.48 -0.87
N LEU F 209 3.33 -0.91 -0.43
CA LEU F 209 2.07 -0.28 -0.79
C LEU F 209 1.51 0.37 0.48
N GLN F 210 1.82 1.65 0.67
CA GLN F 210 1.50 2.35 1.91
C GLN F 210 -0.01 2.51 2.05
N SER F 211 -0.41 2.98 3.24
CA SER F 211 -1.83 3.06 3.57
C SER F 211 -2.55 4.11 2.73
N SER F 212 -1.84 5.12 2.26
CA SER F 212 -2.45 6.17 1.45
C SER F 212 -2.80 5.70 0.05
N GLY F 213 -2.48 4.47 -0.32
CA GLY F 213 -2.69 3.99 -1.66
C GLY F 213 -1.49 4.15 -2.58
N LEU F 214 -0.48 4.89 -2.15
CA LEU F 214 0.70 5.16 -2.97
C LEU F 214 1.81 4.16 -2.64
N TYR F 215 2.61 3.83 -3.66
CA TYR F 215 3.73 2.93 -3.50
C TYR F 215 4.99 3.69 -3.08
N SER F 216 5.97 2.93 -2.58
CA SER F 216 7.32 3.42 -2.37
C SER F 216 8.28 2.26 -2.46
N LEU F 217 9.45 2.48 -3.06
CA LEU F 217 10.49 1.46 -3.13
C LEU F 217 11.84 2.12 -2.94
N SER F 218 12.87 1.29 -2.75
CA SER F 218 14.23 1.74 -2.55
C SER F 218 15.17 0.95 -3.43
N SER F 219 16.17 1.63 -3.98
CA SER F 219 17.25 0.97 -4.70
C SER F 219 18.54 1.28 -3.95
N MET F 220 19.37 0.27 -3.76
CA MET F 220 20.67 0.51 -3.16
C MET F 220 21.78 -0.06 -4.03
N VAL F 221 22.93 0.59 -3.94
CA VAL F 221 24.13 0.18 -4.64
C VAL F 221 25.28 0.16 -3.63
N THR F 222 26.09 -0.89 -3.71
CA THR F 222 27.29 -1.04 -2.91
C THR F 222 28.49 -0.96 -3.83
N VAL F 223 29.41 -0.05 -3.53
CA VAL F 223 30.58 0.21 -4.38
C VAL F 223 31.84 0.00 -3.56
N PRO F 224 32.91 -0.56 -4.14
CA PRO F 224 34.15 -0.74 -3.38
C PRO F 224 34.60 0.55 -2.68
N GLY F 225 35.13 0.39 -1.47
CA GLY F 225 35.44 1.50 -0.60
C GLY F 225 36.23 2.65 -1.20
N SER F 226 36.97 2.39 -2.27
CA SER F 226 37.85 3.40 -2.85
C SER F 226 37.10 4.46 -3.67
N THR F 227 35.77 4.36 -3.79
CA THR F 227 35.00 5.30 -4.59
C THR F 227 34.44 6.46 -3.78
N SER F 228 35.03 6.75 -2.62
CA SER F 228 34.62 7.92 -1.86
C SER F 228 35.07 9.20 -2.56
N GLY F 229 34.26 10.24 -2.43
CA GLY F 229 34.47 11.48 -3.13
C GLY F 229 33.78 11.55 -4.49
N GLN F 230 33.61 10.41 -5.14
CA GLN F 230 32.85 10.34 -6.38
C GLN F 230 31.37 10.50 -6.08
N THR F 231 30.63 11.04 -7.05
CA THR F 231 29.19 11.26 -6.93
C THR F 231 28.46 10.20 -7.75
N PHE F 232 27.32 9.73 -7.25
CA PHE F 232 26.54 8.73 -7.98
C PHE F 232 25.14 9.28 -8.21
N THR F 233 24.55 8.97 -9.37
CA THR F 233 23.23 9.50 -9.69
C THR F 233 22.28 8.34 -9.92
N CYS F 234 21.12 8.38 -9.27
CA CYS F 234 20.08 7.40 -9.53
C CYS F 234 19.02 8.00 -10.44
N ASN F 235 18.62 7.21 -11.42
CA ASN F 235 17.71 7.62 -12.48
C ASN F 235 16.42 6.83 -12.29
N VAL F 236 15.34 7.55 -12.01
CA VAL F 236 14.03 6.97 -11.70
C VAL F 236 13.07 7.32 -12.82
N ALA F 237 12.44 6.31 -13.40
CA ALA F 237 11.44 6.52 -14.43
C ALA F 237 10.10 6.03 -13.91
N HIS F 238 9.07 6.86 -14.09
CA HIS F 238 7.68 6.53 -13.79
C HIS F 238 6.87 6.77 -15.06
N PRO F 239 6.59 5.72 -15.85
CA PRO F 239 5.96 5.94 -17.18
C PRO F 239 4.54 6.46 -17.12
N ALA F 240 3.73 5.97 -16.19
CA ALA F 240 2.33 6.39 -16.13
C ALA F 240 2.21 7.89 -16.00
N SER F 241 3.10 8.53 -15.26
CA SER F 241 3.13 9.98 -15.17
C SER F 241 4.10 10.60 -16.15
N SER F 242 4.69 9.81 -17.05
CA SER F 242 5.66 10.32 -18.01
C SER F 242 6.69 11.20 -17.31
N THR F 243 7.30 10.66 -16.25
CA THR F 243 8.26 11.41 -15.45
C THR F 243 9.59 10.68 -15.35
N LYS F 244 10.68 11.45 -15.39
CA LYS F 244 12.02 10.94 -15.17
C LYS F 244 12.74 11.88 -14.22
N VAL F 245 13.33 11.33 -13.16
CA VAL F 245 13.98 12.11 -12.11
C VAL F 245 15.40 11.59 -11.93
N ASP F 246 16.37 12.48 -12.04
CA ASP F 246 17.75 12.15 -11.72
C ASP F 246 18.09 12.76 -10.36
N LYS F 247 18.61 11.95 -9.46
CA LYS F 247 18.96 12.42 -8.12
C LYS F 247 20.40 12.07 -7.81
N ALA F 248 21.20 13.09 -7.52
CA ALA F 248 22.58 12.86 -7.14
C ALA F 248 22.68 12.48 -5.67
N VAL F 249 23.56 11.54 -5.39
CA VAL F 249 23.76 10.96 -4.07
C VAL F 249 25.25 11.08 -3.77
N GLU F 250 25.55 11.75 -2.66
CA GLU F 250 26.89 11.89 -2.11
C GLU F 250 26.92 11.18 -0.77
N PRO F 251 27.73 10.13 -0.57
CA PRO F 251 27.87 9.56 0.78
C PRO F 251 28.66 10.50 1.67
N LYS F 252 28.14 10.73 2.88
CA LYS F 252 28.80 11.63 3.82
C LYS F 252 30.11 10.99 4.30
N SER F 253 31.21 11.70 4.11
CA SER F 253 32.53 11.21 4.50
C SER F 253 32.89 11.59 5.93
N CYS F 254 31.92 12.04 6.73
CA CYS F 254 32.14 12.31 8.15
C CYS F 254 33.25 13.34 8.34
N VAL G 3 2.47 56.77 2.80
CA VAL G 3 3.01 56.62 1.46
C VAL G 3 2.68 57.85 0.62
N LEU G 4 3.71 58.47 0.05
CA LEU G 4 3.52 59.65 -0.77
C LEU G 4 2.99 59.26 -2.14
N ASN G 5 2.02 60.01 -2.64
CA ASN G 5 1.31 59.65 -3.86
C ASN G 5 2.16 59.99 -5.08
N GLN G 6 2.53 58.97 -5.84
CA GLN G 6 3.20 59.13 -7.11
C GLN G 6 2.40 58.42 -8.21
N PRO G 7 2.55 58.85 -9.46
CA PRO G 7 2.00 58.05 -10.57
C PRO G 7 2.78 56.75 -10.69
N SER G 8 2.05 55.63 -10.70
CA SER G 8 2.69 54.33 -10.78
C SER G 8 3.70 54.27 -11.91
N SER G 9 3.47 55.03 -12.99
CA SER G 9 4.37 55.05 -14.12
C SER G 9 4.17 56.35 -14.89
N VAL G 10 5.26 56.90 -15.42
CA VAL G 10 5.22 58.03 -16.32
C VAL G 10 5.97 57.65 -17.58
N SER G 11 5.52 58.21 -18.72
CA SER G 11 6.04 57.85 -20.02
C SER G 11 6.51 59.11 -20.73
N GLY G 12 7.76 59.09 -21.21
CA GLY G 12 8.31 60.22 -21.95
C GLY G 12 9.18 59.74 -23.08
N SER G 13 9.17 60.52 -24.16
CA SER G 13 9.91 60.16 -25.36
C SER G 13 11.41 60.43 -25.17
N LEU G 14 12.18 60.03 -26.17
CA LEU G 14 13.63 60.22 -26.12
C LEU G 14 13.97 61.69 -26.34
N GLY G 15 14.80 62.24 -25.46
CA GLY G 15 15.26 63.60 -25.59
C GLY G 15 14.34 64.66 -25.05
N GLN G 16 13.09 64.33 -24.73
CA GLN G 16 12.14 65.31 -24.21
C GLN G 16 12.32 65.47 -22.71
N ARG G 17 11.50 66.33 -22.13
CA ARG G 17 11.42 66.52 -20.69
C ARG G 17 10.23 65.74 -20.14
N VAL G 18 10.34 65.33 -18.88
CA VAL G 18 9.23 64.66 -18.19
C VAL G 18 9.26 65.08 -16.72
N SER G 19 8.06 65.22 -16.15
CA SER G 19 7.91 65.61 -14.76
C SER G 19 7.21 64.51 -13.99
N ILE G 20 7.62 64.32 -12.75
CA ILE G 20 7.05 63.32 -11.85
C ILE G 20 6.51 64.04 -10.63
N THR G 21 5.21 63.86 -10.39
CA THR G 21 4.56 64.44 -9.22
C THR G 21 4.74 63.53 -8.00
N CYS G 22 4.87 64.16 -6.84
CA CYS G 22 5.02 63.48 -5.56
C CYS G 22 4.12 64.24 -4.60
N SER G 23 2.91 63.75 -4.40
CA SER G 23 1.90 64.41 -3.60
C SER G 23 1.88 63.85 -2.18
N GLY G 24 1.79 64.74 -1.20
CA GLY G 24 1.72 64.34 0.18
C GLY G 24 0.82 65.24 0.99
N SER G 25 1.39 65.90 1.99
CA SER G 25 0.63 66.76 2.90
C SER G 25 1.47 67.99 3.20
N SER G 26 1.09 68.71 4.26
CA SER G 26 1.87 69.85 4.73
C SER G 26 2.97 69.45 5.70
N SER G 27 2.85 68.28 6.33
CA SER G 27 3.80 67.84 7.35
C SER G 27 5.04 67.15 6.77
N ASN G 28 5.01 66.74 5.50
CA ASN G 28 6.18 66.13 4.86
C ASN G 28 6.61 66.94 3.65
N VAL G 29 5.87 66.89 2.53
CA VAL G 29 6.27 67.65 1.36
C VAL G 29 6.18 69.15 1.62
N GLY G 30 5.22 69.58 2.43
CA GLY G 30 5.03 71.01 2.66
C GLY G 30 6.19 71.66 3.39
N ASN G 31 6.93 70.91 4.20
CA ASN G 31 8.03 71.48 4.95
C ASN G 31 9.19 71.88 4.04
N GLY G 32 9.32 71.27 2.87
CA GLY G 32 10.26 71.74 1.88
C GLY G 32 11.67 71.21 2.02
N TYR G 33 11.81 69.88 2.13
CA TYR G 33 13.11 69.22 2.10
C TYR G 33 12.89 67.84 1.47
N VAL G 34 12.66 67.84 0.16
CA VAL G 34 12.29 66.64 -0.57
C VAL G 34 13.54 65.95 -1.08
N SER G 35 13.44 64.63 -1.26
CA SER G 35 14.53 63.83 -1.81
C SER G 35 14.03 62.96 -2.95
N TRP G 36 14.91 62.76 -3.93
CA TRP G 36 14.62 61.93 -5.09
C TRP G 36 15.76 60.95 -5.33
N TYR G 37 15.39 59.68 -5.54
CA TYR G 37 16.34 58.58 -5.67
C TYR G 37 16.03 57.74 -6.90
N GLN G 38 17.10 57.25 -7.53
CA GLN G 38 17.04 56.40 -8.71
C GLN G 38 17.32 54.97 -8.30
N LEU G 39 16.52 54.03 -8.82
CA LEU G 39 16.62 52.62 -8.44
C LEU G 39 16.46 51.79 -9.71
N ILE G 40 17.53 51.16 -10.14
CA ILE G 40 17.52 50.23 -11.27
C ILE G 40 17.66 48.82 -10.70
N PRO G 41 16.82 47.87 -11.13
CA PRO G 41 16.91 46.52 -10.54
C PRO G 41 18.28 45.89 -10.81
N GLY G 42 18.76 45.13 -9.83
CA GLY G 42 20.08 44.54 -9.91
C GLY G 42 21.21 45.47 -9.51
N SER G 43 20.92 46.73 -9.24
CA SER G 43 21.94 47.71 -8.87
C SER G 43 21.51 48.38 -7.57
N ALA G 44 22.49 48.98 -6.89
CA ALA G 44 22.21 49.69 -5.66
C ALA G 44 21.52 51.02 -5.97
N PRO G 45 20.61 51.46 -5.11
CA PRO G 45 19.96 52.75 -5.35
C PRO G 45 20.97 53.88 -5.42
N ARG G 46 20.53 55.00 -5.96
CA ARG G 46 21.41 56.13 -6.25
C ARG G 46 20.65 57.41 -5.91
N THR G 47 21.24 58.22 -5.02
CA THR G 47 20.60 59.45 -4.58
C THR G 47 20.77 60.53 -5.65
N LEU G 48 19.67 61.19 -5.99
CA LEU G 48 19.67 62.24 -7.00
C LEU G 48 19.52 63.63 -6.38
N ILE G 49 18.40 63.89 -5.70
CA ILE G 49 18.08 65.24 -5.24
C ILE G 49 17.86 65.23 -3.72
N TYR G 50 18.33 66.29 -3.08
CA TYR G 50 18.06 66.58 -1.69
C TYR G 50 17.76 68.07 -1.56
N GLY G 51 17.03 68.42 -0.50
CA GLY G 51 16.66 69.80 -0.28
C GLY G 51 15.92 70.42 -1.45
N ASP G 52 14.78 69.81 -1.82
CA ASP G 52 13.92 70.31 -2.88
C ASP G 52 14.61 70.31 -4.24
N THR G 53 15.67 71.11 -4.39
CA THR G 53 16.24 71.40 -5.71
C THR G 53 17.74 71.19 -5.81
N SER G 54 18.44 70.88 -4.73
CA SER G 54 19.89 70.73 -4.77
C SER G 54 20.28 69.38 -5.35
N ARG G 55 21.21 69.39 -6.30
CA ARG G 55 21.68 68.16 -6.92
C ARG G 55 22.71 67.47 -6.03
N ALA G 56 22.55 66.17 -5.83
CA ALA G 56 23.55 65.39 -5.13
C ALA G 56 24.82 65.30 -5.98
N SER G 57 25.85 64.70 -5.40
CA SER G 57 27.15 64.65 -6.06
C SER G 57 27.09 63.72 -7.26
N GLY G 58 27.61 64.20 -8.39
CA GLY G 58 27.72 63.38 -9.59
C GLY G 58 26.43 63.24 -10.38
N VAL G 59 25.48 64.12 -10.20
CA VAL G 59 24.21 64.09 -10.93
C VAL G 59 24.27 65.16 -12.02
N PRO G 60 24.06 64.80 -13.31
CA PRO G 60 24.18 65.82 -14.36
C PRO G 60 23.12 66.90 -14.28
N ASP G 61 23.19 67.88 -15.18
CA ASP G 61 22.26 69.00 -15.19
C ASP G 61 20.87 68.62 -15.66
N ARG G 62 20.65 67.38 -16.08
CA ARG G 62 19.36 66.97 -16.61
C ARG G 62 18.31 66.75 -15.51
N PHE G 63 18.75 66.35 -14.32
CA PHE G 63 17.84 66.12 -13.20
C PHE G 63 17.66 67.41 -12.43
N SER G 64 16.43 67.92 -12.38
CA SER G 64 16.12 69.17 -11.69
C SER G 64 14.81 69.02 -10.95
N GLY G 65 14.78 69.45 -9.68
CA GLY G 65 13.60 69.33 -8.86
C GLY G 65 12.95 70.69 -8.57
N SER G 66 11.71 70.62 -8.07
CA SER G 66 10.96 71.81 -7.71
C SER G 66 9.81 71.38 -6.81
N ARG G 67 9.03 72.36 -6.35
CA ARG G 67 7.92 72.08 -5.45
C ARG G 67 6.91 73.22 -5.52
N SER G 68 5.65 72.88 -5.27
CA SER G 68 4.57 73.86 -5.14
C SER G 68 3.72 73.39 -3.96
N GLY G 69 3.84 74.09 -2.85
CA GLY G 69 3.04 73.79 -1.67
C GLY G 69 3.21 72.37 -1.18
N ASN G 70 2.17 71.56 -1.37
CA ASN G 70 2.18 70.18 -0.92
C ASN G 70 2.43 69.18 -2.06
N THR G 71 2.88 69.64 -3.21
CA THR G 71 3.14 68.79 -4.36
C THR G 71 4.57 69.02 -4.84
N ALA G 72 5.42 68.02 -4.67
CA ALA G 72 6.78 68.10 -5.18
C ALA G 72 6.85 67.55 -6.60
N THR G 73 7.87 67.95 -7.33
CA THR G 73 8.00 67.56 -8.72
C THR G 73 9.47 67.35 -9.07
N LEU G 74 9.75 66.29 -9.84
CA LEU G 74 11.08 66.06 -10.41
C LEU G 74 10.96 66.10 -11.92
N THR G 75 11.55 67.10 -12.53
CA THR G 75 11.63 67.21 -13.99
C THR G 75 13.00 66.73 -14.44
N ILE G 76 13.00 65.83 -15.43
CA ILE G 76 14.22 65.32 -16.04
C ILE G 76 14.16 65.74 -17.51
N SER G 77 15.15 66.50 -17.95
CA SER G 77 15.22 67.00 -19.32
C SER G 77 16.20 66.14 -20.13
N SER G 78 15.98 66.12 -21.44
CA SER G 78 16.83 65.35 -22.36
C SER G 78 16.89 63.89 -21.93
N LEU G 79 15.72 63.25 -21.92
CA LEU G 79 15.62 61.88 -21.46
C LEU G 79 16.51 60.97 -22.29
N GLN G 80 16.96 59.88 -21.65
CA GLN G 80 17.80 58.90 -22.30
C GLN G 80 17.39 57.51 -21.82
N ALA G 81 17.87 56.48 -22.53
CA ALA G 81 17.45 55.12 -22.22
C ALA G 81 17.98 54.65 -20.87
N GLU G 82 19.17 55.11 -20.47
CA GLU G 82 19.71 54.73 -19.18
C GLU G 82 18.99 55.39 -18.01
N ASP G 83 18.02 56.27 -18.28
CA ASP G 83 17.21 56.87 -17.23
C ASP G 83 16.03 56.00 -16.81
N GLU G 84 15.67 54.99 -17.60
CA GLU G 84 14.61 54.06 -17.24
C GLU G 84 14.86 53.49 -15.86
N ALA G 85 13.92 53.68 -14.94
CA ALA G 85 14.18 53.24 -13.57
C ALA G 85 13.02 53.61 -12.67
N ASP G 86 13.03 53.06 -11.46
CA ASP G 86 12.06 53.41 -10.43
C ASP G 86 12.61 54.58 -9.63
N TYR G 87 11.88 55.69 -9.62
CA TYR G 87 12.29 56.88 -8.88
C TYR G 87 11.40 57.00 -7.65
N PHE G 88 12.03 57.13 -6.49
CA PHE G 88 11.31 57.26 -5.23
C PHE G 88 11.60 58.62 -4.61
N CYS G 89 10.54 59.32 -4.21
CA CYS G 89 10.70 60.53 -3.41
C CYS G 89 10.62 60.16 -1.93
N ALA G 90 11.20 61.02 -1.09
CA ALA G 90 11.19 60.76 0.35
C ALA G 90 11.29 62.07 1.10
N SER G 91 10.84 62.06 2.35
CA SER G 91 10.94 63.25 3.18
C SER G 91 10.78 62.89 4.64
N ALA G 92 11.25 63.80 5.50
CA ALA G 92 10.98 63.72 6.92
C ALA G 92 9.54 64.14 7.20
N GLU G 93 9.08 63.86 8.41
CA GLU G 93 7.70 64.19 8.79
C GLU G 93 7.68 64.48 10.29
N ASP G 94 7.84 65.76 10.64
CA ASP G 94 7.78 66.27 12.00
C ASP G 94 8.95 65.78 12.86
N SER G 95 9.88 65.02 12.31
CA SER G 95 11.07 64.60 13.04
C SER G 95 12.09 64.10 12.03
N SER G 96 13.36 64.38 12.29
CA SER G 96 14.42 63.96 11.37
C SER G 96 14.63 62.45 11.41
N SER G 97 14.31 61.82 12.55
CA SER G 97 14.46 60.37 12.65
C SER G 97 13.44 59.64 11.78
N ASN G 98 12.20 60.12 11.76
CA ASN G 98 11.12 59.49 11.00
C ASN G 98 11.14 59.98 9.56
N ALA G 99 10.95 59.05 8.63
CA ALA G 99 10.97 59.36 7.21
C ALA G 99 9.89 58.56 6.50
N VAL G 100 9.46 59.08 5.35
CA VAL G 100 8.45 58.41 4.53
C VAL G 100 8.90 58.46 3.07
N PHE G 101 8.69 57.35 2.37
CA PHE G 101 9.01 57.21 0.95
C PHE G 101 7.73 57.21 0.13
N GLY G 102 7.88 57.40 -1.17
CA GLY G 102 6.76 57.41 -2.07
C GLY G 102 6.46 56.04 -2.64
N SER G 103 5.27 55.92 -3.25
CA SER G 103 4.90 54.66 -3.90
C SER G 103 5.88 54.27 -5.01
N GLY G 104 6.65 55.23 -5.52
CA GLY G 104 7.61 54.95 -6.57
C GLY G 104 7.03 55.09 -7.96
N THR G 105 7.77 55.71 -8.89
CA THR G 105 7.33 55.86 -10.26
C THR G 105 8.26 55.11 -11.19
N THR G 106 7.69 54.27 -12.04
CA THR G 106 8.49 53.55 -13.04
C THR G 106 8.61 54.44 -14.26
N LEU G 107 9.72 55.18 -14.35
CA LEU G 107 10.02 55.94 -15.55
C LEU G 107 10.41 54.98 -16.66
N THR G 108 9.53 54.92 -17.67
CA THR G 108 9.73 54.15 -18.89
C THR G 108 9.90 55.14 -20.03
N VAL G 109 11.01 55.08 -20.73
CA VAL G 109 11.25 55.91 -21.90
C VAL G 109 10.71 55.18 -23.13
N LEU G 110 10.06 55.93 -24.02
CA LEU G 110 9.57 55.36 -25.27
C LEU G 110 10.71 55.32 -26.28
N GLY G 111 11.06 54.11 -26.72
CA GLY G 111 12.14 53.93 -27.68
C GLY G 111 11.70 53.15 -28.90
N GLN G 112 10.95 52.08 -28.67
CA GLN G 112 10.41 51.25 -29.74
C GLN G 112 8.89 51.39 -29.79
N PRO G 113 8.25 50.98 -30.89
CA PRO G 113 6.80 51.16 -31.00
C PRO G 113 6.06 50.36 -29.94
N LYS G 114 4.88 50.85 -29.58
CA LYS G 114 4.08 50.23 -28.53
C LYS G 114 3.56 48.87 -28.99
N SER G 115 3.52 47.92 -28.06
CA SER G 115 3.07 46.56 -28.34
C SER G 115 2.13 46.12 -27.23
N PRO G 116 0.97 45.56 -27.53
CA PRO G 116 0.08 45.07 -26.47
C PRO G 116 0.52 43.69 -26.01
N PRO G 117 0.01 43.21 -24.87
CA PRO G 117 0.43 41.91 -24.33
C PRO G 117 -0.35 40.74 -24.90
N SER G 118 0.42 39.72 -25.30
CA SER G 118 -0.15 38.41 -25.60
C SER G 118 -0.35 37.67 -24.29
N VAL G 119 -1.53 37.06 -24.14
CA VAL G 119 -1.95 36.42 -22.90
C VAL G 119 -2.27 34.96 -23.17
N THR G 120 -1.73 34.07 -22.34
CA THR G 120 -2.08 32.65 -22.38
C THR G 120 -2.46 32.23 -20.97
N LEU G 121 -3.66 31.68 -20.81
CA LEU G 121 -4.12 31.20 -19.52
C LEU G 121 -4.14 29.69 -19.51
N PHE G 122 -3.33 29.09 -18.64
CA PHE G 122 -3.28 27.64 -18.53
C PHE G 122 -4.09 27.19 -17.32
N PRO G 123 -4.97 26.21 -17.49
CA PRO G 123 -5.71 25.64 -16.36
C PRO G 123 -4.79 24.80 -15.50
N PRO G 124 -5.27 24.32 -14.36
CA PRO G 124 -4.51 23.32 -13.59
C PRO G 124 -4.53 21.97 -14.29
N SER G 125 -3.42 21.25 -14.16
CA SER G 125 -3.31 19.93 -14.77
C SER G 125 -4.04 18.90 -13.93
N THR G 126 -4.30 17.74 -14.55
CA THR G 126 -4.91 16.63 -13.83
C THR G 126 -4.02 16.17 -12.68
N GLU G 127 -2.71 16.08 -12.93
CA GLU G 127 -1.80 15.58 -11.91
C GLU G 127 -1.79 16.47 -10.68
N GLU G 128 -1.78 17.80 -10.89
CA GLU G 128 -1.82 18.70 -9.75
C GLU G 128 -3.17 18.64 -9.03
N LEU G 129 -4.27 18.57 -9.79
CA LEU G 129 -5.58 18.40 -9.17
C LEU G 129 -5.65 17.13 -8.34
N ASN G 130 -4.89 16.10 -8.73
CA ASN G 130 -4.85 14.86 -7.96
C ASN G 130 -4.24 15.07 -6.58
N GLY G 131 -3.41 16.09 -6.42
CA GLY G 131 -2.90 16.49 -5.13
C GLY G 131 -3.76 17.50 -4.41
N ASN G 132 -4.98 17.74 -4.89
CA ASN G 132 -5.92 18.68 -4.28
C ASN G 132 -5.48 20.12 -4.44
N LYS G 133 -4.62 20.40 -5.42
CA LYS G 133 -4.14 21.75 -5.70
C LYS G 133 -4.48 22.14 -7.12
N ALA G 134 -4.73 23.43 -7.32
CA ALA G 134 -5.09 23.95 -8.65
C ALA G 134 -4.38 25.29 -8.82
N THR G 135 -3.44 25.34 -9.77
CA THR G 135 -2.71 26.57 -10.07
C THR G 135 -3.09 27.04 -11.47
N LEU G 136 -3.71 28.20 -11.56
CA LEU G 136 -3.97 28.84 -12.84
C LEU G 136 -2.78 29.72 -13.21
N VAL G 137 -2.23 29.50 -14.40
CA VAL G 137 -0.99 30.15 -14.80
C VAL G 137 -1.31 31.12 -15.93
N CYS G 138 -1.22 32.42 -15.66
CA CYS G 138 -1.45 33.45 -16.68
C CYS G 138 -0.09 33.98 -17.11
N LEU G 139 0.27 33.71 -18.36
CA LEU G 139 1.55 34.11 -18.91
C LEU G 139 1.32 35.27 -19.88
N ILE G 140 2.10 36.34 -19.72
CA ILE G 140 1.91 37.60 -20.42
C ILE G 140 3.23 37.99 -21.07
N SER G 141 3.22 38.22 -22.38
CA SER G 141 4.47 38.45 -23.08
C SER G 141 4.30 39.51 -24.15
N ASP G 142 5.43 40.10 -24.57
CA ASP G 142 5.50 40.90 -25.79
C ASP G 142 4.74 42.22 -25.66
N PHE G 143 4.87 42.88 -24.51
CA PHE G 143 4.27 44.19 -24.30
C PHE G 143 5.35 45.22 -24.02
N TYR G 144 5.19 46.39 -24.63
CA TYR G 144 6.11 47.52 -24.42
C TYR G 144 5.31 48.82 -24.42
N PRO G 145 5.58 49.73 -23.48
CA PRO G 145 6.56 49.65 -22.37
C PRO G 145 6.22 48.61 -21.32
N GLY G 146 7.19 48.29 -20.48
CA GLY G 146 7.06 47.18 -19.55
C GLY G 146 6.30 47.50 -18.29
N SER G 147 4.99 47.66 -18.41
CA SER G 147 4.13 47.91 -17.26
C SER G 147 2.73 47.43 -17.58
N VAL G 148 2.27 46.41 -16.87
CA VAL G 148 0.92 45.88 -17.02
C VAL G 148 0.30 45.77 -15.63
N THR G 149 -1.03 45.81 -15.59
CA THR G 149 -1.77 45.52 -14.37
C THR G 149 -2.66 44.32 -14.61
N VAL G 150 -2.64 43.38 -13.66
CA VAL G 150 -3.32 42.09 -13.81
C VAL G 150 -4.50 42.08 -12.86
N VAL G 151 -5.68 41.75 -13.40
CA VAL G 151 -6.91 41.60 -12.63
C VAL G 151 -7.45 40.21 -12.90
N TRP G 152 -7.60 39.42 -11.85
CA TRP G 152 -8.24 38.11 -11.93
C TRP G 152 -9.73 38.25 -11.63
N LYS G 153 -10.54 37.45 -12.31
CA LYS G 153 -11.98 37.48 -12.08
C LYS G 153 -12.53 36.06 -12.11
N ALA G 154 -13.61 35.85 -11.36
CA ALA G 154 -14.35 34.60 -11.41
C ALA G 154 -15.83 34.94 -11.39
N ASP G 155 -16.51 34.70 -12.51
CA ASP G 155 -17.94 35.00 -12.63
C ASP G 155 -18.21 36.49 -12.40
N GLY G 156 -17.37 37.34 -12.99
CA GLY G 156 -17.63 38.77 -13.02
C GLY G 156 -17.05 39.56 -11.87
N SER G 157 -16.62 38.91 -10.79
CA SER G 157 -16.13 39.59 -9.60
C SER G 157 -14.62 39.47 -9.49
N THR G 158 -13.97 40.58 -9.16
CA THR G 158 -12.53 40.62 -9.02
C THR G 158 -12.06 39.75 -7.85
N ILE G 159 -10.84 39.24 -7.96
CA ILE G 159 -10.23 38.39 -6.94
C ILE G 159 -8.93 39.04 -6.48
N THR G 160 -8.63 38.90 -5.20
CA THR G 160 -7.39 39.42 -4.63
C THR G 160 -6.60 38.37 -3.86
N ARG G 161 -7.28 37.46 -3.16
CA ARG G 161 -6.57 36.48 -2.35
C ARG G 161 -5.92 35.42 -3.23
N ASN G 162 -4.75 34.94 -2.78
CA ASN G 162 -4.04 33.85 -3.41
C ASN G 162 -3.56 34.19 -4.81
N VAL G 163 -3.36 35.47 -5.11
CA VAL G 163 -2.77 35.90 -6.38
C VAL G 163 -1.34 36.31 -6.12
N GLU G 164 -0.43 35.90 -7.01
CA GLU G 164 0.95 36.36 -6.95
C GLU G 164 1.39 36.72 -8.35
N THR G 165 1.85 37.96 -8.52
CA THR G 165 2.21 38.49 -9.83
C THR G 165 3.66 38.95 -9.81
N THR G 166 4.40 38.60 -10.85
CA THR G 166 5.79 39.03 -10.97
C THR G 166 5.85 40.45 -11.53
N ARG G 167 6.95 41.14 -11.21
CA ARG G 167 7.27 42.37 -11.90
C ARG G 167 7.60 42.08 -13.37
N ALA G 168 7.49 43.10 -14.19
CA ALA G 168 7.83 42.95 -15.60
C ALA G 168 9.32 42.73 -15.77
N SER G 169 9.69 41.88 -16.73
CA SER G 169 11.08 41.57 -17.00
C SER G 169 11.35 41.69 -18.50
N LYS G 170 12.58 42.06 -18.84
CA LYS G 170 12.95 42.34 -20.22
C LYS G 170 13.18 41.03 -20.98
N GLN G 171 12.55 40.92 -22.15
CA GLN G 171 12.75 39.78 -23.03
C GLN G 171 13.97 40.00 -23.92
N SER G 172 14.36 38.94 -24.63
CA SER G 172 15.47 39.03 -25.56
C SER G 172 15.16 39.97 -26.73
N ASN G 173 13.89 40.16 -27.06
CA ASN G 173 13.49 41.03 -28.16
C ASN G 173 13.19 42.46 -27.72
N SER G 174 13.67 42.87 -26.55
CA SER G 174 13.54 44.21 -26.00
C SER G 174 12.13 44.51 -25.49
N LYS G 175 11.16 43.63 -25.70
CA LYS G 175 9.85 43.77 -25.10
C LYS G 175 9.87 43.16 -23.70
N TYR G 176 8.73 43.19 -23.02
CA TYR G 176 8.65 42.74 -21.64
C TYR G 176 7.64 41.63 -21.46
N ALA G 177 7.78 40.91 -20.35
CA ALA G 177 6.94 39.78 -19.99
C ALA G 177 6.62 39.83 -18.51
N ALA G 178 5.69 38.97 -18.10
CA ALA G 178 5.29 38.85 -16.70
C ALA G 178 4.37 37.65 -16.60
N SER G 179 4.13 37.20 -15.37
CA SER G 179 3.23 36.08 -15.15
C SER G 179 2.49 36.30 -13.84
N SER G 180 1.28 35.74 -13.78
CA SER G 180 0.42 35.85 -12.62
C SER G 180 -0.15 34.48 -12.29
N TYR G 181 -0.02 34.09 -11.03
CA TYR G 181 -0.43 32.77 -10.57
C TYR G 181 -1.62 32.93 -9.64
N LEU G 182 -2.66 32.13 -9.89
CA LEU G 182 -3.81 32.05 -9.01
C LEU G 182 -3.82 30.66 -8.37
N SER G 183 -3.55 30.61 -7.07
CA SER G 183 -3.42 29.36 -6.33
C SER G 183 -4.72 29.08 -5.59
N LEU G 184 -5.35 27.95 -5.94
CA LEU G 184 -6.65 27.57 -5.42
C LEU G 184 -6.61 26.10 -5.01
N THR G 185 -7.65 25.68 -4.28
CA THR G 185 -7.87 24.26 -4.04
C THR G 185 -8.52 23.63 -5.27
N SER G 186 -8.45 22.30 -5.34
CA SER G 186 -9.12 21.59 -6.42
C SER G 186 -10.62 21.86 -6.41
N SER G 187 -11.19 22.13 -5.23
CA SER G 187 -12.62 22.37 -5.13
C SER G 187 -12.97 23.80 -5.52
N ASP G 188 -12.19 24.78 -5.09
CA ASP G 188 -12.42 26.16 -5.52
C ASP G 188 -12.32 26.28 -7.03
N TRP G 189 -11.48 25.47 -7.66
CA TRP G 189 -11.32 25.50 -9.11
C TRP G 189 -12.60 25.06 -9.82
N LYS G 190 -13.37 24.16 -9.21
CA LYS G 190 -14.64 23.72 -9.77
C LYS G 190 -15.84 24.49 -9.23
N SER G 191 -15.64 25.31 -8.19
CA SER G 191 -16.74 26.07 -7.61
C SER G 191 -17.28 27.08 -8.62
N LYS G 192 -16.41 27.65 -9.44
CA LYS G 192 -16.78 28.69 -10.39
C LYS G 192 -16.99 28.08 -11.77
N GLY G 193 -17.77 28.79 -12.59
CA GLY G 193 -17.97 28.39 -13.96
C GLY G 193 -16.88 28.86 -14.91
N SER G 194 -16.16 29.91 -14.55
CA SER G 194 -15.11 30.43 -15.41
C SER G 194 -14.17 31.32 -14.61
N TYR G 195 -12.88 31.22 -14.92
CA TYR G 195 -11.87 32.14 -14.42
C TYR G 195 -11.32 32.97 -15.58
N SER G 196 -10.95 34.21 -15.27
CA SER G 196 -10.49 35.14 -16.29
C SER G 196 -9.25 35.89 -15.81
N CYS G 197 -8.26 35.97 -16.69
CA CYS G 197 -7.08 36.81 -16.52
C CYS G 197 -7.25 38.00 -17.46
N GLU G 198 -7.39 39.19 -16.88
CA GLU G 198 -7.50 40.44 -17.62
C GLU G 198 -6.24 41.26 -17.40
N VAL G 199 -5.59 41.64 -18.49
CA VAL G 199 -4.30 42.31 -18.44
C VAL G 199 -4.45 43.68 -19.09
N THR G 200 -4.19 44.74 -18.32
CA THR G 200 -4.29 46.11 -18.80
C THR G 200 -2.90 46.67 -19.09
N HIS G 201 -2.76 47.25 -20.28
CA HIS G 201 -1.53 47.88 -20.75
C HIS G 201 -1.94 49.17 -21.44
N GLU G 202 -1.42 50.29 -20.95
CA GLU G 202 -1.65 51.60 -21.57
C GLU G 202 -3.13 51.82 -21.89
N GLY G 203 -3.98 51.60 -20.89
CA GLY G 203 -5.40 51.86 -21.01
C GLY G 203 -6.20 50.82 -21.76
N SER G 204 -5.56 49.86 -22.42
CA SER G 204 -6.25 48.83 -23.19
C SER G 204 -6.15 47.49 -22.48
N THR G 205 -7.14 46.62 -22.68
CA THR G 205 -7.22 45.37 -21.92
C THR G 205 -7.27 44.17 -22.87
N VAL G 206 -6.60 43.09 -22.45
CA VAL G 206 -6.62 41.81 -23.15
C VAL G 206 -7.02 40.74 -22.14
N THR G 207 -7.99 39.91 -22.50
CA THR G 207 -8.56 38.94 -21.55
C THR G 207 -8.49 37.52 -22.10
N LYS G 208 -8.20 36.58 -21.20
CA LYS G 208 -8.32 35.16 -21.51
C LYS G 208 -9.11 34.48 -20.40
N THR G 209 -9.89 33.48 -20.78
CA THR G 209 -10.81 32.82 -19.86
C THR G 209 -10.69 31.31 -20.00
N VAL G 210 -10.81 30.61 -18.87
CA VAL G 210 -10.91 29.15 -18.84
C VAL G 210 -12.17 28.78 -18.09
N LYS G 211 -12.78 27.67 -18.52
CA LYS G 211 -14.01 27.18 -17.91
C LYS G 211 -13.77 25.76 -17.41
N PRO G 212 -13.71 25.54 -16.08
CA PRO G 212 -13.39 24.19 -15.57
C PRO G 212 -14.24 23.08 -16.15
N SER G 213 -15.54 23.33 -16.35
CA SER G 213 -16.45 22.29 -16.82
C SER G 213 -16.26 21.97 -18.30
N GLU G 214 -15.45 22.72 -19.03
CA GLU G 214 -15.23 22.50 -20.45
C GLU G 214 -13.78 22.18 -20.78
N CYS G 215 -12.93 21.96 -19.77
CA CYS G 215 -11.50 21.79 -20.00
C CYS G 215 -11.16 20.33 -20.27
N GLN H 3 31.56 51.26 -0.14
CA GLN H 3 30.42 50.41 -0.45
C GLN H 3 29.94 49.67 0.79
N LEU H 4 28.62 49.71 1.02
CA LEU H 4 28.01 49.13 2.21
C LEU H 4 27.56 47.71 1.92
N ARG H 5 28.09 46.75 2.67
CA ARG H 5 27.84 45.33 2.44
C ARG H 5 26.97 44.78 3.56
N GLU H 6 25.75 44.40 3.22
CA GLU H 6 24.90 43.66 4.15
C GLU H 6 25.40 42.22 4.29
N SER H 7 25.02 41.59 5.40
CA SER H 7 25.40 40.20 5.64
C SER H 7 24.46 39.59 6.67
N GLY H 8 24.26 38.29 6.57
CA GLY H 8 23.38 37.56 7.46
C GLY H 8 22.58 36.49 6.73
N PRO H 9 21.81 35.70 7.47
CA PRO H 9 21.01 34.66 6.83
C PRO H 9 20.01 35.24 5.84
N SER H 10 19.81 34.53 4.74
CA SER H 10 18.79 34.89 3.77
C SER H 10 17.48 34.14 3.98
N LEU H 11 17.45 33.18 4.89
CA LEU H 11 16.27 32.40 5.19
C LEU H 11 16.04 32.47 6.69
N VAL H 12 14.82 32.79 7.10
CA VAL H 12 14.49 32.97 8.52
C VAL H 12 13.19 32.23 8.82
N LYS H 13 13.20 31.44 9.89
CA LYS H 13 11.99 30.74 10.33
C LYS H 13 11.04 31.72 11.03
N PRO H 14 9.73 31.56 10.87
CA PRO H 14 8.79 32.49 11.50
C PRO H 14 8.92 32.48 13.02
N SER H 15 8.67 33.66 13.61
CA SER H 15 8.70 33.86 15.06
C SER H 15 10.12 34.03 15.58
N GLN H 16 11.12 33.60 14.82
CA GLN H 16 12.50 33.82 15.21
C GLN H 16 12.91 35.26 14.89
N THR H 17 14.08 35.63 15.37
CA THR H 17 14.59 36.98 15.17
C THR H 17 15.37 37.07 13.87
N LEU H 18 14.99 38.03 13.03
CA LEU H 18 15.72 38.31 11.79
C LEU H 18 16.86 39.26 12.12
N SER H 19 18.10 38.76 12.00
CA SER H 19 19.29 39.51 12.39
C SER H 19 20.22 39.64 11.19
N LEU H 20 20.68 40.87 10.93
CA LEU H 20 21.54 41.19 9.80
C LEU H 20 22.75 41.99 10.28
N THR H 21 23.68 42.23 9.34
CA THR H 21 24.92 42.93 9.61
C THR H 21 25.32 43.76 8.38
N CYS H 22 25.83 44.98 8.61
CA CYS H 22 26.24 45.90 7.54
C CYS H 22 27.70 46.32 7.73
N THR H 23 28.52 46.12 6.71
CA THR H 23 29.93 46.50 6.72
C THR H 23 30.23 47.57 5.67
N ALA H 24 31.05 48.54 6.03
CA ALA H 24 31.57 49.54 5.10
C ALA H 24 33.05 49.29 4.84
N SER H 25 33.51 49.76 3.69
CA SER H 25 34.93 49.71 3.33
C SER H 25 35.28 51.01 2.64
N GLY H 26 36.41 51.59 3.03
CA GLY H 26 36.85 52.88 2.53
C GLY H 26 36.53 54.05 3.44
N PHE H 27 35.67 53.86 4.42
CA PHE H 27 35.30 54.92 5.35
C PHE H 27 34.73 54.29 6.61
N SER H 28 35.12 54.81 7.76
CA SER H 28 34.65 54.27 9.02
C SER H 28 33.16 54.56 9.21
N LEU H 29 32.42 53.59 9.74
CA LEU H 29 31.01 53.80 10.03
C LEU H 29 30.80 54.61 11.30
N SER H 30 31.70 54.49 12.28
CA SER H 30 31.64 55.31 13.49
C SER H 30 31.89 56.77 13.15
N ASP H 31 30.98 57.40 12.41
CA ASP H 31 31.19 58.76 11.93
C ASP H 31 29.95 59.29 11.22
N LYS H 32 29.19 58.40 10.62
CA LYS H 32 28.00 58.76 9.87
C LYS H 32 26.78 58.10 10.52
N ALA H 33 25.61 58.68 10.27
CA ALA H 33 24.37 58.04 10.69
C ALA H 33 24.09 56.90 9.71
N VAL H 34 23.76 55.73 10.25
CA VAL H 34 23.52 54.53 9.45
C VAL H 34 22.05 54.15 9.61
N GLY H 35 21.38 53.89 8.49
CA GLY H 35 19.97 53.59 8.49
C GLY H 35 19.68 52.30 7.76
N TRP H 36 18.40 51.90 7.82
CA TRP H 36 17.95 50.65 7.22
C TRP H 36 16.61 50.89 6.53
N VAL H 37 16.52 50.47 5.27
CA VAL H 37 15.25 50.55 4.55
C VAL H 37 14.98 49.18 3.94
N ARG H 38 13.74 48.73 3.98
CA ARG H 38 13.38 47.47 3.37
C ARG H 38 12.28 47.70 2.35
N GLN H 39 12.09 46.71 1.47
CA GLN H 39 11.05 46.79 0.46
C GLN H 39 10.51 45.39 0.24
N ALA H 40 9.26 45.17 0.65
CA ALA H 40 8.57 43.93 0.37
C ALA H 40 8.21 43.86 -1.12
N PRO H 41 7.99 42.66 -1.65
CA PRO H 41 7.67 42.52 -3.08
C PRO H 41 6.43 43.33 -3.47
N GLY H 42 6.61 44.24 -4.42
CA GLY H 42 5.51 45.03 -4.95
C GLY H 42 4.89 46.00 -3.98
N LYS H 43 5.57 46.34 -2.90
CA LYS H 43 5.10 47.31 -1.92
C LYS H 43 6.10 48.47 -1.84
N ALA H 44 5.77 49.45 -1.02
CA ALA H 44 6.56 50.67 -0.93
C ALA H 44 7.81 50.47 -0.08
N LEU H 45 8.82 51.29 -0.36
CA LEU H 45 9.98 51.35 0.53
C LEU H 45 9.51 51.66 1.93
N GLU H 46 10.11 50.99 2.91
CA GLU H 46 9.68 51.09 4.30
C GLU H 46 10.87 51.51 5.17
N TRP H 47 10.79 52.73 5.68
CA TRP H 47 11.83 53.26 6.56
C TRP H 47 11.80 52.51 7.89
N LEU H 48 12.92 51.86 8.22
CA LEU H 48 13.02 51.13 9.47
C LEU H 48 13.59 51.99 10.60
N GLY H 49 14.67 52.70 10.33
CA GLY H 49 15.26 53.55 11.33
C GLY H 49 16.69 53.92 10.97
N ASN H 50 17.29 54.67 11.90
CA ASN H 50 18.68 55.08 11.76
C ASN H 50 19.29 55.16 13.15
N ILE H 51 20.61 55.14 13.20
CA ILE H 51 21.38 55.31 14.43
C ILE H 51 22.55 56.22 14.13
N ASP H 52 22.72 57.25 14.95
CA ASP H 52 23.76 58.24 14.77
C ASP H 52 25.05 57.79 15.48
N THR H 53 26.06 58.66 15.47
CA THR H 53 27.35 58.32 16.06
C THR H 53 27.26 58.15 17.58
N GLY H 54 26.35 58.88 18.23
CA GLY H 54 26.23 58.82 19.66
C GLY H 54 25.39 57.69 20.22
N GLY H 55 24.90 56.80 19.36
CA GLY H 55 24.04 55.71 19.77
C GLY H 55 22.58 56.06 19.84
N ILE H 56 22.21 57.33 19.61
CA ILE H 56 20.80 57.70 19.55
C ILE H 56 20.15 56.99 18.37
N THR H 57 18.98 56.40 18.63
CA THR H 57 18.27 55.60 17.65
C THR H 57 16.94 56.25 17.32
N GLY H 58 16.63 56.33 16.03
CA GLY H 58 15.32 56.73 15.55
C GLY H 58 14.65 55.55 14.85
N TYR H 59 13.39 55.29 15.21
CA TYR H 59 12.69 54.11 14.72
C TYR H 59 11.36 54.53 14.11
N ASN H 60 10.79 53.60 13.34
CA ASN H 60 9.44 53.78 12.80
C ASN H 60 8.43 53.58 13.92
N PRO H 61 7.50 54.52 14.15
CA PRO H 61 6.58 54.39 15.29
C PRO H 61 5.83 53.06 15.36
N GLY H 62 5.39 52.53 14.22
CA GLY H 62 4.61 51.30 14.21
C GLY H 62 5.39 50.04 14.53
N LEU H 63 6.71 50.05 14.31
CA LEU H 63 7.55 48.86 14.48
C LEU H 63 8.60 48.99 15.58
N LYS H 64 8.66 50.12 16.28
CA LYS H 64 9.77 50.41 17.19
C LYS H 64 10.06 49.28 18.16
N SER H 65 9.01 48.61 18.66
CA SER H 65 9.21 47.62 19.72
C SER H 65 10.02 46.42 19.25
N ARG H 66 9.89 46.04 17.99
CA ARG H 66 10.53 44.83 17.50
C ARG H 66 11.87 45.11 16.84
N LEU H 67 12.25 46.37 16.71
CA LEU H 67 13.48 46.74 16.04
C LEU H 67 14.57 46.92 17.09
N SER H 68 15.78 46.52 16.74
CA SER H 68 16.95 46.74 17.60
C SER H 68 18.11 47.04 16.67
N ILE H 69 18.43 48.32 16.55
CA ILE H 69 19.58 48.77 15.78
C ILE H 69 20.71 49.02 16.77
N THR H 70 21.82 48.31 16.60
CA THR H 70 22.95 48.44 17.51
C THR H 70 24.18 48.83 16.72
N LYS H 71 25.13 49.47 17.41
CA LYS H 71 26.31 50.03 16.78
C LYS H 71 27.53 49.41 17.43
N ASP H 72 28.52 49.04 16.62
CA ASP H 72 29.79 48.58 17.17
C ASP H 72 30.91 49.11 16.29
N ASN H 73 31.70 50.02 16.84
CA ASN H 73 32.88 50.56 16.18
C ASN H 73 34.02 49.54 16.29
N SER H 74 35.22 49.93 15.86
CA SER H 74 36.37 49.03 15.77
C SER H 74 36.04 47.82 14.92
N LYS H 75 34.95 47.14 15.27
CA LYS H 75 34.32 46.12 14.44
C LYS H 75 33.30 46.80 13.54
N ASN H 76 33.82 47.72 12.72
CA ASN H 76 33.02 48.76 12.08
C ASN H 76 31.76 48.18 11.48
N GLN H 77 30.75 47.94 12.31
CA GLN H 77 29.51 47.40 11.79
C GLN H 77 28.34 47.88 12.63
N VAL H 78 27.19 47.95 11.97
CA VAL H 78 25.90 48.22 12.59
C VAL H 78 25.05 46.99 12.36
N SER H 79 24.28 46.61 13.38
CA SER H 79 23.47 45.41 13.32
C SER H 79 21.99 45.78 13.41
N LEU H 80 21.17 44.99 12.73
CA LEU H 80 19.73 45.14 12.74
C LEU H 80 19.10 43.87 13.24
N SER H 81 17.99 44.02 13.97
CA SER H 81 17.26 42.86 14.47
C SER H 81 15.76 43.15 14.42
N VAL H 82 15.01 42.21 13.87
CA VAL H 82 13.54 42.26 13.88
C VAL H 82 13.05 41.04 14.66
N SER H 83 12.53 41.27 15.85
CA SER H 83 12.01 40.18 16.66
C SER H 83 10.65 39.74 16.15
N SER H 84 10.31 38.49 16.45
CA SER H 84 9.04 37.90 16.04
C SER H 84 8.75 38.18 14.56
N ALA H 85 9.60 37.60 13.72
CA ALA H 85 9.51 37.81 12.28
C ALA H 85 8.36 37.01 11.69
N THR H 86 7.65 37.62 10.74
CA THR H 86 6.55 36.99 10.03
C THR H 86 6.79 37.10 8.53
N ALA H 87 5.87 36.55 7.74
CA ALA H 87 6.00 36.61 6.29
C ALA H 87 5.92 38.05 5.79
N GLU H 88 5.22 38.93 6.50
CA GLU H 88 5.19 40.33 6.13
C GLU H 88 6.57 40.96 6.18
N ASP H 89 7.50 40.36 6.93
CA ASP H 89 8.88 40.84 7.00
C ASP H 89 9.75 40.33 5.86
N SER H 90 9.18 39.55 4.93
CA SER H 90 9.93 39.14 3.75
C SER H 90 10.16 40.35 2.87
N ALA H 91 11.42 40.69 2.62
CA ALA H 91 11.71 41.90 1.87
C ALA H 91 13.19 41.94 1.52
N THR H 92 13.55 42.92 0.71
CA THR H 92 14.94 43.25 0.44
C THR H 92 15.35 44.33 1.43
N TYR H 93 16.38 44.04 2.21
CA TYR H 93 16.86 44.93 3.26
C TYR H 93 18.10 45.65 2.75
N TYR H 94 18.08 46.97 2.79
CA TYR H 94 19.15 47.84 2.33
C TYR H 94 19.77 48.54 3.53
N CYS H 95 21.10 48.50 3.61
CA CYS H 95 21.86 49.32 4.54
C CYS H 95 22.15 50.66 3.88
N THR H 96 21.92 51.75 4.61
CA THR H 96 22.01 53.10 4.06
C THR H 96 22.82 54.00 4.97
N THR H 97 23.33 55.08 4.38
CA THR H 97 23.95 56.18 5.11
C THR H 97 23.07 57.42 4.99
N VAL H 98 22.80 58.08 6.10
CA VAL H 98 21.79 59.13 6.17
C VAL H 98 22.44 60.43 6.59
N HIS H 99 21.90 61.53 6.09
CA HIS H 99 22.28 62.88 6.49
C HIS H 99 21.11 63.41 7.33
N GLN H 100 21.27 63.43 8.65
CA GLN H 100 20.19 63.72 9.58
C GLN H 100 20.53 64.96 10.40
N LYS H 101 19.61 65.92 10.44
CA LYS H 101 19.84 67.12 11.24
C LYS H 101 18.53 67.75 11.68
N THR H 102 18.50 68.22 12.92
CA THR H 102 17.45 69.11 13.43
C THR H 102 18.14 70.28 14.11
N LEU H 103 17.77 71.51 13.73
CA LEU H 103 18.49 72.70 14.18
C LEU H 103 17.58 73.62 15.00
N GLU H 104 18.24 74.56 15.69
CA GLU H 104 17.59 75.48 16.63
C GLU H 104 17.54 76.88 16.04
N VAL H 105 16.34 77.42 15.89
CA VAL H 105 16.14 78.75 15.28
C VAL H 105 14.92 79.40 15.90
N ARG H 106 15.08 80.65 16.35
CA ARG H 106 14.00 81.41 16.98
C ARG H 106 13.82 82.77 16.29
N SER H 107 12.58 83.26 16.30
CA SER H 107 12.27 84.55 15.72
C SER H 107 11.22 85.26 16.57
N CYS H 108 11.01 86.54 16.30
CA CYS H 108 10.05 87.36 17.01
C CYS H 108 8.83 87.66 16.14
N PRO H 109 7.66 87.87 16.73
CA PRO H 109 6.48 88.23 15.93
C PRO H 109 6.54 89.68 15.46
N ASP H 110 5.59 90.05 14.62
CA ASP H 110 5.53 91.43 14.12
C ASP H 110 5.50 92.42 15.28
N GLY H 111 6.36 93.42 15.20
CA GLY H 111 6.48 94.44 16.21
C GLY H 111 7.53 94.22 17.27
N SER H 112 8.49 93.33 17.03
CA SER H 112 9.58 93.11 17.97
C SER H 112 10.77 92.53 17.19
N ARG H 113 11.95 92.64 17.79
CA ARG H 113 13.15 92.13 17.16
C ARG H 113 14.03 91.45 18.21
N LEU H 114 14.98 90.65 17.70
CA LEU H 114 15.90 89.86 18.54
C LEU H 114 16.97 90.79 19.08
N ILE H 115 16.63 91.50 20.15
CA ILE H 115 17.57 92.34 20.86
C ILE H 115 18.38 91.46 21.80
N GLY H 116 19.70 91.42 21.59
CA GLY H 116 20.54 90.46 22.27
C GLY H 116 20.05 89.08 21.91
N ASN H 117 19.37 88.43 22.86
CA ASN H 117 18.68 87.19 22.55
C ASN H 117 17.19 87.24 22.88
N ASP H 118 16.73 88.26 23.60
CA ASP H 118 15.32 88.39 23.95
C ASP H 118 14.61 89.19 22.87
N CYS H 119 13.31 88.90 22.70
CA CYS H 119 12.51 89.64 21.74
C CYS H 119 11.99 90.90 22.43
N ARG H 120 12.54 92.04 22.04
CA ARG H 120 12.10 93.32 22.57
C ARG H 120 11.22 94.03 21.55
N ASN H 121 10.22 94.73 22.06
CA ASN H 121 9.49 95.71 21.27
C ASN H 121 10.09 97.09 21.57
N GLU H 122 9.59 98.11 20.88
CA GLU H 122 10.23 99.42 20.93
C GLU H 122 10.01 100.16 22.24
N ASP H 123 8.97 99.82 23.01
CA ASP H 123 8.77 100.43 24.32
C ASP H 123 9.72 99.86 25.37
N GLY H 124 10.55 98.88 25.01
CA GLY H 124 11.48 98.29 25.94
C GLY H 124 10.97 97.09 26.69
N ASP H 125 9.85 96.51 26.27
CA ASP H 125 9.24 95.38 26.95
C ASP H 125 9.71 94.08 26.32
N ASP H 126 10.10 93.12 27.16
CA ASP H 126 10.57 91.82 26.70
C ASP H 126 9.38 90.96 26.28
N VAL H 127 9.37 90.52 25.04
CA VAL H 127 8.28 89.73 24.49
C VAL H 127 8.81 88.32 24.17
N ASN H 128 7.88 87.37 24.09
CA ASN H 128 8.26 85.99 23.80
C ASN H 128 8.63 85.79 22.33
N TYR H 129 9.58 84.89 22.10
CA TYR H 129 10.00 84.54 20.74
C TYR H 129 9.19 83.36 20.19
N ILE H 130 9.33 83.16 18.88
CA ILE H 130 8.78 82.00 18.16
C ILE H 130 9.94 81.05 17.93
N THR H 131 9.89 79.87 18.55
CA THR H 131 10.91 78.85 18.41
C THR H 131 10.40 77.72 17.54
N THR H 132 11.19 77.32 16.55
CA THR H 132 10.89 76.17 15.71
C THR H 132 12.18 75.46 15.37
N PHE H 133 12.08 74.15 15.18
CA PHE H 133 13.22 73.30 14.83
C PHE H 133 13.05 72.82 13.39
N ASP H 134 14.11 72.96 12.59
CA ASP H 134 14.05 72.71 11.16
C ASP H 134 14.48 71.27 10.86
N TYR H 135 13.60 70.51 10.21
CA TYR H 135 13.84 69.09 9.94
C TYR H 135 14.49 68.87 8.58
N GLU H 136 15.72 68.38 8.58
CA GLU H 136 16.45 68.05 7.35
C GLU H 136 16.81 66.56 7.37
N TRP H 137 16.50 65.87 6.26
CA TRP H 137 16.77 64.45 6.16
C TRP H 137 16.89 64.02 4.70
N TYR H 138 17.86 63.15 4.42
CA TYR H 138 17.94 62.45 3.15
C TYR H 138 19.05 61.41 3.22
N VAL H 139 18.90 60.37 2.38
CA VAL H 139 19.91 59.31 2.26
C VAL H 139 20.90 59.70 1.16
N ASP H 140 22.19 59.67 1.48
CA ASP H 140 23.22 60.04 0.51
C ASP H 140 23.99 58.86 -0.07
N ALA H 141 23.90 57.67 0.53
CA ALA H 141 24.58 56.51 -0.02
C ALA H 141 23.80 55.25 0.35
N TRP H 142 23.63 54.36 -0.61
CA TRP H 142 22.86 53.13 -0.43
C TRP H 142 23.75 51.91 -0.61
N GLY H 143 23.43 50.85 0.13
CA GLY H 143 24.07 49.57 -0.07
C GLY H 143 23.44 48.77 -1.21
N GLN H 144 23.94 47.55 -1.39
CA GLN H 144 23.45 46.71 -2.47
C GLN H 144 22.06 46.17 -2.16
N GLY H 145 21.80 45.81 -0.92
CA GLY H 145 20.56 45.17 -0.55
C GLY H 145 20.70 43.66 -0.47
N LEU H 146 19.89 43.05 0.38
CA LEU H 146 19.93 41.61 0.62
C LEU H 146 18.52 41.09 0.82
N LEU H 147 18.12 40.12 0.01
CA LEU H 147 16.80 39.55 0.10
C LEU H 147 16.74 38.60 1.28
N VAL H 148 15.79 38.83 2.17
CA VAL H 148 15.52 37.92 3.28
C VAL H 148 14.06 37.49 3.18
N THR H 149 13.84 36.19 3.19
CA THR H 149 12.51 35.60 3.09
C THR H 149 12.21 34.90 4.40
N VAL H 150 11.13 35.28 5.05
CA VAL H 150 10.69 34.64 6.28
C VAL H 150 9.71 33.54 5.89
N SER H 151 10.07 32.29 6.20
CA SER H 151 9.23 31.16 5.85
C SER H 151 9.79 29.92 6.53
N SER H 152 8.89 28.97 6.81
CA SER H 152 9.30 27.70 7.38
C SER H 152 9.85 26.74 6.34
N ALA H 153 10.04 27.20 5.11
CA ALA H 153 10.53 26.36 4.03
C ALA H 153 12.04 26.23 4.09
N SER H 154 12.54 25.11 3.59
CA SER H 154 13.97 24.89 3.39
C SER H 154 14.13 24.24 2.03
N THR H 155 15.35 23.83 1.69
CA THR H 155 15.63 23.32 0.35
C THR H 155 14.58 22.29 -0.07
N THR H 156 13.91 22.56 -1.18
CA THR H 156 12.82 21.73 -1.66
C THR H 156 12.91 21.61 -3.17
N ALA H 157 12.86 20.39 -3.67
CA ALA H 157 12.90 20.14 -5.10
C ALA H 157 11.53 20.42 -5.72
N PRO H 158 11.49 20.90 -6.95
CA PRO H 158 10.20 21.25 -7.56
C PRO H 158 9.38 20.04 -7.93
N LYS H 159 8.06 20.23 -7.97
CA LYS H 159 7.18 19.35 -8.71
C LYS H 159 6.94 19.96 -10.09
N VAL H 160 6.94 19.12 -11.12
CA VAL H 160 6.79 19.60 -12.50
C VAL H 160 5.47 19.05 -13.02
N TYR H 161 4.59 19.95 -13.45
CA TYR H 161 3.30 19.56 -13.98
C TYR H 161 3.17 20.00 -15.45
N PRO H 162 2.44 19.26 -16.27
CA PRO H 162 2.23 19.68 -17.65
C PRO H 162 1.19 20.80 -17.74
N LEU H 163 1.42 21.68 -18.72
CA LEU H 163 0.52 22.77 -19.05
C LEU H 163 0.02 22.57 -20.47
N SER H 164 -1.30 22.52 -20.64
CA SER H 164 -1.89 22.42 -21.96
C SER H 164 -3.23 23.15 -21.93
N SER H 165 -3.60 23.71 -23.08
CA SER H 165 -4.79 24.53 -23.16
C SER H 165 -6.04 23.68 -22.96
N CYS H 166 -7.12 24.31 -22.49
CA CYS H 166 -8.39 23.63 -22.40
C CYS H 166 -8.90 23.27 -23.80
N CYS H 167 -9.95 22.47 -23.83
CA CYS H 167 -10.61 22.17 -25.08
C CYS H 167 -11.39 23.40 -25.56
N GLY H 168 -11.42 23.60 -26.88
CA GLY H 168 -12.09 24.75 -27.45
C GLY H 168 -11.66 25.04 -28.86
N ASP H 169 -11.44 26.32 -29.17
CA ASP H 169 -11.03 26.72 -30.51
C ASP H 169 -10.25 28.04 -30.44
N SER H 173 -4.15 28.24 -35.15
CA SER H 173 -3.60 26.92 -35.45
C SER H 173 -2.29 26.67 -34.70
N THR H 174 -1.78 27.72 -34.04
CA THR H 174 -0.58 27.62 -33.22
C THR H 174 -0.91 26.93 -31.91
N VAL H 175 -0.05 26.00 -31.48
CA VAL H 175 -0.30 25.23 -30.26
C VAL H 175 0.61 25.74 -29.16
N THR H 176 0.04 26.03 -28.00
CA THR H 176 0.78 26.46 -26.83
C THR H 176 0.74 25.38 -25.76
N LEU H 177 1.90 25.06 -25.20
CA LEU H 177 1.98 24.08 -24.12
C LEU H 177 3.06 24.57 -23.16
N GLY H 178 3.26 23.85 -22.07
CA GLY H 178 4.31 24.27 -21.15
C GLY H 178 4.47 23.36 -19.97
N CYS H 179 5.31 23.81 -19.04
CA CYS H 179 5.62 23.14 -17.79
C CYS H 179 5.53 24.13 -16.64
N LEU H 180 4.89 23.68 -15.56
CA LEU H 180 4.82 24.41 -14.32
C LEU H 180 5.81 23.80 -13.32
N VAL H 181 6.84 24.57 -12.99
CA VAL H 181 7.84 24.19 -11.99
C VAL H 181 7.37 24.79 -10.66
N SER H 182 6.74 23.94 -9.86
CA SER H 182 5.94 24.36 -8.72
C SER H 182 6.64 24.06 -7.40
N SER H 183 6.64 25.06 -6.51
CA SER H 183 6.91 24.88 -5.08
C SER H 183 8.31 24.33 -4.84
N TYR H 184 9.30 25.18 -5.12
CA TYR H 184 10.70 24.81 -4.93
C TYR H 184 11.41 25.90 -4.14
N MET H 185 12.62 25.58 -3.70
CA MET H 185 13.44 26.54 -2.97
C MET H 185 14.82 25.96 -2.67
N PRO H 186 15.87 26.77 -2.78
CA PRO H 186 15.90 28.19 -3.20
C PRO H 186 16.05 28.33 -4.70
N GLU H 187 16.13 29.57 -5.18
CA GLU H 187 16.51 29.82 -6.56
C GLU H 187 17.95 29.34 -6.75
N PRO H 188 18.37 29.06 -7.99
CA PRO H 188 17.60 29.15 -9.24
C PRO H 188 17.12 27.80 -9.77
N VAL H 189 16.40 27.87 -10.89
CA VAL H 189 15.95 26.70 -11.63
C VAL H 189 16.19 26.98 -13.11
N THR H 190 16.63 25.98 -13.84
CA THR H 190 16.82 26.13 -15.28
C THR H 190 15.91 25.16 -16.03
N VAL H 191 15.44 25.59 -17.18
CA VAL H 191 14.49 24.81 -17.97
C VAL H 191 14.95 24.80 -19.42
N THR H 192 14.89 23.61 -20.03
CA THR H 192 15.09 23.46 -21.47
C THR H 192 13.94 22.61 -22.00
N TRP H 193 13.90 22.48 -23.32
CA TRP H 193 12.92 21.65 -23.99
C TRP H 193 13.63 20.70 -24.94
N ASN H 194 13.24 19.43 -24.89
CA ASN H 194 13.90 18.38 -25.67
C ASN H 194 15.41 18.45 -25.49
N SER H 195 15.82 18.66 -24.24
CA SER H 195 17.24 18.74 -23.85
C SER H 195 17.99 19.80 -24.63
N GLY H 196 17.29 20.85 -25.06
CA GLY H 196 17.88 21.95 -25.80
C GLY H 196 17.61 21.95 -27.29
N ALA H 197 17.04 20.88 -27.83
CA ALA H 197 16.76 20.84 -29.26
C ALA H 197 15.64 21.78 -29.67
N LEU H 198 14.81 22.21 -28.74
CA LEU H 198 13.67 23.08 -29.03
C LEU H 198 13.91 24.41 -28.31
N LYS H 199 14.31 25.43 -29.09
CA LYS H 199 14.50 26.78 -28.56
C LYS H 199 13.62 27.82 -29.23
N SER H 200 13.26 27.63 -30.50
CA SER H 200 12.34 28.54 -31.15
C SER H 200 10.96 28.47 -30.49
N GLY H 201 10.43 29.62 -30.14
CA GLY H 201 9.11 29.69 -29.53
C GLY H 201 9.07 29.34 -28.07
N VAL H 202 10.21 29.21 -27.42
CA VAL H 202 10.27 28.91 -25.99
C VAL H 202 10.30 30.21 -25.21
N HIS H 203 9.49 30.29 -24.15
CA HIS H 203 9.46 31.45 -23.27
C HIS H 203 9.43 30.95 -21.83
N THR H 204 10.55 31.08 -21.13
CA THR H 204 10.65 30.72 -19.73
C THR H 204 10.54 31.98 -18.88
N PHE H 205 9.61 31.96 -17.91
CA PHE H 205 9.27 33.18 -17.18
C PHE H 205 9.93 33.24 -15.82
N PRO H 206 10.29 34.43 -15.34
CA PRO H 206 10.84 34.56 -13.99
C PRO H 206 9.88 34.02 -12.94
N ALA H 207 10.45 33.57 -11.82
CA ALA H 207 9.68 32.88 -10.81
C ALA H 207 8.87 33.84 -9.94
N VAL H 208 7.75 33.33 -9.44
CA VAL H 208 6.97 34.02 -8.44
C VAL H 208 7.26 33.39 -7.09
N LEU H 209 7.03 34.16 -6.02
CA LEU H 209 7.24 33.69 -4.66
C LEU H 209 5.91 33.71 -3.93
N GLN H 210 5.38 32.52 -3.63
CA GLN H 210 4.17 32.42 -2.85
C GLN H 210 4.48 32.70 -1.37
N SER H 211 3.42 32.89 -0.58
CA SER H 211 3.59 33.18 0.84
C SER H 211 4.25 32.03 1.59
N SER H 212 4.18 30.80 1.08
CA SER H 212 4.78 29.65 1.73
C SER H 212 6.31 29.70 1.75
N GLY H 213 6.92 30.64 1.03
CA GLY H 213 8.36 30.68 0.90
C GLY H 213 8.91 29.87 -0.26
N LEU H 214 8.05 29.19 -1.00
CA LEU H 214 8.46 28.38 -2.15
C LEU H 214 8.24 29.17 -3.43
N TYR H 215 9.15 29.00 -4.37
CA TYR H 215 9.07 29.64 -5.68
C TYR H 215 8.29 28.75 -6.65
N SER H 216 7.81 29.37 -7.72
CA SER H 216 7.23 28.67 -8.85
C SER H 216 7.52 29.48 -10.11
N LEU H 217 7.75 28.78 -11.22
CA LEU H 217 7.92 29.44 -12.50
C LEU H 217 7.30 28.55 -13.56
N SER H 218 7.17 29.07 -14.77
CA SER H 218 6.57 28.32 -15.86
C SER H 218 7.39 28.56 -17.13
N SER H 219 7.40 27.57 -18.01
CA SER H 219 7.99 27.71 -19.34
C SER H 219 6.96 27.25 -20.37
N MET H 220 6.75 28.03 -21.42
CA MET H 220 5.77 27.68 -22.44
C MET H 220 6.42 27.65 -23.81
N VAL H 221 5.86 26.81 -24.68
CA VAL H 221 6.33 26.63 -26.05
C VAL H 221 5.15 26.90 -26.97
N THR H 222 5.33 27.82 -27.91
CA THR H 222 4.40 28.03 -29.01
C THR H 222 4.98 27.32 -30.23
N VAL H 223 4.32 26.25 -30.66
CA VAL H 223 4.75 25.46 -31.81
C VAL H 223 3.86 25.77 -33.01
N PRO H 224 4.45 25.85 -34.24
CA PRO H 224 3.69 26.22 -35.44
C PRO H 224 2.28 25.65 -35.55
N GLY H 225 2.08 24.40 -35.14
CA GLY H 225 0.75 23.83 -35.19
C GLY H 225 0.71 22.45 -35.80
N SER H 226 1.45 22.23 -36.90
CA SER H 226 1.50 20.92 -37.54
C SER H 226 2.44 20.00 -36.78
N THR H 227 2.29 19.95 -35.46
CA THR H 227 3.16 19.19 -34.58
C THR H 227 2.38 18.11 -33.84
N SER H 228 1.30 17.62 -34.45
CA SER H 228 0.51 16.56 -33.84
C SER H 228 1.28 15.25 -33.90
N GLY H 229 1.32 14.54 -32.77
CA GLY H 229 2.12 13.33 -32.67
C GLY H 229 3.53 13.56 -32.19
N GLN H 230 4.05 14.78 -32.33
CA GLN H 230 5.40 15.11 -31.92
C GLN H 230 5.48 15.15 -30.40
N THR H 231 6.68 14.91 -29.89
CA THR H 231 6.90 14.89 -28.45
C THR H 231 7.54 16.19 -27.98
N PHE H 232 7.24 16.54 -26.73
CA PHE H 232 7.77 17.75 -26.10
C PHE H 232 8.08 17.39 -24.65
N THR H 233 9.35 17.50 -24.28
CA THR H 233 9.80 17.19 -22.92
C THR H 233 10.49 18.40 -22.33
N CYS H 234 10.00 18.87 -21.20
CA CYS H 234 10.69 19.93 -20.48
C CYS H 234 11.65 19.33 -19.47
N ASN H 235 12.86 19.89 -19.44
CA ASN H 235 13.93 19.43 -18.56
C ASN H 235 14.19 20.52 -17.54
N VAL H 236 13.92 20.21 -16.27
CA VAL H 236 14.05 21.15 -15.17
C VAL H 236 15.22 20.74 -14.30
N ALA H 237 16.12 21.68 -14.04
CA ALA H 237 17.30 21.44 -13.21
C ALA H 237 17.25 22.36 -11.99
N HIS H 238 17.37 21.75 -10.81
CA HIS H 238 17.39 22.43 -9.53
C HIS H 238 18.65 22.00 -8.80
N PRO H 239 19.77 22.70 -9.03
CA PRO H 239 21.03 22.29 -8.40
C PRO H 239 21.00 22.31 -6.88
N ALA H 240 20.32 23.27 -6.27
CA ALA H 240 20.34 23.38 -4.82
C ALA H 240 19.88 22.11 -4.14
N SER H 241 18.97 21.36 -4.76
CA SER H 241 18.53 20.07 -4.27
C SER H 241 19.15 18.91 -5.04
N SER H 242 20.06 19.20 -5.98
CA SER H 242 20.71 18.18 -6.79
C SER H 242 19.68 17.34 -7.54
N THR H 243 18.69 18.00 -8.14
CA THR H 243 17.58 17.31 -8.80
C THR H 243 17.48 17.72 -10.26
N LYS H 244 17.14 16.75 -11.11
CA LYS H 244 16.75 17.01 -12.50
C LYS H 244 15.49 16.20 -12.79
N VAL H 245 14.54 16.85 -13.45
CA VAL H 245 13.26 16.25 -13.80
C VAL H 245 13.06 16.39 -15.30
N ASP H 246 12.62 15.32 -15.94
CA ASP H 246 12.16 15.38 -17.32
C ASP H 246 10.68 15.07 -17.33
N LYS H 247 9.89 15.92 -17.98
CA LYS H 247 8.44 15.78 -17.99
C LYS H 247 7.97 15.87 -19.44
N ALA H 248 7.33 14.80 -19.91
CA ALA H 248 6.78 14.79 -21.25
C ALA H 248 5.42 15.47 -21.22
N VAL H 249 5.16 16.33 -22.20
CA VAL H 249 3.92 17.08 -22.30
C VAL H 249 3.30 16.76 -23.64
N GLU H 250 2.09 16.23 -23.62
CA GLU H 250 1.40 15.90 -24.85
C GLU H 250 0.33 16.95 -25.08
N PRO H 251 0.40 17.75 -26.15
CA PRO H 251 -0.67 18.73 -26.38
C PRO H 251 -1.96 18.03 -26.78
N LYS H 252 -3.07 18.42 -26.15
CA LYS H 252 -4.37 17.86 -26.50
C LYS H 252 -4.86 18.51 -27.79
N SER H 253 -5.44 17.69 -28.67
CA SER H 253 -6.03 18.18 -29.91
C SER H 253 -7.54 18.19 -29.73
N CYS H 254 -8.05 19.22 -29.06
CA CYS H 254 -9.49 19.34 -28.85
C CYS H 254 -10.12 20.16 -29.96
#